data_9D71
#
_entry.id   9D71
#
_cell.length_a   67.356
_cell.length_b   67.806
_cell.length_c   84.762
_cell.angle_alpha   70.62
_cell.angle_beta   87.04
_cell.angle_gamma   84.65
#
_symmetry.space_group_name_H-M   'P 1'
#
loop_
_entity.id
_entity.type
_entity.pdbx_description
1 polymer 'Prostaglandin reductase 1'
2 non-polymer METHOTREXATE
3 water water
#
_entity_poly.entity_id   1
_entity_poly.type   'polypeptide(L)'
_entity_poly.pdbx_seq_one_letter_code
;GPGSMTKTWTLKKHFVGYPTNSDFELKTSELPPLKNGEVLLEALFLTVDPYMRVAAKRLKEGDTMMGQQVAKVVESKNVA
LPKGTIVLASPGWTTHSISDGKDLEKLLTEWPDTIPLSLALGTVGMPGLTAYFGLLEICGVKGGETVMVNAAAGAVGSVV
GQIAKLKGCKVVGAVGSDEKVAYLQKLGFDVVFNYKTVESLEETLKKASPDGYDCYFDNVGGEFSNTVIGQMKKFGRIAI
CGAISTYNRTGPLPPGPPPEIVIYQELRMEAFVVYRWQGDARQKALKDLLKWVLEGKIQYKEYIIEGFENMPAAFMGMLK
GDNLGKTIVKA
;
_entity_poly.pdbx_strand_id   A,B,C,D
#
loop_
_chem_comp.id
_chem_comp.type
_chem_comp.name
_chem_comp.formula
MTX non-polymer METHOTREXATE 'C20 H22 N8 O5'
#
# COMPACT_ATOMS: atom_id res chain seq x y z
N SER A 4 42.43 -14.79 -28.93
CA SER A 4 41.60 -13.58 -28.92
C SER A 4 41.24 -13.19 -27.48
N MET A 5 40.94 -11.90 -27.30
CA MET A 5 40.56 -11.35 -26.00
C MET A 5 39.15 -10.77 -26.08
N THR A 6 38.52 -10.64 -24.92
CA THR A 6 37.17 -10.10 -24.84
C THR A 6 37.01 -9.29 -23.56
N LYS A 7 36.00 -8.42 -23.57
CA LYS A 7 35.59 -7.63 -22.42
C LYS A 7 34.14 -7.96 -22.12
N THR A 8 33.81 -8.08 -20.84
CA THR A 8 32.51 -8.54 -20.40
C THR A 8 32.03 -7.68 -19.24
N TRP A 9 30.78 -7.25 -19.29
CA TRP A 9 30.14 -6.58 -18.17
C TRP A 9 29.40 -7.61 -17.31
N THR A 10 29.69 -7.61 -16.01
CA THR A 10 29.10 -8.56 -15.08
C THR A 10 28.31 -7.80 -14.02
N LEU A 11 27.43 -8.54 -13.34
CA LEU A 11 26.62 -7.99 -12.25
C LEU A 11 27.42 -8.15 -10.97
N LYS A 12 28.04 -7.06 -10.50
CA LYS A 12 28.79 -7.14 -9.25
C LYS A 12 27.84 -7.22 -8.05
N LYS A 13 26.79 -6.42 -8.03
CA LYS A 13 25.83 -6.40 -6.93
C LYS A 13 24.42 -6.33 -7.49
N HIS A 14 23.50 -7.09 -6.88
CA HIS A 14 22.11 -7.03 -7.29
C HIS A 14 21.55 -5.63 -7.10
N PHE A 15 20.76 -5.19 -8.07
CA PHE A 15 20.26 -3.83 -8.08
C PHE A 15 19.30 -3.58 -6.92
N VAL A 16 19.33 -2.36 -6.39
CA VAL A 16 18.35 -1.88 -5.43
C VAL A 16 17.71 -0.64 -6.04
N GLY A 17 16.41 -0.71 -6.30
CA GLY A 17 15.79 0.32 -7.10
C GLY A 17 16.42 0.36 -8.48
N TYR A 18 16.72 1.56 -8.95
CA TYR A 18 17.46 1.67 -10.20
C TYR A 18 18.90 1.19 -9.98
N PRO A 19 19.56 0.70 -11.03
CA PRO A 19 20.98 0.37 -10.91
C PRO A 19 21.82 1.62 -10.74
N THR A 20 23.03 1.43 -10.23
CA THR A 20 24.05 2.47 -10.17
C THR A 20 25.34 1.91 -10.74
N ASN A 21 26.31 2.80 -10.99
CA ASN A 21 27.54 2.40 -11.66
C ASN A 21 28.28 1.31 -10.90
N SER A 22 28.21 1.34 -9.57
CA SER A 22 28.96 0.39 -8.75
C SER A 22 28.37 -1.01 -8.77
N ASP A 23 27.15 -1.17 -9.29
CA ASP A 23 26.55 -2.50 -9.39
C ASP A 23 27.12 -3.32 -10.54
N PHE A 24 27.97 -2.73 -11.38
CA PHE A 24 28.55 -3.42 -12.54
C PHE A 24 30.06 -3.52 -12.37
N GLU A 25 30.63 -4.56 -12.97
CA GLU A 25 32.09 -4.76 -12.98
C GLU A 25 32.52 -5.25 -14.35
N LEU A 26 33.43 -4.53 -14.97
CA LEU A 26 34.00 -4.91 -16.27
C LEU A 26 35.19 -5.83 -16.08
N LYS A 27 35.20 -6.95 -16.80
CA LYS A 27 36.28 -7.92 -16.74
C LYS A 27 36.83 -8.17 -18.13
N THR A 28 38.10 -8.57 -18.18
CA THR A 28 38.74 -8.99 -19.41
C THR A 28 39.10 -10.47 -19.29
N SER A 29 39.05 -11.17 -20.42
CA SER A 29 39.30 -12.61 -20.45
C SER A 29 39.88 -12.98 -21.80
N GLU A 30 40.47 -14.18 -21.86
CA GLU A 30 41.03 -14.73 -23.09
C GLU A 30 40.14 -15.88 -23.53
N LEU A 31 39.62 -15.79 -24.76
CA LEU A 31 38.70 -16.80 -25.25
C LEU A 31 39.45 -18.02 -25.75
N PRO A 32 38.84 -19.20 -25.67
CA PRO A 32 39.51 -20.42 -26.14
C PRO A 32 39.65 -20.42 -27.66
N PRO A 33 40.53 -21.26 -28.20
CA PRO A 33 40.65 -21.34 -29.67
C PRO A 33 39.38 -21.89 -30.29
N LEU A 34 39.13 -21.47 -31.53
CA LEU A 34 37.98 -21.95 -32.28
C LEU A 34 38.13 -23.45 -32.55
N LYS A 35 37.13 -24.22 -32.15
CA LYS A 35 37.05 -25.62 -32.55
C LYS A 35 36.37 -25.71 -33.92
N ASN A 36 36.30 -26.93 -34.45
CA ASN A 36 35.68 -27.12 -35.75
C ASN A 36 34.20 -26.80 -35.67
N GLY A 37 33.71 -26.05 -36.65
CA GLY A 37 32.31 -25.66 -36.69
C GLY A 37 31.95 -24.44 -35.88
N GLU A 38 32.92 -23.77 -35.27
CA GLU A 38 32.66 -22.61 -34.44
C GLU A 38 33.06 -21.33 -35.17
N VAL A 39 32.59 -20.21 -34.64
CA VAL A 39 32.88 -18.88 -35.19
C VAL A 39 33.25 -17.97 -34.03
N LEU A 40 34.05 -16.95 -34.34
CA LEU A 40 34.36 -15.89 -33.40
C LEU A 40 33.59 -14.65 -33.82
N LEU A 41 32.76 -14.15 -32.91
CA LEU A 41 31.85 -13.05 -33.17
C LEU A 41 32.37 -11.77 -32.52
N GLU A 42 32.39 -10.69 -33.28
CA GLU A 42 32.77 -9.38 -32.79
C GLU A 42 31.53 -8.49 -32.75
N ALA A 43 31.15 -8.05 -31.56
CA ALA A 43 30.00 -7.19 -31.41
C ALA A 43 30.20 -5.89 -32.18
N LEU A 44 29.21 -5.54 -33.00
CA LEU A 44 29.13 -4.23 -33.64
C LEU A 44 28.16 -3.31 -32.90
N PHE A 45 26.99 -3.82 -32.53
CA PHE A 45 25.99 -3.07 -31.78
C PHE A 45 25.42 -3.98 -30.70
N LEU A 46 25.36 -3.49 -29.46
CA LEU A 46 24.73 -4.19 -28.36
C LEU A 46 23.52 -3.39 -27.91
N THR A 47 22.46 -4.08 -27.49
CA THR A 47 21.26 -3.41 -27.02
C THR A 47 21.17 -3.49 -25.51
N VAL A 48 20.45 -2.53 -24.93
CA VAL A 48 20.03 -2.56 -23.54
C VAL A 48 18.52 -2.34 -23.53
N ASP A 49 17.81 -3.13 -22.72
CA ASP A 49 16.35 -3.15 -22.75
C ASP A 49 15.79 -3.32 -21.35
N PRO A 50 14.55 -2.87 -21.13
CA PRO A 50 13.99 -2.91 -19.77
C PRO A 50 13.93 -4.30 -19.16
N TYR A 51 13.71 -5.34 -19.96
CA TYR A 51 13.59 -6.68 -19.40
C TYR A 51 14.85 -7.11 -18.65
N MET A 52 16.00 -6.52 -18.99
CA MET A 52 17.24 -6.91 -18.32
C MET A 52 17.20 -6.59 -16.83
N ARG A 53 16.43 -5.56 -16.44
CA ARG A 53 16.30 -5.24 -15.03
C ARG A 53 15.65 -6.38 -14.25
N VAL A 54 14.61 -7.00 -14.83
CA VAL A 54 13.96 -8.13 -14.17
C VAL A 54 14.84 -9.37 -14.21
N ALA A 55 15.41 -9.68 -15.37
CA ALA A 55 16.20 -10.90 -15.51
C ALA A 55 17.45 -10.86 -14.63
N ALA A 56 17.98 -9.67 -14.35
CA ALA A 56 19.19 -9.57 -13.55
C ALA A 56 18.96 -10.09 -12.13
N LYS A 57 17.72 -10.05 -11.65
CA LYS A 57 17.44 -10.57 -10.31
C LYS A 57 17.76 -12.06 -10.21
N ARG A 58 17.62 -12.80 -11.31
CA ARG A 58 17.87 -14.22 -11.30
C ARG A 58 19.36 -14.57 -11.45
N LEU A 59 20.21 -13.60 -11.77
CA LEU A 59 21.62 -13.88 -11.95
C LEU A 59 22.31 -14.12 -10.61
N LYS A 60 23.44 -14.80 -10.67
CA LYS A 60 24.39 -14.84 -9.56
C LYS A 60 25.38 -13.70 -9.74
N GLU A 61 25.83 -13.13 -8.63
CA GLU A 61 26.83 -12.07 -8.71
C GLU A 61 28.11 -12.62 -9.32
N GLY A 62 28.66 -11.87 -10.27
CA GLY A 62 29.76 -12.32 -11.10
C GLY A 62 29.34 -12.76 -12.49
N ASP A 63 28.05 -13.05 -12.69
CA ASP A 63 27.57 -13.52 -13.98
C ASP A 63 27.54 -12.39 -15.00
N THR A 64 27.65 -12.77 -16.27
CA THR A 64 27.54 -11.82 -17.36
C THR A 64 26.11 -11.29 -17.45
N MET A 65 25.99 -9.98 -17.71
CA MET A 65 24.67 -9.41 -17.99
C MET A 65 24.16 -9.96 -19.32
N MET A 66 22.87 -10.28 -19.37
CA MET A 66 22.28 -10.86 -20.56
C MET A 66 21.95 -9.79 -21.59
N GLY A 67 21.86 -10.20 -22.85
CA GLY A 67 21.45 -9.28 -23.90
C GLY A 67 21.85 -9.77 -25.27
N GLN A 68 21.25 -9.12 -26.27
CA GLN A 68 21.44 -9.44 -27.67
C GLN A 68 22.33 -8.39 -28.33
N GLN A 69 22.91 -8.77 -29.46
CA GLN A 69 23.79 -7.89 -30.21
C GLN A 69 23.75 -8.26 -31.69
N VAL A 70 24.10 -7.28 -32.52
CA VAL A 70 24.45 -7.53 -33.91
C VAL A 70 25.97 -7.68 -33.96
N ALA A 71 26.45 -8.83 -34.45
CA ALA A 71 27.87 -9.15 -34.44
C ALA A 71 28.30 -9.58 -35.84
N LYS A 72 29.61 -9.53 -36.06
CA LYS A 72 30.24 -9.91 -37.31
C LYS A 72 31.17 -11.08 -37.07
N VAL A 73 31.14 -12.07 -37.96
CA VAL A 73 32.10 -13.16 -37.87
C VAL A 73 33.46 -12.64 -38.31
N VAL A 74 34.43 -12.70 -37.40
CA VAL A 74 35.79 -12.26 -37.71
C VAL A 74 36.75 -13.43 -37.89
N GLU A 75 36.38 -14.64 -37.48
CA GLU A 75 37.16 -15.84 -37.72
C GLU A 75 36.17 -17.00 -37.78
N SER A 76 36.37 -17.91 -38.72
CA SER A 76 35.36 -18.91 -39.01
C SER A 76 35.97 -20.27 -39.32
N LYS A 77 35.53 -21.29 -38.59
CA LYS A 77 35.71 -22.69 -38.95
C LYS A 77 34.39 -23.34 -39.33
N ASN A 78 33.39 -22.53 -39.70
CA ASN A 78 32.06 -23.01 -40.05
C ASN A 78 31.74 -22.47 -41.43
N VAL A 79 31.63 -23.36 -42.41
CA VAL A 79 31.39 -22.93 -43.79
C VAL A 79 30.06 -22.21 -43.92
N ALA A 80 29.08 -22.56 -43.07
CA ALA A 80 27.78 -21.90 -43.12
C ALA A 80 27.86 -20.44 -42.70
N LEU A 81 28.89 -20.04 -41.95
CA LEU A 81 29.01 -18.69 -41.39
C LEU A 81 30.39 -18.14 -41.73
N PRO A 82 30.62 -17.75 -42.97
CA PRO A 82 31.96 -17.28 -43.37
C PRO A 82 32.30 -15.94 -42.74
N LYS A 83 33.59 -15.60 -42.87
CA LYS A 83 34.08 -14.32 -42.39
C LYS A 83 33.33 -13.17 -43.05
N GLY A 84 32.84 -12.24 -42.23
CA GLY A 84 32.06 -11.11 -42.69
C GLY A 84 30.57 -11.24 -42.50
N THR A 85 30.07 -12.44 -42.18
CA THR A 85 28.64 -12.63 -42.00
C THR A 85 28.15 -11.87 -40.78
N ILE A 86 27.01 -11.19 -40.93
CA ILE A 86 26.37 -10.45 -39.84
C ILE A 86 25.30 -11.34 -39.24
N VAL A 87 25.31 -11.47 -37.91
CA VAL A 87 24.37 -12.32 -37.21
C VAL A 87 23.82 -11.58 -35.99
N LEU A 88 22.66 -12.02 -35.53
CA LEU A 88 22.15 -11.71 -34.21
C LEU A 88 22.57 -12.82 -33.26
N ALA A 89 23.15 -12.43 -32.13
CA ALA A 89 23.60 -13.38 -31.12
C ALA A 89 23.31 -12.79 -29.75
N SER A 90 23.20 -13.65 -28.75
CA SER A 90 22.87 -13.23 -27.40
C SER A 90 23.87 -13.81 -26.39
N PRO A 91 25.15 -13.45 -26.52
CA PRO A 91 26.15 -13.87 -25.53
C PRO A 91 26.17 -13.03 -24.27
N GLY A 92 25.32 -12.02 -24.19
CA GLY A 92 25.36 -11.08 -23.10
C GLY A 92 26.19 -9.85 -23.46
N TRP A 93 26.42 -9.03 -22.44
CA TRP A 93 27.18 -7.80 -22.60
C TRP A 93 28.66 -8.16 -22.71
N THR A 94 29.08 -8.52 -23.92
CA THR A 94 30.47 -8.84 -24.17
C THR A 94 30.83 -8.42 -25.59
N THR A 95 32.12 -8.08 -25.78
CA THR A 95 32.59 -7.59 -27.07
C THR A 95 32.96 -8.71 -28.04
N HIS A 96 33.29 -9.90 -27.54
CA HIS A 96 33.69 -11.02 -28.40
C HIS A 96 33.19 -12.29 -27.75
N SER A 97 32.78 -13.24 -28.59
CA SER A 97 32.26 -14.50 -28.09
C SER A 97 32.46 -15.57 -29.16
N ILE A 98 32.33 -16.82 -28.74
CA ILE A 98 32.43 -17.97 -29.63
C ILE A 98 31.07 -18.67 -29.65
N SER A 99 30.64 -19.05 -30.85
CA SER A 99 29.38 -19.74 -31.06
C SER A 99 29.58 -20.91 -32.00
N ASP A 100 28.82 -21.98 -31.78
CA ASP A 100 28.81 -23.11 -32.69
C ASP A 100 27.81 -22.94 -33.83
N GLY A 101 27.01 -21.86 -33.81
CA GLY A 101 26.13 -21.51 -34.90
C GLY A 101 24.67 -21.86 -34.67
N LYS A 102 24.38 -22.72 -33.70
CA LYS A 102 22.99 -23.14 -33.47
C LYS A 102 22.17 -22.05 -32.80
N ASP A 103 22.80 -21.21 -31.99
CA ASP A 103 22.12 -20.15 -31.26
C ASP A 103 22.21 -18.80 -31.97
N LEU A 104 22.47 -18.79 -33.27
CA LEU A 104 22.60 -17.56 -34.03
C LEU A 104 21.43 -17.42 -35.00
N GLU A 105 21.21 -16.18 -35.44
CA GLU A 105 20.11 -15.85 -36.34
C GLU A 105 20.65 -14.92 -37.41
N LYS A 106 20.61 -15.34 -38.67
CA LYS A 106 21.02 -14.45 -39.75
C LYS A 106 19.97 -13.35 -39.93
N LEU A 107 20.42 -12.21 -40.44
CA LEU A 107 19.49 -11.16 -40.79
C LEU A 107 18.65 -11.58 -42.00
N LEU A 108 17.54 -10.88 -42.20
CA LEU A 108 16.69 -11.15 -43.35
C LEU A 108 17.52 -11.10 -44.62
N THR A 109 17.29 -12.06 -45.52
CA THR A 109 18.04 -12.10 -46.77
C THR A 109 17.94 -10.78 -47.52
N GLU A 110 16.81 -10.09 -47.40
CA GLU A 110 16.55 -8.86 -48.14
C GLU A 110 16.93 -7.61 -47.36
N TRP A 111 17.67 -7.74 -46.28
CA TRP A 111 18.06 -6.58 -45.49
C TRP A 111 18.87 -5.63 -46.36
N PRO A 112 18.48 -4.37 -46.51
CA PRO A 112 19.19 -3.45 -47.39
C PRO A 112 20.25 -2.64 -46.68
N ASP A 113 21.12 -2.03 -47.48
CA ASP A 113 22.21 -1.19 -46.99
C ASP A 113 21.77 0.24 -46.76
N THR A 114 20.48 0.53 -46.85
CA THR A 114 19.95 1.87 -46.68
C THR A 114 19.43 2.15 -45.27
N ILE A 115 19.55 1.20 -44.36
CA ILE A 115 19.09 1.37 -42.99
C ILE A 115 20.19 0.92 -42.05
N PRO A 116 20.29 1.46 -40.83
CA PRO A 116 21.32 1.00 -39.91
C PRO A 116 21.13 -0.47 -39.55
N LEU A 117 22.26 -1.17 -39.37
CA LEU A 117 22.21 -2.55 -38.88
C LEU A 117 21.61 -2.62 -37.49
N SER A 118 21.76 -1.56 -36.70
CA SER A 118 21.25 -1.56 -35.33
C SER A 118 19.74 -1.64 -35.28
N LEU A 119 19.04 -1.42 -36.39
CA LEU A 119 17.59 -1.59 -36.40
C LEU A 119 17.20 -3.04 -36.17
N ALA A 120 18.10 -3.99 -36.42
CA ALA A 120 17.81 -5.40 -36.16
C ALA A 120 17.65 -5.70 -34.68
N LEU A 121 18.02 -4.75 -33.81
CA LEU A 121 17.82 -4.86 -32.36
C LEU A 121 16.65 -4.01 -31.88
N GLY A 122 15.92 -3.39 -32.79
CA GLY A 122 14.90 -2.41 -32.48
C GLY A 122 13.63 -2.58 -33.29
N THR A 123 13.31 -1.54 -34.07
CA THR A 123 12.10 -1.51 -34.88
C THR A 123 11.96 -2.75 -35.75
N VAL A 124 13.07 -3.25 -36.30
CA VAL A 124 13.04 -4.44 -37.15
C VAL A 124 13.74 -5.58 -36.41
N GLY A 125 13.51 -5.64 -35.11
CA GLY A 125 14.00 -6.71 -34.26
C GLY A 125 12.99 -7.09 -33.18
N MET A 126 13.48 -7.62 -32.07
CA MET A 126 12.57 -8.14 -31.05
C MET A 126 11.64 -7.08 -30.48
N PRO A 127 12.06 -5.84 -30.22
CA PRO A 127 11.08 -4.82 -29.78
C PRO A 127 9.96 -4.62 -30.79
N GLY A 128 10.27 -4.53 -32.07
CA GLY A 128 9.23 -4.35 -33.07
C GLY A 128 8.31 -5.55 -33.19
N LEU A 129 8.88 -6.76 -33.06
CA LEU A 129 8.05 -7.97 -33.12
C LEU A 129 7.12 -8.04 -31.92
N THR A 130 7.59 -7.58 -30.76
CA THR A 130 6.73 -7.50 -29.58
C THR A 130 5.55 -6.58 -29.84
N ALA A 131 5.80 -5.43 -30.46
CA ALA A 131 4.73 -4.51 -30.80
C ALA A 131 3.78 -5.12 -31.82
N TYR A 132 4.34 -5.86 -32.78
CA TYR A 132 3.55 -6.42 -33.87
C TYR A 132 2.58 -7.48 -33.36
N PHE A 133 3.07 -8.48 -32.63
CA PHE A 133 2.21 -9.55 -32.14
C PHE A 133 1.34 -9.08 -30.99
N GLY A 134 1.89 -8.23 -30.11
CA GLY A 134 1.10 -7.73 -29.00
C GLY A 134 -0.11 -6.94 -29.47
N LEU A 135 0.08 -6.07 -30.47
CA LEU A 135 -1.00 -5.21 -30.92
C LEU A 135 -1.96 -5.95 -31.84
N LEU A 136 -1.43 -6.68 -32.82
CA LEU A 136 -2.28 -7.24 -33.87
C LEU A 136 -2.96 -8.54 -33.45
N GLU A 137 -2.36 -9.31 -32.56
CA GLU A 137 -2.91 -10.60 -32.15
C GLU A 137 -3.40 -10.62 -30.71
N ILE A 138 -2.66 -10.05 -29.77
CA ILE A 138 -3.12 -10.07 -28.38
C ILE A 138 -4.24 -9.06 -28.17
N CYS A 139 -4.04 -7.82 -28.61
CA CYS A 139 -5.11 -6.83 -28.58
C CYS A 139 -6.14 -7.08 -29.69
N GLY A 140 -5.69 -7.59 -30.83
CA GLY A 140 -6.60 -7.88 -31.93
C GLY A 140 -7.23 -6.66 -32.57
N VAL A 141 -6.46 -5.59 -32.77
CA VAL A 141 -7.00 -4.41 -33.42
C VAL A 141 -7.52 -4.75 -34.81
N LYS A 142 -8.72 -4.25 -35.13
CA LYS A 142 -9.38 -4.54 -36.39
C LYS A 142 -9.53 -3.32 -37.29
N GLY A 143 -9.22 -2.13 -36.79
CA GLY A 143 -9.44 -0.90 -37.54
C GLY A 143 -10.53 -0.04 -36.92
N GLY A 144 -10.18 1.17 -36.51
CA GLY A 144 -11.10 2.11 -35.94
C GLY A 144 -11.03 2.22 -34.43
N GLU A 145 -10.43 1.24 -33.76
CA GLU A 145 -10.34 1.27 -32.31
C GLU A 145 -9.40 2.37 -31.84
N THR A 146 -9.52 2.71 -30.56
CA THR A 146 -8.61 3.63 -29.90
C THR A 146 -7.67 2.82 -29.01
N VAL A 147 -6.38 3.09 -29.13
CA VAL A 147 -5.34 2.32 -28.47
C VAL A 147 -4.59 3.23 -27.52
N MET A 148 -4.34 2.74 -26.30
CA MET A 148 -3.50 3.41 -25.32
C MET A 148 -2.20 2.62 -25.18
N VAL A 149 -1.07 3.31 -25.34
CA VAL A 149 0.24 2.66 -25.25
C VAL A 149 1.14 3.55 -24.42
N ASN A 150 1.70 2.99 -23.34
CA ASN A 150 2.66 3.69 -22.49
C ASN A 150 4.06 3.22 -22.84
N ALA A 151 5.07 3.84 -22.21
CA ALA A 151 6.45 3.67 -22.65
C ALA A 151 6.54 3.88 -24.16
N ALA A 152 5.77 4.86 -24.65
CA ALA A 152 5.43 4.92 -26.06
C ALA A 152 6.60 5.35 -26.95
N ALA A 153 7.65 5.93 -26.38
CA ALA A 153 8.80 6.38 -27.17
C ALA A 153 9.87 5.30 -27.32
N GLY A 154 9.74 4.18 -26.63
CA GLY A 154 10.66 3.07 -26.84
C GLY A 154 10.43 2.44 -28.19
N ALA A 155 11.29 1.48 -28.53
CA ALA A 155 11.13 0.77 -29.79
C ALA A 155 9.80 0.02 -29.85
N VAL A 156 9.34 -0.52 -28.71
CA VAL A 156 8.08 -1.24 -28.72
C VAL A 156 6.93 -0.26 -28.93
N GLY A 157 6.79 0.71 -28.03
CA GLY A 157 5.65 1.62 -28.11
C GLY A 157 5.61 2.41 -29.40
N SER A 158 6.77 2.83 -29.90
CA SER A 158 6.81 3.60 -31.14
C SER A 158 6.31 2.76 -32.31
N VAL A 159 6.64 1.47 -32.33
CA VAL A 159 6.13 0.60 -33.37
C VAL A 159 4.66 0.31 -33.18
N VAL A 160 4.22 0.20 -31.92
CA VAL A 160 2.81 -0.07 -31.64
C VAL A 160 1.96 1.04 -32.22
N GLY A 161 2.31 2.29 -31.95
CA GLY A 161 1.51 3.41 -32.41
C GLY A 161 1.46 3.48 -33.92
N GLN A 162 2.59 3.25 -34.59
CA GLN A 162 2.65 3.43 -36.03
C GLN A 162 1.98 2.29 -36.79
N ILE A 163 2.02 1.06 -36.24
CA ILE A 163 1.23 -0.01 -36.81
C ILE A 163 -0.26 0.28 -36.62
N ALA A 164 -0.62 0.86 -35.47
CA ALA A 164 -2.00 1.25 -35.25
C ALA A 164 -2.44 2.31 -36.26
N LYS A 165 -1.57 3.30 -36.52
CA LYS A 165 -1.91 4.36 -37.46
C LYS A 165 -2.12 3.81 -38.86
N LEU A 166 -1.27 2.87 -39.30
CA LEU A 166 -1.41 2.31 -40.63
C LEU A 166 -2.50 1.26 -40.71
N LYS A 167 -3.02 0.78 -39.58
CA LYS A 167 -4.20 -0.07 -39.59
C LYS A 167 -5.49 0.72 -39.44
N GLY A 168 -5.40 2.04 -39.24
CA GLY A 168 -6.58 2.89 -39.19
C GLY A 168 -7.16 3.05 -37.81
N CYS A 169 -6.30 3.23 -36.81
CA CYS A 169 -6.72 3.37 -35.43
C CYS A 169 -6.34 4.75 -34.90
N LYS A 170 -7.01 5.15 -33.83
CA LYS A 170 -6.62 6.33 -33.06
C LYS A 170 -5.67 5.89 -31.95
N VAL A 171 -4.61 6.68 -31.73
CA VAL A 171 -3.50 6.26 -30.89
C VAL A 171 -3.20 7.34 -29.85
N VAL A 172 -3.13 6.93 -28.59
CA VAL A 172 -2.78 7.79 -27.47
C VAL A 172 -1.54 7.22 -26.81
N GLY A 173 -0.55 8.07 -26.57
CA GLY A 173 0.73 7.61 -26.05
C GLY A 173 1.26 8.40 -24.88
N ALA A 174 1.68 7.71 -23.83
CA ALA A 174 2.32 8.35 -22.68
C ALA A 174 3.83 8.12 -22.73
N VAL A 175 4.59 9.16 -22.38
CA VAL A 175 6.05 9.14 -22.44
C VAL A 175 6.61 9.84 -21.21
N GLY A 176 7.93 9.78 -21.06
CA GLY A 176 8.61 10.26 -19.87
C GLY A 176 9.37 11.55 -19.99
N SER A 177 9.29 12.26 -21.11
CA SER A 177 10.01 13.51 -21.25
C SER A 177 9.36 14.36 -22.32
N ASP A 178 9.57 15.68 -22.24
CA ASP A 178 9.04 16.59 -23.25
C ASP A 178 9.60 16.28 -24.63
N GLU A 179 10.89 15.94 -24.70
CA GLU A 179 11.51 15.64 -25.98
C GLU A 179 10.84 14.46 -26.66
N LYS A 180 10.48 13.44 -25.88
CA LYS A 180 9.82 12.27 -26.46
C LYS A 180 8.41 12.61 -26.93
N VAL A 181 7.75 13.58 -26.31
CA VAL A 181 6.41 13.98 -26.76
C VAL A 181 6.47 14.47 -28.20
N ALA A 182 7.46 15.31 -28.51
CA ALA A 182 7.60 15.84 -29.86
C ALA A 182 7.88 14.74 -30.86
N TYR A 183 8.73 13.77 -30.49
CA TYR A 183 9.08 12.69 -31.40
C TYR A 183 7.86 11.87 -31.79
N LEU A 184 7.01 11.52 -30.82
CA LEU A 184 5.83 10.72 -31.14
C LEU A 184 4.81 11.52 -31.93
N GLN A 185 4.76 12.84 -31.74
CA GLN A 185 3.90 13.66 -32.58
C GLN A 185 4.30 13.56 -34.05
N LYS A 186 5.61 13.61 -34.32
CA LYS A 186 6.09 13.51 -35.70
C LYS A 186 5.76 12.15 -36.31
N LEU A 187 5.68 11.10 -35.50
CA LEU A 187 5.43 9.76 -36.03
C LEU A 187 3.97 9.53 -36.38
N GLY A 188 3.06 10.40 -35.96
CA GLY A 188 1.65 10.26 -36.28
C GLY A 188 0.75 9.91 -35.12
N PHE A 189 1.26 9.86 -33.89
CA PHE A 189 0.39 9.65 -32.73
C PHE A 189 -0.65 10.76 -32.69
N ASP A 190 -1.90 10.39 -32.44
CA ASP A 190 -2.97 11.38 -32.36
C ASP A 190 -2.83 12.23 -31.10
N VAL A 191 -2.63 11.59 -29.95
CA VAL A 191 -2.43 12.28 -28.69
C VAL A 191 -1.19 11.72 -28.02
N VAL A 192 -0.36 12.61 -27.49
CA VAL A 192 0.86 12.24 -26.77
C VAL A 192 1.01 13.18 -25.58
N PHE A 193 1.44 12.64 -24.44
CA PHE A 193 1.59 13.46 -23.25
C PHE A 193 2.67 12.89 -22.34
N ASN A 194 3.16 13.74 -21.45
CA ASN A 194 4.21 13.41 -20.49
C ASN A 194 3.57 13.13 -19.14
N TYR A 195 3.51 11.86 -18.75
CA TYR A 195 2.83 11.50 -17.52
C TYR A 195 3.51 12.05 -16.28
N LYS A 196 4.77 12.45 -16.38
CA LYS A 196 5.49 13.00 -15.25
C LYS A 196 5.10 14.45 -14.94
N THR A 197 4.52 15.16 -15.90
CA THR A 197 4.23 16.58 -15.74
C THR A 197 2.75 16.94 -15.84
N VAL A 198 1.86 15.96 -16.03
CA VAL A 198 0.43 16.25 -16.12
C VAL A 198 -0.13 16.43 -14.72
N GLU A 199 -1.10 17.35 -14.59
CA GLU A 199 -1.75 17.56 -13.31
C GLU A 199 -2.44 16.29 -12.83
N SER A 200 -3.19 15.63 -13.72
CA SER A 200 -3.94 14.44 -13.35
C SER A 200 -3.89 13.46 -14.51
N LEU A 201 -3.40 12.25 -14.25
CA LEU A 201 -3.38 11.22 -15.28
C LEU A 201 -4.79 10.89 -15.75
N GLU A 202 -5.73 10.79 -14.80
CA GLU A 202 -7.11 10.46 -15.17
C GLU A 202 -7.68 11.49 -16.13
N GLU A 203 -7.49 12.78 -15.84
CA GLU A 203 -8.04 13.82 -16.69
C GLU A 203 -7.40 13.81 -18.07
N THR A 204 -6.08 13.63 -18.14
CA THR A 204 -5.40 13.64 -19.44
C THR A 204 -5.89 12.50 -20.32
N LEU A 205 -6.04 11.31 -19.74
CA LEU A 205 -6.55 10.18 -20.50
C LEU A 205 -7.98 10.42 -20.96
N LYS A 206 -8.82 10.99 -20.09
CA LYS A 206 -10.20 11.27 -20.47
C LYS A 206 -10.25 12.22 -21.67
N LYS A 207 -9.44 13.27 -21.63
CA LYS A 207 -9.43 14.23 -22.72
C LYS A 207 -8.93 13.60 -24.01
N ALA A 208 -7.93 12.72 -23.91
CA ALA A 208 -7.37 12.09 -25.10
C ALA A 208 -8.37 11.15 -25.76
N SER A 209 -9.25 10.52 -24.98
CA SER A 209 -10.31 9.68 -25.52
C SER A 209 -11.47 9.68 -24.54
N PRO A 210 -12.37 10.66 -24.66
CA PRO A 210 -13.47 10.75 -23.68
C PRO A 210 -14.34 9.50 -23.63
N ASP A 211 -14.41 8.74 -24.72
CA ASP A 211 -15.23 7.54 -24.79
C ASP A 211 -14.48 6.27 -24.41
N GLY A 212 -13.29 6.39 -23.85
CA GLY A 212 -12.55 5.23 -23.38
C GLY A 212 -11.64 4.64 -24.43
N TYR A 213 -11.04 3.51 -24.07
CA TYR A 213 -10.02 2.86 -24.89
C TYR A 213 -10.43 1.42 -25.18
N ASP A 214 -10.35 1.04 -26.46
CA ASP A 214 -10.65 -0.34 -26.86
C ASP A 214 -9.49 -1.27 -26.56
N CYS A 215 -8.26 -0.79 -26.73
CA CYS A 215 -7.06 -1.60 -26.58
C CYS A 215 -6.06 -0.87 -25.72
N TYR A 216 -5.34 -1.64 -24.90
CA TYR A 216 -4.30 -1.11 -24.01
C TYR A 216 -3.06 -1.98 -24.16
N PHE A 217 -2.03 -1.42 -24.78
CA PHE A 217 -0.74 -2.09 -24.87
C PHE A 217 0.08 -1.62 -23.67
N ASP A 218 0.21 -2.50 -22.67
CA ASP A 218 0.72 -2.14 -21.35
C ASP A 218 2.16 -2.61 -21.18
N ASN A 219 3.07 -1.66 -21.10
CA ASN A 219 4.48 -1.89 -20.79
C ASN A 219 4.85 -1.52 -19.36
N VAL A 220 3.95 -0.91 -18.60
CA VAL A 220 4.29 -0.19 -17.38
C VAL A 220 3.66 -0.83 -16.15
N GLY A 221 2.36 -1.09 -16.19
CA GLY A 221 1.69 -1.70 -15.05
C GLY A 221 1.48 -0.71 -13.92
N GLY A 222 1.25 -1.27 -12.73
CA GLY A 222 1.16 -0.47 -11.53
C GLY A 222 -0.05 0.46 -11.52
N GLU A 223 0.15 1.63 -10.90
CA GLU A 223 -0.95 2.59 -10.75
C GLU A 223 -1.38 3.15 -12.10
N PHE A 224 -0.43 3.36 -13.01
CA PHE A 224 -0.76 3.86 -14.34
C PHE A 224 -1.79 2.97 -15.02
N SER A 225 -1.63 1.65 -14.88
CA SER A 225 -2.57 0.73 -15.52
C SER A 225 -3.91 0.69 -14.80
N ASN A 226 -3.91 0.89 -13.48
CA ASN A 226 -5.18 0.97 -12.77
C ASN A 226 -6.01 2.14 -13.30
N THR A 227 -5.36 3.26 -13.62
CA THR A 227 -6.06 4.40 -14.20
C THR A 227 -6.56 4.10 -15.61
N VAL A 228 -5.74 3.45 -16.43
CA VAL A 228 -6.16 3.12 -17.79
C VAL A 228 -7.32 2.14 -17.76
N ILE A 229 -7.31 1.19 -16.81
CA ILE A 229 -8.35 0.18 -16.74
C ILE A 229 -9.69 0.82 -16.40
N GLY A 230 -9.67 1.87 -15.58
CA GLY A 230 -10.88 2.62 -15.29
C GLY A 230 -11.45 3.39 -16.45
N GLN A 231 -10.78 3.37 -17.61
CA GLN A 231 -11.25 4.05 -18.80
C GLN A 231 -11.29 3.14 -20.02
N MET A 232 -11.23 1.82 -19.83
CA MET A 232 -11.38 0.88 -20.92
C MET A 232 -12.85 0.73 -21.26
N LYS A 233 -13.16 0.65 -22.56
CA LYS A 233 -14.50 0.36 -23.01
C LYS A 233 -14.89 -1.08 -22.64
N LYS A 234 -16.17 -1.37 -22.78
CA LYS A 234 -16.65 -2.74 -22.59
C LYS A 234 -15.97 -3.67 -23.58
N PHE A 235 -15.59 -4.86 -23.10
CA PHE A 235 -14.83 -5.82 -23.89
C PHE A 235 -13.46 -5.28 -24.30
N GLY A 236 -12.94 -4.30 -23.57
CA GLY A 236 -11.60 -3.81 -23.87
C GLY A 236 -10.56 -4.89 -23.66
N ARG A 237 -9.52 -4.84 -24.49
CA ARG A 237 -8.48 -5.86 -24.48
C ARG A 237 -7.15 -5.24 -24.08
N ILE A 238 -6.45 -5.89 -23.17
CA ILE A 238 -5.17 -5.42 -22.65
C ILE A 238 -4.12 -6.47 -23.00
N ALA A 239 -3.05 -6.05 -23.64
CA ALA A 239 -1.89 -6.89 -23.88
C ALA A 239 -0.84 -6.55 -22.83
N ILE A 240 -0.58 -7.49 -21.93
CA ILE A 240 0.35 -7.28 -20.82
C ILE A 240 1.73 -7.68 -21.32
N CYS A 241 2.49 -6.68 -21.75
CA CYS A 241 3.82 -6.87 -22.32
C CYS A 241 4.92 -6.72 -21.26
N GLY A 242 4.82 -5.71 -20.42
CA GLY A 242 5.79 -5.50 -19.37
C GLY A 242 5.14 -4.78 -18.20
N ALA A 243 5.92 -4.66 -17.12
CA ALA A 243 5.51 -3.98 -15.90
C ALA A 243 6.63 -3.08 -15.42
N ILE A 244 7.14 -2.23 -16.31
CA ILE A 244 8.39 -1.51 -16.07
C ILE A 244 8.32 -0.68 -14.79
N SER A 245 7.14 -0.12 -14.48
CA SER A 245 7.05 0.71 -13.28
C SER A 245 7.39 -0.05 -12.01
N THR A 246 7.25 -1.37 -12.03
CA THR A 246 7.57 -2.20 -10.87
C THR A 246 8.99 -2.76 -10.90
N TYR A 247 9.70 -2.67 -12.03
CA TYR A 247 11.03 -3.27 -12.13
C TYR A 247 12.02 -2.58 -11.20
N ASN A 248 12.02 -1.25 -11.18
CA ASN A 248 12.92 -0.47 -10.33
C ASN A 248 12.23 0.01 -9.07
N ARG A 249 11.10 -0.60 -8.70
CA ARG A 249 10.36 -0.22 -7.51
C ARG A 249 11.15 -0.57 -6.25
N THR A 250 10.91 0.21 -5.19
CA THR A 250 11.49 -0.05 -3.88
C THR A 250 10.47 -0.45 -2.84
N GLY A 251 9.25 0.10 -2.89
CA GLY A 251 8.24 -0.19 -1.91
C GLY A 251 7.45 -1.44 -2.25
N PRO A 252 6.41 -1.71 -1.48
CA PRO A 252 5.57 -2.89 -1.75
C PRO A 252 4.73 -2.68 -3.00
N LEU A 253 4.32 -3.79 -3.60
CA LEU A 253 3.64 -3.73 -4.87
C LEU A 253 2.36 -2.89 -4.76
N PRO A 254 1.99 -2.19 -5.82
CA PRO A 254 0.79 -1.35 -5.77
C PRO A 254 -0.47 -2.19 -5.78
N PRO A 255 -1.63 -1.58 -5.46
CA PRO A 255 -2.88 -2.33 -5.50
C PRO A 255 -3.21 -2.82 -6.90
N GLY A 256 -3.96 -3.90 -6.97
CA GLY A 256 -4.42 -4.44 -8.22
C GLY A 256 -5.54 -3.59 -8.81
N PRO A 257 -5.92 -3.88 -10.06
CA PRO A 257 -7.02 -3.13 -10.67
C PRO A 257 -8.30 -3.36 -9.90
N PRO A 258 -9.20 -2.39 -9.90
CA PRO A 258 -10.50 -2.58 -9.24
C PRO A 258 -11.32 -3.64 -9.96
N PRO A 259 -11.51 -4.80 -9.35
CA PRO A 259 -12.18 -5.90 -10.07
C PRO A 259 -13.63 -5.60 -10.44
N GLU A 260 -14.30 -4.68 -9.74
CA GLU A 260 -15.67 -4.34 -10.12
C GLU A 260 -15.69 -3.66 -11.48
N ILE A 261 -14.68 -2.83 -11.78
CA ILE A 261 -14.56 -2.24 -13.10
C ILE A 261 -14.17 -3.29 -14.14
N VAL A 262 -13.23 -4.17 -13.79
CA VAL A 262 -12.83 -5.22 -14.73
C VAL A 262 -14.01 -6.11 -15.09
N ILE A 263 -14.80 -6.51 -14.09
CA ILE A 263 -15.93 -7.41 -14.33
C ILE A 263 -17.04 -6.67 -15.06
N TYR A 264 -17.37 -5.46 -14.62
CA TYR A 264 -18.46 -4.72 -15.22
C TYR A 264 -18.19 -4.47 -16.69
N GLN A 265 -16.95 -4.15 -17.04
CA GLN A 265 -16.55 -3.93 -18.42
C GLN A 265 -16.16 -5.21 -19.14
N GLU A 266 -16.06 -6.34 -18.45
CA GLU A 266 -15.77 -7.63 -19.07
C GLU A 266 -14.48 -7.55 -19.89
N LEU A 267 -13.42 -7.10 -19.23
CA LEU A 267 -12.14 -6.88 -19.90
C LEU A 267 -11.43 -8.20 -20.15
N ARG A 268 -10.72 -8.26 -21.28
CA ARG A 268 -9.83 -9.37 -21.61
C ARG A 268 -8.40 -8.89 -21.44
N MET A 269 -7.62 -9.60 -20.64
CA MET A 269 -6.26 -9.19 -20.29
C MET A 269 -5.35 -10.39 -20.43
N GLU A 270 -4.46 -10.37 -21.41
CA GLU A 270 -3.57 -11.49 -21.70
C GLU A 270 -2.13 -11.01 -21.76
N ALA A 271 -1.25 -11.69 -21.04
CA ALA A 271 0.17 -11.42 -21.12
C ALA A 271 0.79 -12.28 -22.21
N PHE A 272 1.99 -11.88 -22.63
CA PHE A 272 2.65 -12.55 -23.74
C PHE A 272 4.14 -12.23 -23.71
N VAL A 273 4.92 -13.08 -24.36
CA VAL A 273 6.32 -12.80 -24.66
C VAL A 273 6.52 -13.12 -26.14
N VAL A 274 7.40 -12.34 -26.78
CA VAL A 274 7.55 -12.41 -28.23
C VAL A 274 8.00 -13.79 -28.69
N TYR A 275 8.65 -14.55 -27.83
CA TYR A 275 9.14 -15.89 -28.20
C TYR A 275 8.02 -16.88 -28.46
N ARG A 276 6.77 -16.55 -28.11
CA ARG A 276 5.67 -17.46 -28.40
C ARG A 276 5.53 -17.70 -29.90
N TRP A 277 5.90 -16.73 -30.73
CA TRP A 277 5.79 -16.83 -32.17
C TRP A 277 7.15 -17.15 -32.77
N GLN A 278 7.19 -18.16 -33.64
CA GLN A 278 8.43 -18.58 -34.29
C GLN A 278 8.14 -18.87 -35.75
N GLY A 279 9.13 -19.44 -36.44
CA GLY A 279 8.92 -19.97 -37.78
C GLY A 279 8.37 -18.95 -38.74
N ASP A 280 7.41 -19.40 -39.56
CA ASP A 280 6.87 -18.55 -40.61
C ASP A 280 6.18 -17.33 -40.05
N ALA A 281 5.52 -17.47 -38.90
CA ALA A 281 4.84 -16.33 -38.30
C ALA A 281 5.85 -15.24 -37.95
N ARG A 282 6.91 -15.61 -37.25
CA ARG A 282 7.92 -14.64 -36.86
C ARG A 282 8.61 -14.02 -38.07
N GLN A 283 8.93 -14.85 -39.07
CA GLN A 283 9.62 -14.34 -40.24
C GLN A 283 8.74 -13.40 -41.05
N LYS A 284 7.44 -13.70 -41.14
CA LYS A 284 6.54 -12.82 -41.87
C LYS A 284 6.40 -11.48 -41.15
N ALA A 285 6.31 -11.50 -39.82
CA ALA A 285 6.26 -10.26 -39.07
C ALA A 285 7.50 -9.42 -39.32
N LEU A 286 8.68 -10.05 -39.31
CA LEU A 286 9.90 -9.29 -39.54
C LEU A 286 9.90 -8.66 -40.92
N LYS A 287 9.47 -9.41 -41.93
CA LYS A 287 9.41 -8.85 -43.29
C LYS A 287 8.42 -7.71 -43.38
N ASP A 288 7.28 -7.82 -42.68
CA ASP A 288 6.31 -6.74 -42.65
C ASP A 288 6.92 -5.48 -42.05
N LEU A 289 7.60 -5.61 -40.91
CA LEU A 289 8.25 -4.46 -40.30
C LEU A 289 9.28 -3.84 -41.23
N LEU A 290 10.10 -4.67 -41.87
CA LEU A 290 11.08 -4.13 -42.81
C LEU A 290 10.39 -3.37 -43.95
N LYS A 291 9.33 -3.96 -44.49
CA LYS A 291 8.55 -3.31 -45.55
C LYS A 291 8.07 -1.93 -45.10
N TRP A 292 7.44 -1.88 -43.92
CA TRP A 292 6.85 -0.63 -43.45
C TRP A 292 7.92 0.43 -43.18
N VAL A 293 9.11 0.00 -42.76
CA VAL A 293 10.21 0.94 -42.59
C VAL A 293 10.64 1.49 -43.95
N LEU A 294 10.75 0.62 -44.95
CA LEU A 294 11.18 1.07 -46.27
C LEU A 294 10.12 1.91 -46.96
N GLU A 295 8.86 1.77 -46.58
CA GLU A 295 7.78 2.55 -47.18
C GLU A 295 7.55 3.88 -46.46
N GLY A 296 8.25 4.12 -45.35
CA GLY A 296 8.04 5.31 -44.57
C GLY A 296 6.89 5.23 -43.59
N LYS A 297 6.16 4.11 -43.56
CA LYS A 297 5.03 3.97 -42.65
C LYS A 297 5.47 3.76 -41.21
N ILE A 298 6.72 3.36 -40.98
CA ILE A 298 7.27 3.22 -39.64
C ILE A 298 8.61 3.94 -39.63
N GLN A 299 8.64 5.10 -39.02
CA GLN A 299 9.88 5.81 -38.77
C GLN A 299 10.52 5.31 -37.48
N TYR A 300 11.82 5.56 -37.37
CA TYR A 300 12.61 5.06 -36.25
C TYR A 300 13.53 6.16 -35.76
N LYS A 301 13.98 6.01 -34.52
CA LYS A 301 15.02 6.88 -33.97
C LYS A 301 15.90 6.06 -33.04
N GLU A 302 17.20 6.27 -33.14
CA GLU A 302 18.19 5.57 -32.32
C GLU A 302 18.99 6.59 -31.52
N TYR A 303 19.31 6.21 -30.28
CA TYR A 303 20.22 6.94 -29.42
C TYR A 303 21.48 6.10 -29.31
N ILE A 304 22.44 6.35 -30.20
CA ILE A 304 23.66 5.58 -30.29
C ILE A 304 24.67 6.13 -29.29
N ILE A 305 25.09 5.29 -28.36
CA ILE A 305 26.13 5.61 -27.39
C ILE A 305 27.39 4.89 -27.83
N GLU A 306 28.47 5.63 -28.05
CA GLU A 306 29.71 5.06 -28.52
C GLU A 306 30.54 4.56 -27.34
N GLY A 307 31.00 3.31 -27.42
CA GLY A 307 31.88 2.76 -26.42
C GLY A 307 31.26 1.65 -25.60
N PHE A 308 31.83 0.44 -25.70
CA PHE A 308 31.38 -0.67 -24.88
C PHE A 308 31.49 -0.34 -23.40
N GLU A 309 32.51 0.45 -23.02
CA GLU A 309 32.71 0.79 -21.62
C GLU A 309 31.54 1.59 -21.05
N ASN A 310 30.68 2.16 -21.91
CA ASN A 310 29.56 2.97 -21.48
C ASN A 310 28.25 2.20 -21.44
N MET A 311 28.29 0.88 -21.56
CA MET A 311 27.05 0.10 -21.58
C MET A 311 26.26 0.24 -20.29
N PRO A 312 26.86 0.20 -19.09
CA PRO A 312 26.06 0.42 -17.87
C PRO A 312 25.37 1.77 -17.86
N ALA A 313 26.06 2.83 -18.29
CA ALA A 313 25.44 4.16 -18.34
C ALA A 313 24.29 4.19 -19.34
N ALA A 314 24.48 3.54 -20.49
CA ALA A 314 23.41 3.47 -21.48
C ALA A 314 22.20 2.77 -20.90
N PHE A 315 22.42 1.66 -20.18
CA PHE A 315 21.32 0.91 -19.59
C PHE A 315 20.55 1.73 -18.57
N MET A 316 21.28 2.47 -17.71
CA MET A 316 20.64 3.25 -16.67
C MET A 316 19.89 4.45 -17.25
N GLY A 317 20.50 5.14 -18.20
CA GLY A 317 19.79 6.22 -18.88
C GLY A 317 18.55 5.73 -19.59
N MET A 318 18.64 4.55 -20.22
CA MET A 318 17.47 3.98 -20.87
C MET A 318 16.36 3.70 -19.86
N LEU A 319 16.72 3.12 -18.71
CA LEU A 319 15.71 2.79 -17.71
C LEU A 319 15.00 4.03 -17.18
N LYS A 320 15.73 5.14 -17.05
CA LYS A 320 15.18 6.36 -16.47
C LYS A 320 14.50 7.25 -17.50
N GLY A 321 14.45 6.85 -18.76
CA GLY A 321 13.80 7.66 -19.78
C GLY A 321 14.63 8.79 -20.32
N ASP A 322 15.95 8.76 -20.13
CA ASP A 322 16.80 9.89 -20.49
C ASP A 322 17.13 9.95 -21.98
N ASN A 323 16.89 8.89 -22.74
CA ASN A 323 17.40 8.76 -24.09
C ASN A 323 16.27 8.78 -25.10
N LEU A 324 16.39 9.67 -26.10
CA LEU A 324 15.41 9.77 -27.17
C LEU A 324 15.74 8.74 -28.25
N GLY A 325 14.88 7.75 -28.41
CA GLY A 325 15.07 6.68 -29.38
C GLY A 325 15.64 5.43 -28.73
N LYS A 326 15.59 4.34 -29.49
CA LYS A 326 16.13 3.06 -29.04
C LYS A 326 17.58 3.21 -28.62
N THR A 327 17.89 2.84 -27.38
CA THR A 327 19.25 2.93 -26.88
C THR A 327 20.05 1.75 -27.41
N ILE A 328 21.12 2.06 -28.12
CA ILE A 328 22.04 1.08 -28.67
C ILE A 328 23.46 1.52 -28.32
N VAL A 329 24.32 0.56 -28.02
CA VAL A 329 25.73 0.82 -27.75
C VAL A 329 26.53 0.35 -28.96
N LYS A 330 27.28 1.27 -29.56
CA LYS A 330 28.16 0.95 -30.67
C LYS A 330 29.51 0.53 -30.09
N ALA A 331 29.93 -0.70 -30.38
CA ALA A 331 31.21 -1.18 -29.89
C ALA A 331 32.34 -0.30 -30.42
N SER B 4 43.91 32.61 -8.20
CA SER B 4 43.70 31.28 -7.64
C SER B 4 42.53 30.57 -8.33
N MET B 5 42.66 29.26 -8.50
CA MET B 5 41.64 28.45 -9.16
C MET B 5 40.98 27.52 -8.14
N THR B 6 39.83 26.98 -8.53
CA THR B 6 39.11 26.04 -7.69
C THR B 6 38.37 25.04 -8.57
N LYS B 7 38.17 23.84 -8.03
CA LYS B 7 37.34 22.82 -8.65
C LYS B 7 36.11 22.60 -7.78
N THR B 8 34.97 22.39 -8.43
CA THR B 8 33.68 22.36 -7.75
C THR B 8 32.80 21.27 -8.35
N TRP B 9 32.16 20.49 -7.50
CA TRP B 9 31.20 19.49 -7.94
C TRP B 9 29.80 20.09 -7.88
N THR B 10 29.09 20.06 -9.01
CA THR B 10 27.75 20.60 -9.11
C THR B 10 26.76 19.49 -9.43
N LEU B 11 25.49 19.76 -9.15
CA LEU B 11 24.41 18.82 -9.40
C LEU B 11 23.95 19.02 -10.83
N LYS B 12 24.43 18.18 -11.75
CA LYS B 12 23.99 18.31 -13.14
C LYS B 12 22.54 17.91 -13.28
N LYS B 13 22.09 16.87 -12.56
CA LYS B 13 20.74 16.36 -12.71
C LYS B 13 20.24 15.86 -11.36
N HIS B 14 19.01 16.24 -11.02
CA HIS B 14 18.40 15.75 -9.79
C HIS B 14 18.36 14.23 -9.78
N PHE B 15 18.58 13.67 -8.59
CA PHE B 15 18.73 12.23 -8.45
C PHE B 15 17.40 11.51 -8.67
N VAL B 16 17.48 10.35 -9.30
CA VAL B 16 16.35 9.42 -9.42
C VAL B 16 16.84 8.09 -8.85
N GLY B 17 16.27 7.67 -7.72
CA GLY B 17 16.88 6.58 -7.01
C GLY B 17 18.24 7.00 -6.48
N TYR B 18 19.17 6.05 -6.44
CA TYR B 18 20.52 6.37 -6.00
C TYR B 18 21.20 7.27 -7.04
N PRO B 19 22.09 8.15 -6.60
CA PRO B 19 22.85 8.95 -7.57
C PRO B 19 23.71 8.06 -8.46
N THR B 20 24.00 8.57 -9.65
CA THR B 20 24.91 7.94 -10.59
C THR B 20 25.93 8.98 -11.04
N ASN B 21 27.00 8.51 -11.69
CA ASN B 21 28.07 9.41 -12.12
C ASN B 21 27.53 10.58 -12.93
N SER B 22 26.60 10.31 -13.84
CA SER B 22 26.10 11.33 -14.76
C SER B 22 25.31 12.42 -14.07
N ASP B 23 24.96 12.26 -12.79
CA ASP B 23 24.23 13.30 -12.07
C ASP B 23 25.11 14.45 -11.59
N PHE B 24 26.43 14.30 -11.70
CA PHE B 24 27.37 15.29 -11.19
C PHE B 24 28.22 15.84 -12.33
N GLU B 25 28.60 17.12 -12.21
CA GLU B 25 29.47 17.76 -13.19
C GLU B 25 30.56 18.54 -12.48
N LEU B 26 31.81 18.26 -12.83
CA LEU B 26 32.96 18.96 -12.26
C LEU B 26 33.29 20.18 -13.11
N LYS B 27 33.43 21.33 -12.44
CA LYS B 27 33.73 22.59 -13.10
C LYS B 27 34.94 23.24 -12.43
N THR B 28 35.68 24.02 -13.21
CA THR B 28 36.79 24.83 -12.72
C THR B 28 36.43 26.30 -12.86
N SER B 29 36.96 27.12 -11.95
CA SER B 29 36.67 28.54 -11.96
C SER B 29 37.79 29.28 -11.24
N GLU B 30 37.88 30.57 -11.52
CA GLU B 30 38.89 31.44 -10.91
C GLU B 30 38.24 32.23 -9.78
N LEU B 31 38.77 32.07 -8.57
CA LEU B 31 38.23 32.79 -7.43
C LEU B 31 38.67 34.26 -7.49
N PRO B 32 37.81 35.17 -7.00
CA PRO B 32 38.15 36.60 -7.03
C PRO B 32 39.29 36.92 -6.08
N PRO B 33 39.90 38.10 -6.21
CA PRO B 33 40.97 38.49 -5.28
C PRO B 33 40.42 38.67 -3.88
N LEU B 34 41.26 38.36 -2.89
CA LEU B 34 40.90 38.58 -1.50
C LEU B 34 40.69 40.06 -1.23
N LYS B 35 39.52 40.41 -0.72
CA LYS B 35 39.31 41.74 -0.16
C LYS B 35 39.79 41.77 1.28
N ASN B 36 39.71 42.94 1.90
CA ASN B 36 40.19 43.08 3.27
C ASN B 36 39.31 42.30 4.23
N GLY B 37 39.95 41.57 5.14
CA GLY B 37 39.23 40.79 6.13
C GLY B 37 38.77 39.42 5.67
N GLU B 38 39.19 38.98 4.49
CA GLU B 38 38.82 37.68 3.95
C GLU B 38 40.02 36.75 3.97
N VAL B 39 39.73 35.45 3.83
CA VAL B 39 40.77 34.43 3.79
C VAL B 39 40.46 33.49 2.62
N LEU B 40 41.52 32.82 2.15
CA LEU B 40 41.43 31.81 1.11
C LEU B 40 41.64 30.45 1.77
N LEU B 41 40.67 29.56 1.61
CA LEU B 41 40.67 28.27 2.27
C LEU B 41 40.93 27.17 1.25
N GLU B 42 41.89 26.30 1.56
CA GLU B 42 42.19 25.12 0.76
C GLU B 42 41.68 23.89 1.52
N ALA B 43 40.84 23.11 0.89
CA ALA B 43 40.25 21.96 1.55
C ALA B 43 41.30 20.89 1.80
N LEU B 44 41.38 20.44 3.06
CA LEU B 44 42.18 19.27 3.41
C LEU B 44 41.35 18.00 3.39
N PHE B 45 40.19 18.02 4.02
CA PHE B 45 39.26 16.91 4.02
C PHE B 45 37.85 17.43 3.76
N LEU B 46 37.08 16.66 3.01
CA LEU B 46 35.67 16.96 2.77
C LEU B 46 34.87 15.72 3.15
N THR B 47 33.63 15.94 3.58
CA THR B 47 32.77 14.85 3.99
C THR B 47 31.64 14.65 3.00
N VAL B 48 31.16 13.41 2.94
CA VAL B 48 29.89 13.09 2.27
C VAL B 48 29.00 12.38 3.29
N ASP B 49 27.72 12.76 3.32
CA ASP B 49 26.82 12.29 4.36
C ASP B 49 25.42 12.05 3.80
N PRO B 50 24.65 11.15 4.45
CA PRO B 50 23.34 10.80 3.89
C PRO B 50 22.40 11.99 3.67
N TYR B 51 22.45 12.99 4.57
CA TYR B 51 21.52 14.10 4.44
C TYR B 51 21.66 14.83 3.12
N MET B 52 22.82 14.73 2.47
CA MET B 52 23.01 15.39 1.19
C MET B 52 22.07 14.83 0.12
N ARG B 53 21.73 13.54 0.22
CA ARG B 53 20.78 12.96 -0.72
C ARG B 53 19.42 13.65 -0.64
N VAL B 54 19.01 14.07 0.55
CA VAL B 54 17.73 14.76 0.72
C VAL B 54 17.85 16.23 0.36
N ALA B 55 18.93 16.89 0.82
CA ALA B 55 19.05 18.33 0.64
C ALA B 55 19.22 18.70 -0.82
N ALA B 56 19.87 17.85 -1.61
CA ALA B 56 20.10 18.17 -3.02
C ALA B 56 18.81 18.31 -3.80
N LYS B 57 17.70 17.78 -3.29
CA LYS B 57 16.42 17.94 -3.98
C LYS B 57 15.94 19.39 -3.99
N ARG B 58 16.41 20.21 -3.06
CA ARG B 58 16.07 21.62 -3.04
C ARG B 58 17.00 22.47 -3.89
N LEU B 59 18.10 21.90 -4.37
CA LEU B 59 19.01 22.66 -5.21
C LEU B 59 18.41 22.89 -6.59
N LYS B 60 18.92 23.92 -7.26
CA LYS B 60 18.74 24.07 -8.70
C LYS B 60 19.90 23.39 -9.42
N GLU B 61 19.61 22.82 -10.58
CA GLU B 61 20.66 22.16 -11.34
C GLU B 61 21.73 23.16 -11.74
N GLY B 62 22.99 22.75 -11.62
CA GLY B 62 24.14 23.62 -11.75
C GLY B 62 24.70 24.10 -10.42
N ASP B 63 23.90 24.06 -9.36
CA ASP B 63 24.35 24.50 -8.05
C ASP B 63 25.43 23.57 -7.51
N THR B 64 26.24 24.12 -6.61
CA THR B 64 27.24 23.32 -5.93
C THR B 64 26.58 22.39 -4.92
N MET B 65 27.11 21.18 -4.79
CA MET B 65 26.66 20.25 -3.77
C MET B 65 27.02 20.79 -2.40
N MET B 66 26.08 20.69 -1.46
CA MET B 66 26.33 21.16 -0.10
C MET B 66 27.26 20.21 0.64
N GLY B 67 27.98 20.75 1.63
CA GLY B 67 28.83 19.91 2.45
C GLY B 67 29.84 20.68 3.27
N GLN B 68 30.39 20.01 4.29
CA GLN B 68 31.36 20.60 5.19
C GLN B 68 32.74 20.03 4.89
N GLN B 69 33.76 20.80 5.29
CA GLN B 69 35.15 20.41 5.06
C GLN B 69 36.01 20.96 6.18
N VAL B 70 37.16 20.33 6.38
CA VAL B 70 38.26 20.89 7.15
C VAL B 70 39.22 21.52 6.14
N ALA B 71 39.47 22.82 6.27
CA ALA B 71 40.31 23.54 5.34
C ALA B 71 41.36 24.33 6.11
N LYS B 72 42.48 24.62 5.45
CA LYS B 72 43.53 25.46 6.01
C LYS B 72 43.60 26.79 5.27
N VAL B 73 43.89 27.85 6.00
CA VAL B 73 44.06 29.16 5.38
C VAL B 73 45.39 29.15 4.63
N VAL B 74 45.34 29.44 3.33
CA VAL B 74 46.54 29.54 2.51
C VAL B 74 46.93 30.98 2.24
N GLU B 75 45.98 31.91 2.33
CA GLU B 75 46.24 33.34 2.16
C GLU B 75 45.25 34.08 3.04
N SER B 76 45.72 35.11 3.74
CA SER B 76 44.92 35.78 4.75
C SER B 76 45.05 37.29 4.69
N LYS B 77 43.90 37.97 4.71
CA LYS B 77 43.81 39.39 5.02
C LYS B 77 43.01 39.63 6.30
N ASN B 78 42.94 38.63 7.17
CA ASN B 78 42.18 38.67 8.41
C ASN B 78 43.11 38.24 9.53
N VAL B 79 43.34 39.14 10.50
CA VAL B 79 44.39 38.89 11.49
C VAL B 79 44.03 37.72 12.39
N ALA B 80 42.74 37.47 12.62
CA ALA B 80 42.32 36.36 13.46
C ALA B 80 42.48 35.00 12.78
N LEU B 81 42.75 34.97 11.48
CA LEU B 81 42.85 33.73 10.72
C LEU B 81 44.15 33.73 9.94
N PRO B 82 45.28 33.63 10.62
CA PRO B 82 46.58 33.63 9.94
C PRO B 82 46.76 32.40 9.05
N LYS B 83 47.69 32.54 8.11
CA LYS B 83 48.03 31.44 7.22
C LYS B 83 48.45 30.22 8.04
N GLY B 84 47.88 29.06 7.70
CA GLY B 84 48.09 27.84 8.43
C GLY B 84 46.95 27.45 9.35
N THR B 85 46.03 28.37 9.64
CA THR B 85 44.93 28.07 10.54
C THR B 85 44.02 27.00 9.96
N ILE B 86 43.62 26.05 10.80
CA ILE B 86 42.72 24.97 10.42
C ILE B 86 41.32 25.32 10.90
N VAL B 87 40.34 25.26 10.00
CA VAL B 87 38.97 25.66 10.31
C VAL B 87 38.00 24.65 9.72
N LEU B 88 36.77 24.70 10.21
CA LEU B 88 35.63 24.02 9.61
C LEU B 88 34.84 25.04 8.81
N ALA B 89 34.49 24.67 7.58
CA ALA B 89 33.73 25.54 6.70
C ALA B 89 32.78 24.69 5.88
N SER B 90 31.71 25.32 5.39
CA SER B 90 30.67 24.64 4.61
C SER B 90 30.44 25.38 3.29
N PRO B 91 31.46 25.46 2.44
CA PRO B 91 31.29 26.06 1.11
C PRO B 91 30.77 25.09 0.05
N GLY B 92 30.57 23.84 0.40
CA GLY B 92 30.14 22.83 -0.55
C GLY B 92 31.30 22.00 -1.05
N TRP B 93 31.02 21.25 -2.12
CA TRP B 93 32.03 20.37 -2.72
C TRP B 93 32.92 21.23 -3.61
N THR B 94 33.93 21.84 -2.99
CA THR B 94 34.85 22.72 -3.70
C THR B 94 36.21 22.67 -3.02
N THR B 95 37.27 22.75 -3.82
CA THR B 95 38.62 22.64 -3.30
C THR B 95 39.12 23.96 -2.69
N HIS B 96 38.57 25.09 -3.10
CA HIS B 96 39.01 26.38 -2.60
C HIS B 96 37.81 27.31 -2.48
N SER B 97 37.87 28.21 -1.51
CA SER B 97 36.76 29.12 -1.24
C SER B 97 37.29 30.38 -0.56
N ILE B 98 36.47 31.41 -0.56
CA ILE B 98 36.77 32.69 0.08
C ILE B 98 35.74 32.92 1.18
N SER B 99 36.22 33.32 2.36
CA SER B 99 35.34 33.56 3.50
C SER B 99 35.76 34.83 4.24
N ASP B 100 34.77 35.55 4.76
CA ASP B 100 35.04 36.72 5.59
C ASP B 100 35.24 36.37 7.07
N GLY B 101 35.07 35.10 7.44
CA GLY B 101 35.30 34.63 8.79
C GLY B 101 34.04 34.43 9.60
N LYS B 102 32.92 35.05 9.21
CA LYS B 102 31.70 34.94 10.02
C LYS B 102 31.05 33.57 9.92
N ASP B 103 31.38 32.78 8.90
CA ASP B 103 30.84 31.44 8.74
C ASP B 103 31.86 30.35 9.05
N LEU B 104 33.01 30.72 9.63
CA LEU B 104 34.06 29.76 9.94
C LEU B 104 34.04 29.42 11.42
N GLU B 105 34.68 28.29 11.74
CA GLU B 105 34.70 27.77 13.10
C GLU B 105 36.04 27.09 13.31
N LYS B 106 36.85 27.61 14.24
CA LYS B 106 38.11 26.96 14.55
C LYS B 106 37.86 25.58 15.13
N LEU B 107 38.81 24.68 14.92
CA LEU B 107 38.75 23.36 15.55
C LEU B 107 38.88 23.50 17.07
N LEU B 108 38.57 22.41 17.77
CA LEU B 108 38.72 22.38 19.21
C LEU B 108 40.17 22.65 19.60
N THR B 109 40.35 23.43 20.67
CA THR B 109 41.66 24.00 20.98
C THR B 109 42.65 22.96 21.50
N GLU B 110 42.17 21.94 22.20
CA GLU B 110 43.04 20.98 22.88
C GLU B 110 43.27 19.74 22.04
N TRP B 111 43.40 19.92 20.72
CA TRP B 111 43.40 18.82 19.76
C TRP B 111 44.80 18.27 19.62
N PRO B 112 45.07 17.05 20.09
CA PRO B 112 46.44 16.51 19.98
C PRO B 112 46.77 16.00 18.59
N ASP B 113 48.07 15.97 18.31
CA ASP B 113 48.55 15.54 17.01
C ASP B 113 48.20 14.10 16.69
N THR B 114 47.90 13.30 17.70
CA THR B 114 47.70 11.87 17.49
C THR B 114 46.39 11.54 16.77
N ILE B 115 45.39 12.40 16.87
CA ILE B 115 44.05 12.11 16.36
C ILE B 115 43.82 12.90 15.08
N PRO B 116 43.37 12.25 13.99
CA PRO B 116 43.30 12.94 12.70
C PRO B 116 42.37 14.15 12.73
N LEU B 117 42.75 15.17 11.95
CA LEU B 117 41.88 16.33 11.78
C LEU B 117 40.58 15.98 11.07
N SER B 118 40.57 14.88 10.32
CA SER B 118 39.33 14.46 9.65
C SER B 118 38.27 13.99 10.64
N LEU B 119 38.63 13.73 11.90
CA LEU B 119 37.61 13.43 12.90
C LEU B 119 36.71 14.62 13.19
N ALA B 120 37.14 15.83 12.85
CA ALA B 120 36.29 17.01 13.04
C ALA B 120 35.06 16.97 12.13
N LEU B 121 35.02 16.10 11.14
CA LEU B 121 33.86 15.90 10.28
C LEU B 121 33.08 14.65 10.64
N GLY B 122 33.48 13.96 11.71
CA GLY B 122 32.95 12.65 12.06
C GLY B 122 32.64 12.52 13.53
N THR B 123 33.32 11.59 14.19
CA THR B 123 33.08 11.30 15.60
C THR B 123 33.19 12.55 16.47
N VAL B 124 34.10 13.46 16.13
CA VAL B 124 34.30 14.68 16.91
C VAL B 124 33.79 15.85 16.09
N GLY B 125 32.74 15.61 15.32
CA GLY B 125 32.08 16.64 14.55
C GLY B 125 30.58 16.43 14.53
N MET B 126 29.91 16.94 13.49
CA MET B 126 28.46 16.94 13.47
C MET B 126 27.85 15.55 13.64
N PRO B 127 28.37 14.49 13.02
CA PRO B 127 27.79 13.16 13.29
C PRO B 127 27.85 12.78 14.77
N GLY B 128 29.01 13.00 15.40
CA GLY B 128 29.13 12.69 16.82
C GLY B 128 28.18 13.52 17.68
N LEU B 129 28.02 14.79 17.33
CA LEU B 129 27.08 15.64 18.06
C LEU B 129 25.65 15.20 17.86
N THR B 130 25.31 14.70 16.66
CA THR B 130 23.98 14.17 16.43
C THR B 130 23.71 12.97 17.32
N ALA B 131 24.70 12.07 17.44
CA ALA B 131 24.57 10.94 18.34
C ALA B 131 24.44 11.41 19.79
N TYR B 132 25.25 12.40 20.16
CA TYR B 132 25.31 12.85 21.55
C TYR B 132 23.96 13.40 22.01
N PHE B 133 23.40 14.34 21.25
CA PHE B 133 22.15 14.96 21.66
C PHE B 133 20.95 14.06 21.37
N GLY B 134 21.00 13.29 20.29
CA GLY B 134 19.91 12.37 20.02
C GLY B 134 19.75 11.32 21.10
N LEU B 135 20.88 10.79 21.60
CA LEU B 135 20.82 9.76 22.62
C LEU B 135 20.50 10.35 23.99
N LEU B 136 21.22 11.41 24.38
CA LEU B 136 21.15 11.89 25.75
C LEU B 136 19.94 12.77 26.01
N GLU B 137 19.46 13.51 25.02
CA GLU B 137 18.32 14.41 25.22
C GLU B 137 17.03 13.93 24.55
N ILE B 138 17.09 13.46 23.31
CA ILE B 138 15.86 13.01 22.65
C ILE B 138 15.41 11.66 23.20
N CYS B 139 16.30 10.67 23.19
CA CYS B 139 16.01 9.40 23.85
C CYS B 139 15.99 9.56 25.37
N GLY B 140 16.89 10.41 25.90
CA GLY B 140 16.92 10.69 27.33
C GLY B 140 17.41 9.57 28.20
N VAL B 141 18.48 8.88 27.80
CA VAL B 141 19.01 7.80 28.61
C VAL B 141 19.56 8.36 29.92
N LYS B 142 19.25 7.69 31.02
CA LYS B 142 19.88 7.94 32.31
C LYS B 142 20.87 6.87 32.72
N GLY B 143 20.64 5.62 32.31
CA GLY B 143 21.52 4.52 32.63
C GLY B 143 20.76 3.22 32.74
N GLY B 144 21.34 2.14 32.21
CA GLY B 144 20.72 0.83 32.28
C GLY B 144 19.72 0.51 31.19
N GLU B 145 19.43 1.46 30.30
CA GLU B 145 18.45 1.21 29.26
C GLU B 145 19.02 0.30 28.19
N THR B 146 18.13 -0.43 27.53
CA THR B 146 18.48 -1.21 26.35
C THR B 146 18.21 -0.34 25.12
N VAL B 147 19.24 -0.16 24.30
CA VAL B 147 19.22 0.80 23.19
C VAL B 147 19.41 0.03 21.90
N MET B 148 18.53 0.28 20.94
CA MET B 148 18.65 -0.24 19.58
C MET B 148 19.08 0.91 18.69
N VAL B 149 20.15 0.71 17.94
CA VAL B 149 20.65 1.71 17.01
C VAL B 149 20.96 0.98 15.70
N ASN B 150 20.45 1.50 14.60
CA ASN B 150 20.70 0.94 13.28
C ASN B 150 21.64 1.86 12.51
N ALA B 151 22.13 1.38 11.37
CA ALA B 151 23.23 2.04 10.68
C ALA B 151 24.37 2.26 11.66
N ALA B 152 24.60 1.26 12.50
CA ALA B 152 25.38 1.44 13.72
C ALA B 152 26.86 1.62 13.44
N ALA B 153 27.34 1.26 12.26
CA ALA B 153 28.75 1.41 11.91
C ALA B 153 29.07 2.78 11.34
N GLY B 154 28.08 3.63 11.11
CA GLY B 154 28.32 4.99 10.69
C GLY B 154 28.84 5.85 11.83
N ALA B 155 29.22 7.09 11.49
CA ALA B 155 29.77 7.97 12.50
C ALA B 155 28.75 8.30 13.57
N VAL B 156 27.47 8.38 13.21
CA VAL B 156 26.43 8.60 14.21
C VAL B 156 26.21 7.35 15.06
N GLY B 157 25.97 6.22 14.39
CA GLY B 157 25.63 5.01 15.12
C GLY B 157 26.72 4.56 16.07
N SER B 158 27.97 4.58 15.61
CA SER B 158 29.07 4.12 16.45
C SER B 158 29.21 4.99 17.70
N VAL B 159 29.00 6.29 17.56
CA VAL B 159 29.08 7.18 18.73
C VAL B 159 27.90 6.92 19.65
N VAL B 160 26.71 6.69 19.09
CA VAL B 160 25.53 6.44 19.91
C VAL B 160 25.77 5.24 20.82
N GLY B 161 26.21 4.13 20.25
CA GLY B 161 26.38 2.92 21.04
C GLY B 161 27.44 3.08 22.12
N GLN B 162 28.55 3.73 21.79
CA GLN B 162 29.64 3.82 22.75
C GLN B 162 29.31 4.76 23.89
N ILE B 163 28.61 5.86 23.60
CA ILE B 163 28.12 6.73 24.68
C ILE B 163 27.13 5.97 25.54
N ALA B 164 26.25 5.18 24.91
CA ALA B 164 25.30 4.39 25.68
C ALA B 164 26.03 3.40 26.59
N LYS B 165 27.09 2.77 26.08
CA LYS B 165 27.85 1.82 26.90
C LYS B 165 28.44 2.48 28.13
N LEU B 166 28.95 3.71 28.00
CA LEU B 166 29.55 4.35 29.17
C LEU B 166 28.50 4.99 30.08
N LYS B 167 27.22 4.90 29.73
CA LYS B 167 26.14 5.19 30.67
C LYS B 167 25.55 3.91 31.26
N GLY B 168 26.16 2.76 31.01
CA GLY B 168 25.69 1.51 31.56
C GLY B 168 24.60 0.82 30.77
N CYS B 169 24.39 1.21 29.52
CA CYS B 169 23.30 0.68 28.71
C CYS B 169 23.70 -0.61 28.00
N LYS B 170 22.72 -1.46 27.75
CA LYS B 170 22.85 -2.54 26.79
C LYS B 170 22.58 -2.00 25.40
N VAL B 171 23.41 -2.39 24.43
CA VAL B 171 23.39 -1.78 23.10
C VAL B 171 23.31 -2.88 22.05
N VAL B 172 22.30 -2.78 21.19
CA VAL B 172 22.09 -3.69 20.07
C VAL B 172 22.22 -2.85 18.81
N GLY B 173 23.12 -3.26 17.91
CA GLY B 173 23.41 -2.50 16.71
C GLY B 173 23.21 -3.33 15.46
N ALA B 174 22.55 -2.73 14.46
CA ALA B 174 22.36 -3.35 13.15
C ALA B 174 23.27 -2.66 12.15
N VAL B 175 24.05 -3.45 11.41
CA VAL B 175 24.98 -2.96 10.42
C VAL B 175 24.75 -3.68 9.10
N GLY B 176 25.44 -3.22 8.05
CA GLY B 176 25.21 -3.70 6.70
C GLY B 176 26.28 -4.59 6.10
N SER B 177 27.27 -5.03 6.88
CA SER B 177 28.27 -5.94 6.34
C SER B 177 28.85 -6.74 7.50
N ASP B 178 29.43 -7.89 7.15
CA ASP B 178 30.07 -8.73 8.16
C ASP B 178 31.29 -8.04 8.75
N GLU B 179 32.10 -7.39 7.90
CA GLU B 179 33.27 -6.69 8.42
C GLU B 179 32.85 -5.54 9.32
N LYS B 180 31.66 -4.98 9.12
CA LYS B 180 31.16 -3.97 10.03
C LYS B 180 30.71 -4.57 11.36
N VAL B 181 30.29 -5.84 11.35
CA VAL B 181 29.97 -6.51 12.60
C VAL B 181 31.22 -6.63 13.47
N ALA B 182 32.32 -7.09 12.88
CA ALA B 182 33.56 -7.21 13.63
C ALA B 182 34.01 -5.86 14.18
N TYR B 183 33.72 -4.78 13.45
CA TYR B 183 34.14 -3.46 13.90
C TYR B 183 33.39 -3.02 15.15
N LEU B 184 32.08 -3.23 15.19
CA LEU B 184 31.30 -2.79 16.34
C LEU B 184 31.51 -3.69 17.54
N GLN B 185 31.78 -4.99 17.32
CA GLN B 185 32.15 -5.85 18.44
C GLN B 185 33.46 -5.41 19.06
N LYS B 186 34.37 -4.85 18.26
CA LYS B 186 35.56 -4.23 18.84
C LYS B 186 35.20 -2.99 19.65
N LEU B 187 34.14 -2.27 19.27
CA LEU B 187 33.74 -1.07 19.99
C LEU B 187 32.95 -1.36 21.26
N GLY B 188 32.60 -2.62 21.52
CA GLY B 188 31.95 -2.98 22.76
C GLY B 188 30.45 -3.14 22.69
N PHE B 189 29.85 -3.13 21.50
CA PHE B 189 28.41 -3.37 21.39
C PHE B 189 28.06 -4.72 21.98
N ASP B 190 26.93 -4.78 22.68
CA ASP B 190 26.50 -6.03 23.31
C ASP B 190 26.07 -7.05 22.26
N VAL B 191 25.26 -6.63 21.29
CA VAL B 191 24.80 -7.50 20.22
C VAL B 191 24.92 -6.75 18.90
N VAL B 192 25.59 -7.36 17.93
CA VAL B 192 25.73 -6.79 16.59
C VAL B 192 25.31 -7.84 15.57
N PHE B 193 24.51 -7.43 14.59
CA PHE B 193 24.11 -8.34 13.54
C PHE B 193 24.04 -7.60 12.21
N ASN B 194 24.24 -8.37 11.14
CA ASN B 194 24.12 -7.87 9.77
C ASN B 194 22.67 -8.05 9.34
N TYR B 195 21.92 -6.95 9.27
CA TYR B 195 20.49 -7.06 8.98
C TYR B 195 20.20 -7.58 7.58
N LYS B 196 21.21 -7.61 6.70
CA LYS B 196 21.00 -8.08 5.34
C LYS B 196 21.10 -9.60 5.22
N THR B 197 21.82 -10.24 6.15
CA THR B 197 22.05 -11.68 6.07
C THR B 197 21.30 -12.48 7.14
N VAL B 198 20.61 -11.83 8.07
CA VAL B 198 19.85 -12.57 9.08
C VAL B 198 18.68 -13.28 8.41
N GLU B 199 18.12 -14.25 9.12
CA GLU B 199 17.00 -15.03 8.60
C GLU B 199 15.69 -14.31 8.83
N SER B 200 15.46 -13.83 10.05
CA SER B 200 14.32 -13.01 10.39
C SER B 200 14.80 -11.82 11.21
N LEU B 201 14.43 -10.60 10.79
CA LEU B 201 14.77 -9.43 11.58
C LEU B 201 14.08 -9.47 12.94
N GLU B 202 12.80 -9.84 12.97
CA GLU B 202 12.05 -9.86 14.22
C GLU B 202 12.68 -10.83 15.22
N GLU B 203 13.07 -12.01 14.76
CA GLU B 203 13.63 -13.00 15.68
C GLU B 203 15.03 -12.59 16.13
N THR B 204 15.83 -12.00 15.24
CA THR B 204 17.15 -11.53 15.65
C THR B 204 17.05 -10.49 16.75
N LEU B 205 16.14 -9.54 16.59
CA LEU B 205 15.95 -8.51 17.61
C LEU B 205 15.44 -9.10 18.92
N LYS B 206 14.51 -10.06 18.84
CA LYS B 206 13.98 -10.67 20.05
C LYS B 206 15.08 -11.41 20.82
N LYS B 207 15.93 -12.15 20.09
CA LYS B 207 17.03 -12.85 20.74
C LYS B 207 18.02 -11.85 21.35
N ALA B 208 18.22 -10.71 20.68
CA ALA B 208 19.15 -9.72 21.18
C ALA B 208 18.65 -9.08 22.46
N SER B 209 17.34 -8.85 22.58
CA SER B 209 16.75 -8.26 23.78
C SER B 209 15.37 -8.85 23.98
N PRO B 210 15.27 -10.00 24.64
CA PRO B 210 13.94 -10.63 24.81
C PRO B 210 12.91 -9.73 25.47
N ASP B 211 13.32 -8.88 26.41
CA ASP B 211 12.39 -8.04 27.16
C ASP B 211 12.13 -6.70 26.51
N GLY B 212 12.63 -6.46 25.30
CA GLY B 212 12.27 -5.28 24.54
C GLY B 212 13.34 -4.20 24.63
N TYR B 213 13.01 -3.06 24.02
CA TYR B 213 13.94 -1.95 23.86
C TYR B 213 13.37 -0.68 24.48
N ASP B 214 14.17 -0.03 25.33
CA ASP B 214 13.76 1.22 25.95
C ASP B 214 13.91 2.40 25.00
N CYS B 215 14.95 2.37 24.17
CA CYS B 215 15.29 3.50 23.32
C CYS B 215 15.65 3.00 21.93
N TYR B 216 15.22 3.76 20.92
CA TYR B 216 15.46 3.44 19.52
C TYR B 216 16.07 4.67 18.87
N PHE B 217 17.36 4.61 18.56
CA PHE B 217 18.03 5.67 17.81
C PHE B 217 17.97 5.27 16.34
N ASP B 218 17.07 5.92 15.60
CA ASP B 218 16.64 5.48 14.29
C ASP B 218 17.28 6.37 13.21
N ASN B 219 18.15 5.76 12.40
CA ASN B 219 18.72 6.41 11.23
C ASN B 219 18.16 5.89 9.91
N VAL B 220 17.31 4.86 9.95
CA VAL B 220 17.01 4.08 8.76
C VAL B 220 15.54 4.18 8.36
N GLY B 221 14.62 4.10 9.31
CA GLY B 221 13.22 4.21 8.96
C GLY B 221 12.73 2.99 8.20
N GLY B 222 11.59 3.17 7.53
CA GLY B 222 11.08 2.12 6.69
C GLY B 222 10.57 0.92 7.49
N GLU B 223 10.55 -0.22 6.81
CA GLU B 223 10.03 -1.45 7.43
C GLU B 223 10.94 -1.93 8.56
N PHE B 224 12.21 -1.57 8.55
CA PHE B 224 13.07 -1.89 9.68
C PHE B 224 12.49 -1.32 10.97
N SER B 225 12.04 -0.07 10.94
CA SER B 225 11.56 0.59 12.14
C SER B 225 10.21 0.07 12.60
N ASN B 226 9.40 -0.47 11.67
CA ASN B 226 8.16 -1.09 12.10
C ASN B 226 8.44 -2.34 12.93
N THR B 227 9.45 -3.12 12.52
CA THR B 227 9.83 -4.29 13.31
C THR B 227 10.35 -3.89 14.68
N VAL B 228 11.20 -2.87 14.74
CA VAL B 228 11.75 -2.44 16.03
C VAL B 228 10.64 -1.88 16.92
N ILE B 229 9.70 -1.14 16.33
CA ILE B 229 8.62 -0.52 17.11
C ILE B 229 7.76 -1.59 17.76
N GLY B 230 7.62 -2.74 17.13
CA GLY B 230 6.86 -3.84 17.72
C GLY B 230 7.55 -4.53 18.87
N GLN B 231 8.78 -4.12 19.21
CA GLN B 231 9.51 -4.67 20.35
C GLN B 231 9.95 -3.58 21.33
N MET B 232 9.35 -2.40 21.24
CA MET B 232 9.61 -1.34 22.21
C MET B 232 8.88 -1.63 23.51
N LYS B 233 9.55 -1.36 24.63
CA LYS B 233 8.91 -1.45 25.93
C LYS B 233 7.91 -0.30 26.09
N LYS B 234 7.10 -0.41 27.14
CA LYS B 234 6.14 0.65 27.43
C LYS B 234 6.87 1.96 27.70
N PHE B 235 6.29 3.06 27.23
CA PHE B 235 6.90 4.38 27.29
C PHE B 235 8.25 4.44 26.56
N GLY B 236 8.46 3.55 25.60
CA GLY B 236 9.70 3.58 24.84
C GLY B 236 9.86 4.90 24.10
N ARG B 237 11.11 5.32 23.93
CA ARG B 237 11.44 6.58 23.27
C ARG B 237 12.19 6.30 21.98
N ILE B 238 11.79 7.00 20.92
CA ILE B 238 12.40 6.87 19.60
C ILE B 238 12.94 8.25 19.22
N ALA B 239 14.23 8.30 18.89
CA ALA B 239 14.86 9.49 18.34
C ALA B 239 14.93 9.30 16.82
N ILE B 240 14.13 10.08 16.09
CA ILE B 240 14.10 9.99 14.64
C ILE B 240 15.20 10.89 14.11
N CYS B 241 16.36 10.30 13.84
CA CYS B 241 17.52 11.02 13.36
C CYS B 241 17.57 11.07 11.84
N GLY B 242 17.29 9.94 11.20
CA GLY B 242 17.31 9.86 9.75
C GLY B 242 16.45 8.71 9.27
N ALA B 243 16.25 8.68 7.95
CA ALA B 243 15.46 7.65 7.29
C ALA B 243 16.17 7.18 6.02
N ILE B 244 17.45 6.80 6.14
CA ILE B 244 18.28 6.58 4.96
C ILE B 244 17.70 5.52 4.04
N SER B 245 16.91 4.58 4.57
CA SER B 245 16.33 3.54 3.71
C SER B 245 15.28 4.08 2.76
N THR B 246 14.82 5.31 2.96
CA THR B 246 13.80 5.91 2.12
C THR B 246 14.32 7.01 1.21
N TYR B 247 15.55 7.50 1.44
CA TYR B 247 16.02 8.68 0.70
C TYR B 247 16.10 8.42 -0.79
N ASN B 248 16.55 7.23 -1.17
CA ASN B 248 16.71 6.87 -2.57
C ASN B 248 15.50 6.10 -3.10
N ARG B 249 14.36 6.18 -2.42
CA ARG B 249 13.19 5.42 -2.83
C ARG B 249 12.68 5.90 -4.18
N THR B 250 12.10 4.97 -4.94
CA THR B 250 11.42 5.27 -6.18
C THR B 250 9.94 4.93 -6.14
N GLY B 251 9.47 4.29 -5.07
CA GLY B 251 8.07 3.98 -4.91
C GLY B 251 7.45 4.71 -3.74
N PRO B 252 6.24 4.32 -3.35
CA PRO B 252 5.60 4.94 -2.19
C PRO B 252 6.25 4.48 -0.89
N LEU B 253 6.07 5.31 0.13
CA LEU B 253 6.62 4.98 1.44
C LEU B 253 5.98 3.70 1.96
N PRO B 254 6.73 2.84 2.65
CA PRO B 254 6.14 1.61 3.17
C PRO B 254 5.10 1.91 4.23
N PRO B 255 4.30 0.93 4.63
CA PRO B 255 3.27 1.19 5.65
C PRO B 255 3.90 1.73 6.92
N GLY B 256 3.17 2.63 7.57
CA GLY B 256 3.64 3.20 8.80
C GLY B 256 3.63 2.19 9.93
N PRO B 257 4.12 2.59 11.09
CA PRO B 257 4.08 1.71 12.27
C PRO B 257 2.66 1.38 12.65
N PRO B 258 2.38 0.14 13.06
CA PRO B 258 1.01 -0.22 13.44
C PRO B 258 0.52 0.62 14.60
N PRO B 259 -0.48 1.47 14.38
CA PRO B 259 -0.86 2.43 15.42
C PRO B 259 -1.29 1.79 16.73
N GLU B 260 -1.86 0.59 16.69
CA GLU B 260 -2.34 -0.03 17.93
C GLU B 260 -1.18 -0.38 18.85
N ILE B 261 -0.04 -0.80 18.29
CA ILE B 261 1.16 -1.03 19.11
C ILE B 261 1.65 0.28 19.69
N VAL B 262 1.71 1.33 18.86
CA VAL B 262 2.20 2.62 19.33
C VAL B 262 1.38 3.12 20.50
N ILE B 263 0.05 3.00 20.41
CA ILE B 263 -0.83 3.55 21.44
C ILE B 263 -0.75 2.71 22.71
N TYR B 264 -0.83 1.39 22.58
CA TYR B 264 -0.82 0.54 23.76
C TYR B 264 0.48 0.68 24.54
N GLN B 265 1.60 0.76 23.82
CA GLN B 265 2.90 0.98 24.47
C GLN B 265 3.18 2.44 24.76
N GLU B 266 2.31 3.37 24.34
CA GLU B 266 2.42 4.78 24.64
C GLU B 266 3.81 5.32 24.28
N LEU B 267 4.19 5.11 23.01
CA LEU B 267 5.53 5.43 22.57
C LEU B 267 5.68 6.94 22.31
N ARG B 268 6.85 7.46 22.68
CA ARG B 268 7.24 8.84 22.42
C ARG B 268 8.25 8.83 21.28
N MET B 269 7.97 9.58 20.22
CA MET B 269 8.78 9.55 19.00
C MET B 269 9.01 10.99 18.57
N GLU B 270 10.26 11.46 18.65
CA GLU B 270 10.60 12.84 18.33
C GLU B 270 11.74 12.87 17.33
N ALA B 271 11.61 13.72 16.32
CA ALA B 271 12.66 13.95 15.34
C ALA B 271 13.45 15.20 15.72
N PHE B 272 14.69 15.26 15.23
CA PHE B 272 15.60 16.33 15.62
C PHE B 272 16.68 16.48 14.57
N VAL B 273 17.31 17.65 14.55
CA VAL B 273 18.57 17.86 13.85
C VAL B 273 19.53 18.53 14.80
N VAL B 274 20.83 18.25 14.60
CA VAL B 274 21.84 18.66 15.58
C VAL B 274 21.84 20.16 15.79
N TYR B 275 21.43 20.94 14.78
CA TYR B 275 21.50 22.39 14.89
C TYR B 275 20.54 22.98 15.90
N ARG B 276 19.60 22.19 16.42
CA ARG B 276 18.72 22.69 17.47
C ARG B 276 19.52 23.23 18.66
N TRP B 277 20.67 22.64 18.93
CA TRP B 277 21.57 23.08 19.99
C TRP B 277 22.69 23.94 19.40
N GLN B 278 23.18 24.89 20.22
CA GLN B 278 24.26 25.77 19.79
C GLN B 278 25.01 26.26 21.02
N GLY B 279 26.01 27.10 20.78
CA GLY B 279 26.67 27.84 21.84
C GLY B 279 27.32 26.94 22.86
N ASP B 280 27.09 27.26 24.14
CA ASP B 280 27.65 26.47 25.23
C ASP B 280 27.36 24.98 25.04
N ALA B 281 26.11 24.65 24.73
CA ALA B 281 25.73 23.24 24.61
C ALA B 281 26.57 22.55 23.55
N ARG B 282 26.65 23.13 22.36
CA ARG B 282 27.36 22.47 21.27
C ARG B 282 28.83 22.31 21.59
N GLN B 283 29.47 23.38 22.05
CA GLN B 283 30.90 23.33 22.36
C GLN B 283 31.20 22.31 23.45
N LYS B 284 30.37 22.29 24.50
CA LYS B 284 30.62 21.38 25.61
C LYS B 284 30.51 19.92 25.18
N ALA B 285 29.55 19.61 24.31
CA ALA B 285 29.44 18.24 23.81
C ALA B 285 30.67 17.87 22.98
N LEU B 286 31.16 18.80 22.15
CA LEU B 286 32.35 18.52 21.37
C LEU B 286 33.55 18.24 22.27
N LYS B 287 33.68 19.01 23.35
CA LYS B 287 34.77 18.76 24.30
C LYS B 287 34.66 17.36 24.89
N ASP B 288 33.45 16.94 25.24
CA ASP B 288 33.25 15.59 25.78
C ASP B 288 33.62 14.53 24.75
N LEU B 289 33.20 14.71 23.50
CA LEU B 289 33.51 13.72 22.47
C LEU B 289 35.01 13.55 22.33
N LEU B 290 35.74 14.66 22.23
CA LEU B 290 37.18 14.56 22.10
C LEU B 290 37.80 13.87 23.31
N LYS B 291 37.35 14.24 24.52
CA LYS B 291 37.91 13.62 25.72
C LYS B 291 37.68 12.12 25.72
N TRP B 292 36.47 11.69 25.37
CA TRP B 292 36.15 10.27 25.40
C TRP B 292 36.91 9.50 24.33
N VAL B 293 37.22 10.13 23.20
CA VAL B 293 38.10 9.50 22.22
C VAL B 293 39.48 9.28 22.83
N LEU B 294 40.02 10.30 23.48
CA LEU B 294 41.37 10.20 24.03
C LEU B 294 41.43 9.29 25.25
N GLU B 295 40.32 9.12 25.97
CA GLU B 295 40.27 8.16 27.06
C GLU B 295 40.01 6.75 26.56
N GLY B 296 39.75 6.57 25.27
CA GLY B 296 39.46 5.26 24.72
C GLY B 296 38.03 4.81 24.88
N LYS B 297 37.14 5.69 25.35
CA LYS B 297 35.74 5.32 25.49
C LYS B 297 34.99 5.39 24.17
N ILE B 298 35.52 6.11 23.17
CA ILE B 298 34.92 6.19 21.84
C ILE B 298 36.03 5.92 20.84
N GLN B 299 36.03 4.73 20.26
CA GLN B 299 36.89 4.38 19.14
C GLN B 299 36.22 4.78 17.83
N TYR B 300 37.01 4.82 16.76
CA TYR B 300 36.54 5.35 15.50
C TYR B 300 37.20 4.60 14.35
N LYS B 301 36.60 4.72 13.17
CA LYS B 301 37.13 4.16 11.95
C LYS B 301 36.80 5.12 10.80
N GLU B 302 37.77 5.34 9.93
CA GLU B 302 37.62 6.24 8.78
C GLU B 302 37.91 5.48 7.49
N TYR B 303 37.14 5.78 6.46
CA TYR B 303 37.38 5.31 5.10
C TYR B 303 37.84 6.52 4.29
N ILE B 304 39.16 6.63 4.11
CA ILE B 304 39.74 7.80 3.47
C ILE B 304 39.92 7.51 1.98
N ILE B 305 39.32 8.35 1.15
CA ILE B 305 39.39 8.23 -0.31
C ILE B 305 40.21 9.41 -0.81
N GLU B 306 41.32 9.13 -1.48
CA GLU B 306 42.21 10.18 -1.97
C GLU B 306 41.70 10.72 -3.29
N GLY B 307 41.58 12.05 -3.39
CA GLY B 307 41.24 12.70 -4.63
C GLY B 307 39.87 13.36 -4.63
N PHE B 308 39.85 14.68 -4.82
CA PHE B 308 38.60 15.41 -4.93
C PHE B 308 37.77 14.92 -6.11
N GLU B 309 38.42 14.46 -7.18
CA GLU B 309 37.71 13.95 -8.34
C GLU B 309 36.88 12.71 -8.03
N ASN B 310 37.13 12.07 -6.89
CA ASN B 310 36.42 10.87 -6.49
C ASN B 310 35.28 11.16 -5.53
N MET B 311 34.92 12.42 -5.34
CA MET B 311 33.89 12.75 -4.36
C MET B 311 32.52 12.16 -4.70
N PRO B 312 32.03 12.25 -5.95
CA PRO B 312 30.77 11.55 -6.27
C PRO B 312 30.83 10.07 -5.98
N ALA B 313 31.95 9.41 -6.31
CA ALA B 313 32.08 7.99 -6.04
C ALA B 313 32.06 7.71 -4.53
N ALA B 314 32.72 8.56 -3.75
CA ALA B 314 32.70 8.38 -2.30
C ALA B 314 31.29 8.54 -1.75
N PHE B 315 30.56 9.53 -2.26
CA PHE B 315 29.18 9.78 -1.81
C PHE B 315 28.28 8.60 -2.14
N MET B 316 28.39 8.07 -3.36
CA MET B 316 27.53 6.96 -3.76
C MET B 316 27.85 5.68 -3.00
N GLY B 317 29.14 5.39 -2.80
CA GLY B 317 29.53 4.23 -2.03
C GLY B 317 29.11 4.34 -0.58
N MET B 318 29.16 5.56 -0.04
CA MET B 318 28.67 5.78 1.32
C MET B 318 27.18 5.49 1.43
N LEU B 319 26.40 6.01 0.48
CA LEU B 319 24.95 5.76 0.49
C LEU B 319 24.64 4.28 0.41
N LYS B 320 25.51 3.50 -0.25
CA LYS B 320 25.28 2.08 -0.46
C LYS B 320 25.85 1.21 0.64
N GLY B 321 26.51 1.79 1.64
CA GLY B 321 27.06 1.01 2.73
C GLY B 321 28.31 0.24 2.39
N ASP B 322 28.96 0.58 1.27
CA ASP B 322 30.14 -0.15 0.84
C ASP B 322 31.35 0.11 1.73
N ASN B 323 31.39 1.24 2.43
CA ASN B 323 32.62 1.73 3.05
C ASN B 323 32.59 1.51 4.56
N LEU B 324 33.66 0.89 5.07
CA LEU B 324 33.83 0.65 6.51
C LEU B 324 34.44 1.89 7.14
N GLY B 325 33.66 2.61 7.92
CA GLY B 325 34.08 3.82 8.57
C GLY B 325 33.48 5.05 7.92
N LYS B 326 33.55 6.17 8.65
CA LYS B 326 33.10 7.45 8.12
C LYS B 326 33.81 7.75 6.81
N THR B 327 33.03 8.04 5.77
CA THR B 327 33.62 8.32 4.46
C THR B 327 34.13 9.75 4.43
N ILE B 328 35.42 9.90 4.12
CA ILE B 328 36.05 11.21 4.03
C ILE B 328 36.90 11.23 2.77
N VAL B 329 36.83 12.35 2.04
CA VAL B 329 37.65 12.58 0.86
C VAL B 329 38.80 13.49 1.22
N LYS B 330 40.03 13.03 0.99
CA LYS B 330 41.23 13.82 1.21
C LYS B 330 41.61 14.52 -0.10
N ALA B 331 41.61 15.85 -0.08
CA ALA B 331 41.99 16.61 -1.26
C ALA B 331 43.37 16.19 -1.74
N SER C 4 -53.64 -3.79 -5.56
CA SER C 4 -53.39 -4.55 -4.35
C SER C 4 -52.30 -3.88 -3.52
N MET C 5 -52.02 -4.45 -2.35
CA MET C 5 -50.95 -3.95 -1.51
C MET C 5 -49.65 -4.71 -1.82
N THR C 6 -48.53 -4.04 -1.54
CA THR C 6 -47.22 -4.63 -1.76
C THR C 6 -46.28 -4.16 -0.65
N LYS C 7 -45.32 -5.03 -0.33
CA LYS C 7 -44.25 -4.72 0.60
C LYS C 7 -42.94 -4.65 -0.18
N THR C 8 -42.04 -3.75 0.23
CA THR C 8 -40.85 -3.46 -0.55
C THR C 8 -39.69 -3.12 0.37
N TRP C 9 -38.54 -3.75 0.15
CA TRP C 9 -37.32 -3.43 0.88
C TRP C 9 -36.52 -2.40 0.09
N THR C 10 -36.19 -1.29 0.75
CA THR C 10 -35.44 -0.20 0.15
C THR C 10 -34.13 -0.01 0.90
N LEU C 11 -33.18 0.65 0.22
CA LEU C 11 -31.86 0.91 0.78
C LEU C 11 -31.92 2.19 1.59
N LYS C 12 -32.12 2.07 2.90
CA LYS C 12 -32.18 3.26 3.74
C LYS C 12 -30.83 3.99 3.75
N LYS C 13 -29.73 3.25 3.90
CA LYS C 13 -28.41 3.84 3.98
C LYS C 13 -27.43 3.00 3.16
N HIS C 14 -26.55 3.67 2.44
CA HIS C 14 -25.50 2.96 1.71
C HIS C 14 -24.63 2.16 2.68
N PHE C 15 -24.27 0.95 2.26
CA PHE C 15 -23.51 0.07 3.13
C PHE C 15 -22.12 0.62 3.39
N VAL C 16 -21.60 0.33 4.58
CA VAL C 16 -20.22 0.61 4.96
C VAL C 16 -19.65 -0.68 5.51
N GLY C 17 -18.72 -1.29 4.78
CA GLY C 17 -18.38 -2.65 5.13
C GLY C 17 -19.56 -3.56 4.87
N TYR C 18 -19.68 -4.60 5.69
CA TYR C 18 -20.80 -5.53 5.55
C TYR C 18 -22.12 -4.81 5.85
N PRO C 19 -23.20 -5.19 5.17
CA PRO C 19 -24.50 -4.57 5.47
C PRO C 19 -24.98 -4.90 6.87
N THR C 20 -25.79 -4.00 7.43
CA THR C 20 -26.42 -4.18 8.72
C THR C 20 -27.91 -3.93 8.59
N ASN C 21 -28.65 -4.33 9.63
CA ASN C 21 -30.11 -4.27 9.56
C ASN C 21 -30.61 -2.85 9.34
N SER C 22 -29.97 -1.87 9.98
CA SER C 22 -30.42 -0.49 9.85
C SER C 22 -30.25 0.06 8.44
N ASP C 23 -29.50 -0.62 7.57
CA ASP C 23 -29.33 -0.17 6.20
C ASP C 23 -30.55 -0.43 5.32
N PHE C 24 -31.56 -1.15 5.84
CA PHE C 24 -32.74 -1.52 5.07
C PHE C 24 -34.00 -0.98 5.74
N GLU C 25 -34.99 -0.62 4.93
CA GLU C 25 -36.27 -0.12 5.42
C GLU C 25 -37.41 -0.76 4.64
N LEU C 26 -38.37 -1.31 5.36
CA LEU C 26 -39.55 -1.95 4.76
C LEU C 26 -40.65 -0.90 4.62
N LYS C 27 -41.16 -0.72 3.41
CA LYS C 27 -42.23 0.21 3.13
C LYS C 27 -43.43 -0.52 2.52
N THR C 28 -44.62 -0.15 2.96
CA THR C 28 -45.87 -0.71 2.44
C THR C 28 -46.55 0.34 1.57
N SER C 29 -47.16 -0.09 0.48
CA SER C 29 -47.73 0.83 -0.48
C SER C 29 -48.88 0.15 -1.22
N GLU C 30 -49.73 0.97 -1.85
CA GLU C 30 -50.84 0.50 -2.65
C GLU C 30 -50.49 0.66 -4.12
N LEU C 31 -50.46 -0.44 -4.85
CA LEU C 31 -50.19 -0.39 -6.27
C LEU C 31 -51.43 0.11 -7.03
N PRO C 32 -51.22 0.79 -8.16
CA PRO C 32 -52.37 1.26 -8.95
C PRO C 32 -53.05 0.12 -9.67
N PRO C 33 -54.24 0.35 -10.23
CA PRO C 33 -54.89 -0.69 -11.03
C PRO C 33 -54.08 -1.02 -12.28
N LEU C 34 -54.30 -2.23 -12.78
CA LEU C 34 -53.65 -2.64 -14.01
C LEU C 34 -54.15 -1.78 -15.17
N LYS C 35 -53.21 -1.38 -16.03
CA LYS C 35 -53.53 -0.77 -17.30
C LYS C 35 -53.59 -1.86 -18.37
N ASN C 36 -54.27 -1.54 -19.48
CA ASN C 36 -54.36 -2.49 -20.58
C ASN C 36 -52.98 -2.93 -21.03
N GLY C 37 -52.79 -4.25 -21.09
CA GLY C 37 -51.53 -4.85 -21.48
C GLY C 37 -50.59 -5.17 -20.32
N GLU C 38 -50.94 -4.81 -19.09
CA GLU C 38 -50.11 -5.06 -17.92
C GLU C 38 -50.59 -6.30 -17.18
N VAL C 39 -49.72 -6.79 -16.29
CA VAL C 39 -50.05 -7.89 -15.39
C VAL C 39 -49.59 -7.53 -13.99
N LEU C 40 -50.27 -8.11 -12.99
CA LEU C 40 -49.86 -8.02 -11.60
C LEU C 40 -49.19 -9.34 -11.21
N LEU C 41 -48.00 -9.25 -10.64
CA LEU C 41 -47.18 -10.40 -10.31
C LEU C 41 -47.05 -10.52 -8.80
N GLU C 42 -47.25 -11.74 -8.28
CA GLU C 42 -47.06 -12.03 -6.88
C GLU C 42 -45.81 -12.89 -6.73
N ALA C 43 -44.85 -12.39 -5.97
CA ALA C 43 -43.61 -13.12 -5.74
C ALA C 43 -43.89 -14.44 -5.03
N LEU C 44 -43.28 -15.50 -5.55
CA LEU C 44 -43.23 -16.81 -4.91
C LEU C 44 -41.89 -17.06 -4.23
N PHE C 45 -40.79 -16.86 -4.96
CA PHE C 45 -39.45 -17.01 -4.41
C PHE C 45 -38.59 -15.85 -4.88
N LEU C 46 -37.86 -15.25 -3.95
CA LEU C 46 -36.92 -14.18 -4.26
C LEU C 46 -35.51 -14.67 -3.99
N THR C 47 -34.55 -14.13 -4.74
CA THR C 47 -33.15 -14.51 -4.58
C THR C 47 -32.37 -13.35 -3.98
N VAL C 48 -31.30 -13.69 -3.26
CA VAL C 48 -30.30 -12.73 -2.81
C VAL C 48 -28.95 -13.23 -3.29
N ASP C 49 -28.15 -12.34 -3.88
CA ASP C 49 -26.94 -12.72 -4.57
C ASP C 49 -25.82 -11.73 -4.27
N PRO C 50 -24.56 -12.17 -4.35
CA PRO C 50 -23.45 -11.27 -4.01
C PRO C 50 -23.39 -10.00 -4.83
N TYR C 51 -23.80 -10.05 -6.10
CA TYR C 51 -23.70 -8.87 -6.94
C TYR C 51 -24.49 -7.70 -6.38
N MET C 52 -25.52 -7.97 -5.57
CA MET C 52 -26.32 -6.90 -5.00
C MET C 52 -25.49 -5.99 -4.11
N ARG C 53 -24.49 -6.55 -3.44
CA ARG C 53 -23.59 -5.72 -2.63
C ARG C 53 -22.91 -4.67 -3.50
N VAL C 54 -22.45 -5.06 -4.69
CA VAL C 54 -21.81 -4.11 -5.59
C VAL C 54 -22.84 -3.15 -6.19
N ALA C 55 -23.99 -3.69 -6.62
CA ALA C 55 -24.95 -2.87 -7.36
C ALA C 55 -25.62 -1.84 -6.46
N ALA C 56 -25.78 -2.15 -5.17
CA ALA C 56 -26.43 -1.21 -4.26
C ALA C 56 -25.70 0.12 -4.19
N LYS C 57 -24.41 0.14 -4.53
CA LYS C 57 -23.64 1.37 -4.46
C LYS C 57 -24.10 2.40 -5.48
N ARG C 58 -24.77 1.96 -6.55
CA ARG C 58 -25.27 2.87 -7.57
C ARG C 58 -26.68 3.38 -7.27
N LEU C 59 -27.39 2.76 -6.32
CA LEU C 59 -28.72 3.23 -5.99
C LEU C 59 -28.66 4.56 -5.24
N LYS C 60 -29.77 5.29 -5.31
CA LYS C 60 -30.02 6.39 -4.39
C LYS C 60 -30.72 5.83 -3.16
N GLU C 61 -30.43 6.42 -2.01
CA GLU C 61 -31.10 5.99 -0.78
C GLU C 61 -32.61 6.19 -0.92
N GLY C 62 -33.37 5.19 -0.47
CA GLY C 62 -34.79 5.13 -0.70
C GLY C 62 -35.20 4.22 -1.84
N ASP C 63 -34.26 3.90 -2.74
CA ASP C 63 -34.56 3.04 -3.88
C ASP C 63 -34.75 1.59 -3.44
N THR C 64 -35.54 0.87 -4.20
CA THR C 64 -35.74 -0.55 -3.93
C THR C 64 -34.48 -1.34 -4.22
N MET C 65 -34.21 -2.34 -3.37
CA MET C 65 -33.11 -3.25 -3.65
C MET C 65 -33.37 -4.03 -4.93
N MET C 66 -32.35 -4.16 -5.75
CA MET C 66 -32.47 -4.91 -7.01
C MET C 66 -32.48 -6.40 -6.74
N GLY C 67 -33.08 -7.15 -7.65
CA GLY C 67 -33.08 -8.59 -7.53
C GLY C 67 -34.16 -9.23 -8.36
N GLN C 68 -33.96 -10.52 -8.60
CA GLN C 68 -34.84 -11.34 -9.41
C GLN C 68 -35.73 -12.19 -8.52
N GLN C 69 -36.79 -12.71 -9.12
CA GLN C 69 -37.76 -13.52 -8.38
C GLN C 69 -38.50 -14.42 -9.36
N VAL C 70 -39.00 -15.52 -8.84
CA VAL C 70 -40.05 -16.30 -9.49
C VAL C 70 -41.38 -15.80 -8.99
N ALA C 71 -42.27 -15.44 -9.91
CA ALA C 71 -43.55 -14.84 -9.56
C ALA C 71 -44.64 -15.48 -10.40
N LYS C 72 -45.89 -15.28 -9.99
CA LYS C 72 -47.03 -15.78 -10.74
C LYS C 72 -48.00 -14.64 -11.02
N VAL C 73 -48.63 -14.70 -12.19
CA VAL C 73 -49.58 -13.68 -12.61
C VAL C 73 -50.88 -13.92 -11.84
N VAL C 74 -51.28 -12.94 -11.03
CA VAL C 74 -52.51 -13.05 -10.25
C VAL C 74 -53.64 -12.19 -10.82
N GLU C 75 -53.32 -11.17 -11.61
CA GLU C 75 -54.29 -10.45 -12.41
C GLU C 75 -53.62 -10.12 -13.74
N SER C 76 -54.41 -10.13 -14.82
CA SER C 76 -53.83 -10.01 -16.15
C SER C 76 -54.75 -9.26 -17.08
N LYS C 77 -54.20 -8.21 -17.71
CA LYS C 77 -54.76 -7.58 -18.90
C LYS C 77 -53.82 -7.79 -20.08
N ASN C 78 -53.20 -8.96 -20.14
CA ASN C 78 -52.26 -9.32 -21.20
C ASN C 78 -52.49 -10.80 -21.51
N VAL C 79 -53.05 -11.09 -22.69
CA VAL C 79 -53.48 -12.45 -22.98
C VAL C 79 -52.29 -13.40 -23.12
N ALA C 80 -51.10 -12.89 -23.45
CA ALA C 80 -49.93 -13.75 -23.50
C ALA C 80 -49.45 -14.16 -22.13
N LEU C 81 -49.94 -13.51 -21.07
CA LEU C 81 -49.56 -13.79 -19.69
C LEU C 81 -50.83 -13.95 -18.86
N PRO C 82 -51.59 -15.01 -19.09
CA PRO C 82 -52.82 -15.20 -18.31
C PRO C 82 -52.52 -15.53 -16.86
N LYS C 83 -53.53 -15.32 -16.02
CA LYS C 83 -53.46 -15.71 -14.62
C LYS C 83 -52.92 -17.14 -14.50
N GLY C 84 -52.08 -17.35 -13.47
CA GLY C 84 -51.45 -18.64 -13.25
C GLY C 84 -50.09 -18.79 -13.89
N THR C 85 -49.75 -17.95 -14.87
CA THR C 85 -48.47 -18.05 -15.53
C THR C 85 -47.33 -17.79 -14.55
N ILE C 86 -46.30 -18.62 -14.62
CA ILE C 86 -45.10 -18.47 -13.80
C ILE C 86 -44.03 -17.80 -14.65
N VAL C 87 -43.37 -16.79 -14.08
CA VAL C 87 -42.42 -15.98 -14.83
C VAL C 87 -41.24 -15.66 -13.93
N LEU C 88 -40.10 -15.39 -14.56
CA LEU C 88 -38.97 -14.73 -13.92
C LEU C 88 -39.11 -13.23 -14.13
N ALA C 89 -38.98 -12.47 -13.04
CA ALA C 89 -39.09 -11.02 -13.11
C ALA C 89 -38.07 -10.42 -12.16
N SER C 90 -37.67 -9.18 -12.44
CA SER C 90 -36.66 -8.49 -11.64
C SER C 90 -37.18 -7.13 -11.20
N PRO C 91 -38.30 -7.10 -10.48
CA PRO C 91 -38.81 -5.82 -9.96
C PRO C 91 -38.07 -5.33 -8.73
N GLY C 92 -37.21 -6.16 -8.15
CA GLY C 92 -36.54 -5.83 -6.91
C GLY C 92 -37.09 -6.66 -5.76
N TRP C 93 -36.70 -6.26 -4.55
CA TRP C 93 -37.17 -6.91 -3.33
C TRP C 93 -38.57 -6.42 -3.02
N THR C 94 -39.55 -7.00 -3.71
CA THR C 94 -40.93 -6.60 -3.50
C THR C 94 -41.83 -7.81 -3.66
N THR C 95 -42.91 -7.82 -2.88
CA THR C 95 -43.83 -8.96 -2.89
C THR C 95 -44.81 -8.92 -4.05
N HIS C 96 -45.11 -7.73 -4.56
CA HIS C 96 -46.02 -7.58 -5.69
C HIS C 96 -45.51 -6.47 -6.58
N SER C 97 -45.75 -6.61 -7.89
CA SER C 97 -45.27 -5.64 -8.84
C SER C 97 -46.12 -5.71 -10.10
N ILE C 98 -46.03 -4.67 -10.91
CA ILE C 98 -46.79 -4.55 -12.15
C ILE C 98 -45.79 -4.50 -13.30
N SER C 99 -46.06 -5.30 -14.34
CA SER C 99 -45.19 -5.40 -15.49
C SER C 99 -46.01 -5.31 -16.77
N ASP C 100 -45.42 -4.75 -17.81
CA ASP C 100 -46.06 -4.70 -19.11
C ASP C 100 -45.77 -5.93 -19.95
N GLY C 101 -45.07 -6.91 -19.39
CA GLY C 101 -44.82 -8.16 -20.04
C GLY C 101 -43.53 -8.23 -20.82
N LYS C 102 -42.94 -7.09 -21.17
CA LYS C 102 -41.77 -7.08 -22.04
C LYS C 102 -40.49 -7.42 -21.30
N ASP C 103 -40.44 -7.16 -19.98
CA ASP C 103 -39.27 -7.43 -19.17
C ASP C 103 -39.38 -8.76 -18.41
N LEU C 104 -40.20 -9.69 -18.90
CA LEU C 104 -40.44 -10.95 -18.24
C LEU C 104 -39.90 -12.11 -19.07
N GLU C 105 -39.73 -13.25 -18.42
CA GLU C 105 -39.15 -14.44 -19.04
C GLU C 105 -39.89 -15.66 -18.49
N LYS C 106 -40.61 -16.36 -19.36
CA LYS C 106 -41.23 -17.60 -18.93
C LYS C 106 -40.16 -18.66 -18.65
N LEU C 107 -40.52 -19.63 -17.81
CA LEU C 107 -39.61 -20.72 -17.51
C LEU C 107 -39.49 -21.66 -18.71
N LEU C 108 -38.52 -22.56 -18.63
CA LEU C 108 -38.40 -23.63 -19.60
C LEU C 108 -39.73 -24.36 -19.71
N THR C 109 -40.19 -24.55 -20.96
CA THR C 109 -41.47 -25.21 -21.16
C THR C 109 -41.47 -26.66 -20.69
N GLU C 110 -40.28 -27.24 -20.48
CA GLU C 110 -40.16 -28.61 -20.00
C GLU C 110 -39.94 -28.68 -18.48
N TRP C 111 -40.12 -27.58 -17.77
CA TRP C 111 -39.84 -27.55 -16.35
C TRP C 111 -40.70 -28.57 -15.62
N PRO C 112 -40.11 -29.60 -15.03
CA PRO C 112 -40.92 -30.62 -14.35
C PRO C 112 -41.28 -30.21 -12.93
N ASP C 113 -42.25 -30.92 -12.37
CA ASP C 113 -42.68 -30.71 -10.99
C ASP C 113 -41.81 -31.47 -10.00
N THR C 114 -40.81 -32.21 -10.48
CA THR C 114 -39.93 -32.99 -9.61
C THR C 114 -38.75 -32.19 -9.07
N ILE C 115 -38.57 -30.94 -9.51
CA ILE C 115 -37.52 -30.07 -8.97
C ILE C 115 -38.16 -28.78 -8.48
N PRO C 116 -37.65 -28.16 -7.42
CA PRO C 116 -38.27 -26.92 -6.93
C PRO C 116 -38.28 -25.83 -7.98
N LEU C 117 -39.36 -25.04 -7.99
CA LEU C 117 -39.40 -23.86 -8.84
C LEU C 117 -38.21 -22.94 -8.54
N SER C 118 -37.75 -22.94 -7.30
CA SER C 118 -36.72 -22.00 -6.89
C SER C 118 -35.38 -22.27 -7.55
N LEU C 119 -35.18 -23.45 -8.15
CA LEU C 119 -33.93 -23.68 -8.88
C LEU C 119 -33.82 -22.80 -10.11
N ALA C 120 -34.92 -22.19 -10.56
CA ALA C 120 -34.87 -21.24 -11.65
C ALA C 120 -34.14 -19.96 -11.27
N LEU C 121 -33.86 -19.75 -9.99
CA LEU C 121 -33.02 -18.67 -9.50
C LEU C 121 -31.64 -19.14 -9.08
N GLY C 122 -31.31 -20.41 -9.34
CA GLY C 122 -30.10 -21.03 -8.85
C GLY C 122 -29.39 -21.86 -9.90
N THR C 123 -29.24 -23.16 -9.62
CA THR C 123 -28.51 -24.05 -10.50
C THR C 123 -29.07 -24.04 -11.93
N VAL C 124 -30.39 -23.90 -12.09
CA VAL C 124 -31.00 -23.89 -13.41
C VAL C 124 -31.47 -22.47 -13.69
N GLY C 125 -30.74 -21.49 -13.16
CA GLY C 125 -30.99 -20.10 -13.40
C GLY C 125 -29.70 -19.33 -13.62
N MET C 126 -29.69 -18.03 -13.34
CA MET C 126 -28.53 -17.22 -13.68
C MET C 126 -27.25 -17.70 -13.03
N PRO C 127 -27.21 -18.10 -11.76
CA PRO C 127 -25.97 -18.68 -11.21
C PRO C 127 -25.45 -19.87 -12.01
N GLY C 128 -26.34 -20.79 -12.41
CA GLY C 128 -25.90 -21.94 -13.18
C GLY C 128 -25.42 -21.57 -14.58
N LEU C 129 -26.11 -20.63 -15.22
CA LEU C 129 -25.66 -20.13 -16.51
C LEU C 129 -24.32 -19.43 -16.40
N THR C 130 -24.04 -18.81 -15.25
CA THR C 130 -22.75 -18.15 -15.04
C THR C 130 -21.63 -19.18 -15.00
N ALA C 131 -21.84 -20.28 -14.28
CA ALA C 131 -20.86 -21.35 -14.29
C ALA C 131 -20.69 -21.93 -15.68
N TYR C 132 -21.80 -22.10 -16.40
CA TYR C 132 -21.76 -22.75 -17.72
C TYR C 132 -20.88 -21.98 -18.69
N PHE C 133 -21.13 -20.69 -18.84
CA PHE C 133 -20.37 -19.91 -19.82
C PHE C 133 -18.99 -19.54 -19.32
N GLY C 134 -18.85 -19.28 -18.01
CA GLY C 134 -17.54 -18.98 -17.47
C GLY C 134 -16.55 -20.13 -17.63
N LEU C 135 -17.05 -21.36 -17.58
CA LEU C 135 -16.20 -22.54 -17.67
C LEU C 135 -16.01 -22.98 -19.12
N LEU C 136 -17.10 -23.19 -19.85
CA LEU C 136 -17.01 -23.74 -21.19
C LEU C 136 -16.54 -22.72 -22.21
N GLU C 137 -16.86 -21.44 -22.02
CA GLU C 137 -16.51 -20.40 -22.98
C GLU C 137 -15.27 -19.61 -22.56
N ILE C 138 -15.25 -19.08 -21.34
CA ILE C 138 -14.15 -18.20 -20.93
C ILE C 138 -12.90 -19.02 -20.61
N CYS C 139 -13.03 -19.99 -19.70
CA CYS C 139 -11.92 -20.92 -19.46
C CYS C 139 -11.71 -21.82 -20.67
N GLY C 140 -12.79 -22.22 -21.33
CA GLY C 140 -12.71 -23.05 -22.52
C GLY C 140 -12.21 -24.46 -22.27
N VAL C 141 -12.62 -25.09 -21.17
CA VAL C 141 -12.18 -26.44 -20.89
C VAL C 141 -12.60 -27.37 -22.01
N LYS C 142 -11.72 -28.32 -22.34
CA LYS C 142 -11.99 -29.34 -23.34
C LYS C 142 -12.03 -30.75 -22.76
N GLY C 143 -11.39 -30.97 -21.61
CA GLY C 143 -11.31 -32.28 -21.02
C GLY C 143 -9.93 -32.57 -20.46
N GLY C 144 -9.86 -33.00 -19.20
CA GLY C 144 -8.61 -33.35 -18.56
C GLY C 144 -7.93 -32.23 -17.82
N GLU C 145 -8.38 -31.00 -17.98
CA GLU C 145 -7.75 -29.89 -17.29
C GLU C 145 -7.94 -30.02 -15.79
N THR C 146 -7.07 -29.35 -15.05
CA THR C 146 -7.21 -29.19 -13.60
C THR C 146 -7.73 -27.78 -13.33
N VAL C 147 -8.93 -27.70 -12.75
CA VAL C 147 -9.62 -26.45 -12.53
C VAL C 147 -9.60 -26.12 -11.05
N MET C 148 -9.18 -24.90 -10.72
CA MET C 148 -9.29 -24.37 -9.36
C MET C 148 -10.49 -23.43 -9.32
N VAL C 149 -11.42 -23.70 -8.40
CA VAL C 149 -12.63 -22.92 -8.25
C VAL C 149 -12.80 -22.61 -6.77
N ASN C 150 -12.95 -21.33 -6.44
CA ASN C 150 -13.16 -20.90 -5.07
C ASN C 150 -14.63 -20.51 -4.89
N ALA C 151 -14.99 -20.17 -3.66
CA ALA C 151 -16.40 -20.02 -3.30
C ALA C 151 -17.19 -21.19 -3.86
N ALA C 152 -16.60 -22.39 -3.76
CA ALA C 152 -17.11 -23.56 -4.47
C ALA C 152 -18.45 -24.03 -3.93
N ALA C 153 -18.80 -23.66 -2.69
CA ALA C 153 -20.06 -24.09 -2.11
C ALA C 153 -21.24 -23.22 -2.53
N GLY C 154 -20.99 -22.06 -3.14
CA GLY C 154 -22.07 -21.24 -3.67
C GLY C 154 -22.71 -21.89 -4.87
N ALA C 155 -23.78 -21.27 -5.37
CA ALA C 155 -24.51 -21.84 -6.50
C ALA C 155 -23.73 -21.75 -7.80
N VAL C 156 -22.78 -20.83 -7.90
CA VAL C 156 -21.97 -20.76 -9.12
C VAL C 156 -20.83 -21.77 -9.04
N GLY C 157 -20.04 -21.72 -7.97
CA GLY C 157 -18.89 -22.60 -7.86
C GLY C 157 -19.29 -24.07 -7.79
N SER C 158 -20.37 -24.36 -7.07
CA SER C 158 -20.83 -25.75 -6.97
C SER C 158 -21.24 -26.28 -8.34
N VAL C 159 -21.76 -25.43 -9.21
CA VAL C 159 -22.10 -25.88 -10.55
C VAL C 159 -20.87 -25.89 -11.46
N VAL C 160 -19.89 -25.03 -11.18
CA VAL C 160 -18.66 -25.02 -11.99
C VAL C 160 -17.93 -26.36 -11.84
N GLY C 161 -17.78 -26.82 -10.60
CA GLY C 161 -17.07 -28.06 -10.38
C GLY C 161 -17.77 -29.27 -10.99
N GLN C 162 -19.10 -29.30 -10.90
CA GLN C 162 -19.84 -30.45 -11.39
C GLN C 162 -19.85 -30.50 -12.92
N ILE C 163 -19.98 -29.35 -13.58
CA ILE C 163 -19.84 -29.32 -15.03
C ILE C 163 -18.43 -29.72 -15.42
N ALA C 164 -17.44 -29.35 -14.61
CA ALA C 164 -16.07 -29.77 -14.87
C ALA C 164 -15.94 -31.28 -14.78
N LYS C 165 -16.55 -31.89 -13.75
CA LYS C 165 -16.40 -33.32 -13.54
C LYS C 165 -17.02 -34.12 -14.68
N LEU C 166 -18.20 -33.70 -15.14
CA LEU C 166 -18.86 -34.40 -16.24
C LEU C 166 -18.24 -34.09 -17.60
N LYS C 167 -17.26 -33.20 -17.63
CA LYS C 167 -16.48 -32.94 -18.84
C LYS C 167 -15.10 -33.57 -18.80
N GLY C 168 -14.77 -34.31 -17.74
CA GLY C 168 -13.51 -35.02 -17.66
C GLY C 168 -12.38 -34.29 -16.96
N CYS C 169 -12.68 -33.23 -16.24
CA CYS C 169 -11.66 -32.38 -15.63
C CYS C 169 -11.51 -32.69 -14.15
N LYS C 170 -10.28 -32.56 -13.67
CA LYS C 170 -10.01 -32.55 -12.23
C LYS C 170 -10.45 -31.22 -11.64
N VAL C 171 -10.83 -31.24 -10.36
CA VAL C 171 -11.39 -30.07 -9.70
C VAL C 171 -10.80 -29.94 -8.30
N VAL C 172 -10.47 -28.70 -7.92
CA VAL C 172 -10.03 -28.35 -6.58
C VAL C 172 -10.89 -27.18 -6.11
N GLY C 173 -11.47 -27.31 -4.93
CA GLY C 173 -12.45 -26.35 -4.45
C GLY C 173 -12.05 -25.75 -3.11
N ALA C 174 -12.33 -24.46 -2.94
CA ALA C 174 -12.04 -23.74 -1.72
C ALA C 174 -13.35 -23.24 -1.12
N VAL C 175 -13.55 -23.47 0.18
CA VAL C 175 -14.74 -23.06 0.90
C VAL C 175 -14.33 -22.51 2.26
N GLY C 176 -15.30 -21.97 2.98
CA GLY C 176 -15.02 -21.32 4.25
C GLY C 176 -15.68 -21.95 5.46
N SER C 177 -15.90 -23.26 5.41
CA SER C 177 -16.49 -23.97 6.54
C SER C 177 -16.33 -25.47 6.32
N ASP C 178 -16.01 -26.19 7.39
CA ASP C 178 -15.91 -27.64 7.29
C ASP C 178 -17.25 -28.25 6.89
N GLU C 179 -18.35 -27.60 7.25
CA GLU C 179 -19.66 -28.09 6.81
C GLU C 179 -19.78 -28.07 5.30
N LYS C 180 -19.30 -26.99 4.66
CA LYS C 180 -19.28 -26.94 3.21
C LYS C 180 -18.23 -27.88 2.60
N VAL C 181 -17.20 -28.22 3.37
CA VAL C 181 -16.18 -29.15 2.87
C VAL C 181 -16.80 -30.51 2.60
N ALA C 182 -17.57 -31.04 3.56
CA ALA C 182 -18.21 -32.34 3.38
C ALA C 182 -19.22 -32.29 2.24
N TYR C 183 -19.99 -31.21 2.16
CA TYR C 183 -21.03 -31.11 1.13
C TYR C 183 -20.44 -31.27 -0.27
N LEU C 184 -19.25 -30.72 -0.50
CA LEU C 184 -18.67 -30.74 -1.83
C LEU C 184 -18.01 -32.07 -2.16
N GLN C 185 -17.47 -32.79 -1.17
CA GLN C 185 -16.97 -34.12 -1.45
C GLN C 185 -18.08 -35.02 -1.98
N LYS C 186 -19.29 -34.88 -1.43
CA LYS C 186 -20.42 -35.65 -1.93
C LYS C 186 -20.70 -35.35 -3.40
N LEU C 187 -20.38 -34.14 -3.85
CA LEU C 187 -20.66 -33.74 -5.23
C LEU C 187 -19.60 -34.19 -6.21
N GLY C 188 -18.54 -34.85 -5.75
CA GLY C 188 -17.55 -35.38 -6.67
C GLY C 188 -16.35 -34.48 -6.92
N PHE C 189 -16.03 -33.59 -5.99
CA PHE C 189 -14.85 -32.74 -6.14
C PHE C 189 -13.61 -33.51 -5.69
N ASP C 190 -12.56 -33.49 -6.52
CA ASP C 190 -11.37 -34.28 -6.22
C ASP C 190 -10.74 -33.83 -4.91
N VAL C 191 -10.62 -32.53 -4.70
CA VAL C 191 -10.06 -31.98 -3.47
C VAL C 191 -10.91 -30.81 -3.03
N VAL C 192 -11.16 -30.71 -1.73
CA VAL C 192 -11.83 -29.57 -1.13
C VAL C 192 -11.14 -29.26 0.19
N PHE C 193 -10.94 -27.97 0.47
CA PHE C 193 -10.30 -27.54 1.70
C PHE C 193 -10.95 -26.26 2.19
N ASN C 194 -10.82 -26.02 3.50
CA ASN C 194 -11.37 -24.84 4.15
C ASN C 194 -10.29 -23.78 4.21
N TYR C 195 -10.40 -22.76 3.35
CA TYR C 195 -9.35 -21.76 3.25
C TYR C 195 -9.18 -20.98 4.55
N LYS C 196 -10.22 -20.90 5.39
CA LYS C 196 -10.09 -20.20 6.65
C LYS C 196 -9.12 -20.90 7.61
N THR C 197 -9.06 -22.23 7.57
CA THR C 197 -8.34 -22.99 8.58
C THR C 197 -7.04 -23.61 8.09
N VAL C 198 -6.84 -23.76 6.78
CA VAL C 198 -5.61 -24.36 6.28
C VAL C 198 -4.41 -23.55 6.77
N GLU C 199 -3.35 -24.26 7.17
CA GLU C 199 -2.19 -23.59 7.74
C GLU C 199 -1.53 -22.66 6.73
N SER C 200 -1.38 -23.10 5.49
CA SER C 200 -0.82 -22.29 4.42
C SER C 200 -1.56 -22.59 3.13
N LEU C 201 -2.14 -21.55 2.52
CA LEU C 201 -2.88 -21.76 1.27
C LEU C 201 -1.95 -22.23 0.15
N GLU C 202 -0.75 -21.66 0.08
CA GLU C 202 0.18 -22.06 -0.99
C GLU C 202 0.51 -23.54 -0.89
N GLU C 203 0.76 -24.04 0.32
CA GLU C 203 1.10 -25.45 0.49
C GLU C 203 -0.10 -26.34 0.21
N THR C 204 -1.29 -25.91 0.62
CA THR C 204 -2.49 -26.71 0.36
C THR C 204 -2.77 -26.82 -1.13
N LEU C 205 -2.59 -25.72 -1.87
CA LEU C 205 -2.85 -25.75 -3.31
C LEU C 205 -1.81 -26.59 -4.04
N LYS C 206 -0.54 -26.47 -3.65
CA LYS C 206 0.51 -27.24 -4.30
C LYS C 206 0.30 -28.74 -4.12
N LYS C 207 -0.03 -29.15 -2.89
CA LYS C 207 -0.35 -30.55 -2.65
C LYS C 207 -1.60 -30.97 -3.40
N ALA C 208 -2.60 -30.09 -3.45
CA ALA C 208 -3.84 -30.41 -4.15
C ALA C 208 -3.59 -30.67 -5.63
N SER C 209 -2.57 -30.02 -6.21
CA SER C 209 -2.18 -30.28 -7.58
C SER C 209 -0.75 -29.80 -7.80
N PRO C 210 0.26 -30.63 -7.53
CA PRO C 210 1.65 -30.19 -7.77
C PRO C 210 1.93 -29.88 -9.22
N ASP C 211 1.12 -30.40 -10.14
CA ASP C 211 1.31 -30.16 -11.56
C ASP C 211 0.92 -28.74 -11.97
N GLY C 212 0.14 -28.04 -11.17
CA GLY C 212 -0.37 -26.72 -11.51
C GLY C 212 -1.82 -26.77 -11.95
N TYR C 213 -2.33 -25.59 -12.31
CA TYR C 213 -3.74 -25.43 -12.65
C TYR C 213 -3.88 -24.82 -14.04
N ASP C 214 -4.64 -25.51 -14.91
CA ASP C 214 -4.91 -25.02 -16.25
C ASP C 214 -5.96 -23.91 -16.26
N CYS C 215 -6.94 -23.99 -15.37
CA CYS C 215 -8.07 -23.07 -15.36
C CYS C 215 -8.34 -22.60 -13.94
N TYR C 216 -8.84 -21.38 -13.84
CA TYR C 216 -9.13 -20.75 -12.55
C TYR C 216 -10.47 -20.04 -12.69
N PHE C 217 -11.53 -20.62 -12.13
CA PHE C 217 -12.81 -19.94 -12.02
C PHE C 217 -12.79 -19.14 -10.73
N ASP C 218 -12.71 -17.82 -10.86
CA ASP C 218 -12.42 -16.93 -9.75
C ASP C 218 -13.67 -16.13 -9.40
N ASN C 219 -14.24 -16.43 -8.23
CA ASN C 219 -15.33 -15.66 -7.65
C ASN C 219 -14.89 -14.77 -6.51
N VAL C 220 -13.64 -14.89 -6.05
CA VAL C 220 -13.21 -14.36 -4.77
C VAL C 220 -12.26 -13.18 -4.95
N GLY C 221 -11.19 -13.35 -5.72
CA GLY C 221 -10.24 -12.28 -5.93
C GLY C 221 -9.32 -12.07 -4.75
N GLY C 222 -8.61 -10.94 -4.79
CA GLY C 222 -7.78 -10.57 -3.66
C GLY C 222 -6.57 -11.45 -3.51
N GLU C 223 -6.08 -11.55 -2.26
CA GLU C 223 -4.87 -12.30 -1.98
C GLU C 223 -5.00 -13.76 -2.36
N PHE C 224 -6.18 -14.34 -2.22
CA PHE C 224 -6.39 -15.73 -2.63
C PHE C 224 -6.03 -15.92 -4.09
N SER C 225 -6.45 -15.00 -4.96
CA SER C 225 -6.17 -15.13 -6.38
C SER C 225 -4.69 -14.97 -6.68
N ASN C 226 -3.98 -14.15 -5.92
CA ASN C 226 -2.53 -14.01 -6.14
C ASN C 226 -1.83 -15.33 -5.91
N THR C 227 -2.25 -16.08 -4.88
CA THR C 227 -1.63 -17.38 -4.60
C THR C 227 -1.93 -18.39 -5.70
N VAL C 228 -3.19 -18.43 -6.17
CA VAL C 228 -3.55 -19.36 -7.24
C VAL C 228 -2.83 -19.00 -8.53
N ILE C 229 -2.61 -17.70 -8.77
CA ILE C 229 -1.96 -17.26 -10.00
C ILE C 229 -0.53 -17.78 -10.07
N GLY C 230 0.15 -17.83 -8.93
CA GLY C 230 1.51 -18.35 -8.91
C GLY C 230 1.61 -19.82 -9.28
N GLN C 231 0.50 -20.55 -9.26
CA GLN C 231 0.49 -21.97 -9.56
C GLN C 231 -0.24 -22.30 -10.86
N MET C 232 -0.48 -21.30 -11.70
CA MET C 232 -1.07 -21.55 -13.00
C MET C 232 -0.03 -22.12 -13.96
N LYS C 233 -0.46 -23.04 -14.81
CA LYS C 233 0.39 -23.52 -15.88
C LYS C 233 0.53 -22.44 -16.96
N LYS C 234 1.46 -22.67 -17.87
CA LYS C 234 1.69 -21.70 -18.94
C LYS C 234 0.49 -21.64 -19.87
N PHE C 235 0.13 -20.42 -20.28
CA PHE C 235 -1.09 -20.15 -21.04
C PHE C 235 -2.35 -20.49 -20.26
N GLY C 236 -2.26 -20.53 -18.93
CA GLY C 236 -3.43 -20.82 -18.13
C GLY C 236 -4.48 -19.74 -18.26
N ARG C 237 -5.74 -20.16 -18.17
CA ARG C 237 -6.88 -19.28 -18.37
C ARG C 237 -7.59 -19.02 -17.04
N ILE C 238 -7.93 -17.76 -16.81
CA ILE C 238 -8.61 -17.32 -15.60
C ILE C 238 -9.89 -16.64 -16.01
N ALA C 239 -11.02 -17.19 -15.55
CA ALA C 239 -12.31 -16.55 -15.74
C ALA C 239 -12.63 -15.74 -14.49
N ILE C 240 -12.78 -14.43 -14.66
CA ILE C 240 -13.00 -13.50 -13.55
C ILE C 240 -14.51 -13.29 -13.49
N CYS C 241 -15.16 -14.02 -12.58
CA CYS C 241 -16.60 -13.96 -12.40
C CYS C 241 -17.00 -13.02 -11.27
N GLY C 242 -16.22 -12.97 -10.20
CA GLY C 242 -16.52 -12.12 -9.07
C GLY C 242 -15.31 -11.89 -8.21
N ALA C 243 -15.44 -10.94 -7.30
CA ALA C 243 -14.39 -10.59 -6.35
C ALA C 243 -15.01 -10.42 -4.96
N ILE C 244 -15.78 -11.42 -4.52
CA ILE C 244 -16.58 -11.29 -3.30
C ILE C 244 -15.73 -10.88 -2.09
N SER C 245 -14.45 -11.25 -2.08
CA SER C 245 -13.61 -10.92 -0.93
C SER C 245 -13.34 -9.42 -0.80
N THR C 246 -13.64 -8.64 -1.82
CA THR C 246 -13.37 -7.20 -1.82
C THR C 246 -14.64 -6.34 -1.82
N TYR C 247 -15.82 -6.95 -1.96
CA TYR C 247 -17.04 -6.16 -2.12
C TYR C 247 -17.35 -5.34 -0.88
N ASN C 248 -17.07 -5.90 0.30
CA ASN C 248 -17.33 -5.21 1.56
C ASN C 248 -16.10 -4.53 2.14
N ARG C 249 -15.11 -4.24 1.29
CA ARG C 249 -13.85 -3.73 1.79
C ARG C 249 -14.00 -2.29 2.27
N THR C 250 -13.43 -2.01 3.44
CA THR C 250 -13.35 -0.65 3.96
C THR C 250 -12.05 0.04 3.54
N GLY C 251 -10.98 -0.71 3.36
CA GLY C 251 -9.69 -0.15 3.01
C GLY C 251 -9.37 -0.32 1.53
N PRO C 252 -8.15 0.01 1.15
CA PRO C 252 -7.77 -0.09 -0.26
C PRO C 252 -7.55 -1.53 -0.69
N LEU C 253 -7.59 -1.73 -2.01
CA LEU C 253 -7.45 -3.07 -2.57
C LEU C 253 -6.07 -3.64 -2.26
N PRO C 254 -5.97 -4.95 -2.06
CA PRO C 254 -4.66 -5.56 -1.79
C PRO C 254 -3.77 -5.51 -3.01
N PRO C 255 -2.52 -5.96 -2.89
CA PRO C 255 -1.62 -5.94 -4.04
C PRO C 255 -2.16 -6.79 -5.18
N GLY C 256 -1.84 -6.37 -6.41
CA GLY C 256 -2.17 -7.16 -7.58
C GLY C 256 -1.26 -8.36 -7.67
N PRO C 257 -1.61 -9.32 -8.52
CA PRO C 257 -0.74 -10.48 -8.69
C PRO C 257 0.63 -10.06 -9.21
N PRO C 258 1.68 -10.80 -8.86
CA PRO C 258 3.02 -10.43 -9.33
C PRO C 258 3.07 -10.39 -10.84
N PRO C 259 3.30 -9.23 -11.43
CA PRO C 259 3.28 -9.15 -12.91
C PRO C 259 4.32 -10.04 -13.56
N GLU C 260 5.47 -10.26 -12.92
CA GLU C 260 6.49 -11.09 -13.53
C GLU C 260 5.99 -12.50 -13.77
N ILE C 261 5.27 -13.07 -12.80
CA ILE C 261 4.67 -14.39 -12.98
C ILE C 261 3.66 -14.36 -14.12
N VAL C 262 2.80 -13.34 -14.15
CA VAL C 262 1.75 -13.28 -15.15
C VAL C 262 2.33 -13.25 -16.55
N ILE C 263 3.40 -12.49 -16.76
CA ILE C 263 4.00 -12.35 -18.08
C ILE C 263 4.75 -13.62 -18.46
N TYR C 264 5.54 -14.16 -17.55
CA TYR C 264 6.33 -15.35 -17.85
C TYR C 264 5.43 -16.52 -18.18
N GLN C 265 4.32 -16.65 -17.48
CA GLN C 265 3.36 -17.70 -17.77
C GLN C 265 2.38 -17.33 -18.87
N GLU C 266 2.37 -16.08 -19.34
CA GLU C 266 1.52 -15.66 -20.44
C GLU C 266 0.05 -16.01 -20.18
N LEU C 267 -0.41 -15.67 -18.99
CA LEU C 267 -1.76 -16.00 -18.59
C LEU C 267 -2.79 -15.18 -19.35
N ARG C 268 -3.94 -15.79 -19.60
CA ARG C 268 -5.11 -15.13 -20.17
C ARG C 268 -6.14 -14.97 -19.08
N MET C 269 -6.64 -13.75 -18.91
CA MET C 269 -7.53 -13.41 -17.79
C MET C 269 -8.67 -12.56 -18.33
N GLU C 270 -9.86 -13.14 -18.45
CA GLU C 270 -11.02 -12.45 -18.98
C GLU C 270 -12.14 -12.46 -17.96
N ALA C 271 -12.70 -11.29 -17.69
CA ALA C 271 -13.89 -11.17 -16.88
C ALA C 271 -15.13 -11.22 -17.77
N PHE C 272 -16.28 -11.51 -17.15
CA PHE C 272 -17.50 -11.70 -17.91
C PHE C 272 -18.70 -11.51 -17.00
N VAL C 273 -19.86 -11.30 -17.63
CA VAL C 273 -21.14 -11.28 -16.94
C VAL C 273 -22.12 -12.10 -17.76
N VAL C 274 -23.00 -12.84 -17.08
CA VAL C 274 -23.83 -13.83 -17.76
C VAL C 274 -24.69 -13.20 -18.84
N TYR C 275 -24.97 -11.90 -18.76
CA TYR C 275 -25.86 -11.24 -19.71
C TYR C 275 -25.24 -11.10 -21.09
N ARG C 276 -23.94 -11.39 -21.26
CA ARG C 276 -23.33 -11.32 -22.57
C ARG C 276 -23.98 -12.30 -23.54
N TRP C 277 -24.47 -13.43 -23.03
CA TRP C 277 -25.08 -14.46 -23.86
C TRP C 277 -26.60 -14.34 -23.77
N GLN C 278 -27.25 -14.36 -24.93
CA GLN C 278 -28.71 -14.33 -25.01
C GLN C 278 -29.15 -15.22 -26.16
N GLY C 279 -30.45 -15.19 -26.44
CA GLY C 279 -30.97 -15.89 -27.61
C GLY C 279 -30.72 -17.38 -27.55
N ASP C 280 -30.24 -17.94 -28.65
CA ASP C 280 -30.07 -19.40 -28.75
C ASP C 280 -29.03 -19.91 -27.75
N ALA C 281 -27.93 -19.17 -27.58
CA ALA C 281 -26.87 -19.65 -26.69
C ALA C 281 -27.39 -19.79 -25.27
N ARG C 282 -28.16 -18.80 -24.79
CA ARG C 282 -28.65 -18.85 -23.42
C ARG C 282 -29.70 -19.93 -23.25
N GLN C 283 -30.61 -20.08 -24.22
CA GLN C 283 -31.63 -21.11 -24.14
C GLN C 283 -31.02 -22.50 -24.14
N LYS C 284 -30.00 -22.70 -24.99
CA LYS C 284 -29.33 -24.00 -25.06
C LYS C 284 -28.67 -24.35 -23.75
N ALA C 285 -28.02 -23.38 -23.11
CA ALA C 285 -27.36 -23.63 -21.84
C ALA C 285 -28.36 -23.99 -20.75
N LEU C 286 -29.50 -23.29 -20.71
CA LEU C 286 -30.52 -23.61 -19.71
C LEU C 286 -30.98 -25.05 -19.86
N LYS C 287 -31.26 -25.48 -21.10
CA LYS C 287 -31.71 -26.85 -21.32
C LYS C 287 -30.65 -27.86 -20.88
N ASP C 288 -29.37 -27.58 -21.18
CA ASP C 288 -28.31 -28.49 -20.76
C ASP C 288 -28.24 -28.59 -19.24
N LEU C 289 -28.39 -27.46 -18.55
CA LEU C 289 -28.38 -27.48 -17.08
C LEU C 289 -29.53 -28.30 -16.54
N LEU C 290 -30.75 -28.10 -17.08
CA LEU C 290 -31.90 -28.87 -16.63
C LEU C 290 -31.68 -30.36 -16.87
N LYS C 291 -31.16 -30.71 -18.05
CA LYS C 291 -30.91 -32.12 -18.36
C LYS C 291 -29.99 -32.73 -17.33
N TRP C 292 -28.87 -32.07 -17.04
CA TRP C 292 -27.89 -32.64 -16.10
C TRP C 292 -28.47 -32.74 -14.70
N VAL C 293 -29.43 -31.88 -14.34
CA VAL C 293 -30.08 -31.98 -13.04
C VAL C 293 -30.95 -33.22 -12.99
N LEU C 294 -31.75 -33.45 -14.03
CA LEU C 294 -32.61 -34.62 -14.08
C LEU C 294 -31.79 -35.90 -14.11
N GLU C 295 -30.65 -35.89 -14.81
CA GLU C 295 -29.80 -37.06 -14.91
C GLU C 295 -28.94 -37.29 -13.67
N GLY C 296 -28.97 -36.36 -12.71
CA GLY C 296 -28.23 -36.51 -11.48
C GLY C 296 -26.79 -36.07 -11.53
N LYS C 297 -26.30 -35.67 -12.71
CA LYS C 297 -24.91 -35.23 -12.80
C LYS C 297 -24.68 -33.95 -12.01
N ILE C 298 -25.66 -33.06 -11.98
CA ILE C 298 -25.61 -31.84 -11.20
C ILE C 298 -26.64 -31.97 -10.08
N GLN C 299 -26.14 -32.05 -8.85
CA GLN C 299 -26.99 -31.98 -7.66
C GLN C 299 -27.09 -30.54 -7.19
N TYR C 300 -28.10 -30.29 -6.35
CA TYR C 300 -28.37 -28.96 -5.86
C TYR C 300 -28.71 -29.04 -4.38
N LYS C 301 -28.50 -27.93 -3.69
CA LYS C 301 -28.95 -27.78 -2.31
C LYS C 301 -29.37 -26.34 -2.09
N GLU C 302 -30.47 -26.16 -1.37
CA GLU C 302 -31.05 -24.85 -1.14
C GLU C 302 -31.15 -24.56 0.35
N TYR C 303 -30.98 -23.29 0.69
CA TYR C 303 -31.25 -22.77 2.03
C TYR C 303 -32.44 -21.84 1.90
N ILE C 304 -33.63 -22.36 2.21
CA ILE C 304 -34.88 -21.62 2.03
C ILE C 304 -35.25 -20.95 3.34
N ILE C 305 -35.53 -19.65 3.28
CA ILE C 305 -35.88 -18.85 4.45
C ILE C 305 -37.30 -18.33 4.24
N GLU C 306 -38.19 -18.66 5.16
CA GLU C 306 -39.58 -18.23 5.05
C GLU C 306 -39.74 -16.80 5.54
N GLY C 307 -40.49 -16.02 4.78
CA GLY C 307 -40.82 -14.66 5.18
C GLY C 307 -40.10 -13.58 4.39
N PHE C 308 -40.88 -12.79 3.62
CA PHE C 308 -40.32 -11.62 2.96
C PHE C 308 -39.66 -10.69 3.96
N GLU C 309 -40.17 -10.64 5.19
CA GLU C 309 -39.61 -9.75 6.21
C GLU C 309 -38.16 -10.09 6.53
N ASN C 310 -37.73 -11.32 6.28
CA ASN C 310 -36.38 -11.76 6.61
C ASN C 310 -35.41 -11.65 5.44
N MET C 311 -35.80 -10.95 4.37
CA MET C 311 -34.90 -10.84 3.21
C MET C 311 -33.60 -10.15 3.57
N PRO C 312 -33.59 -9.03 4.30
CA PRO C 312 -32.28 -8.46 4.70
C PRO C 312 -31.42 -9.45 5.45
N ALA C 313 -32.01 -10.26 6.33
CA ALA C 313 -31.24 -11.24 7.08
C ALA C 313 -30.68 -12.31 6.17
N ALA C 314 -31.46 -12.76 5.18
CA ALA C 314 -30.97 -13.76 4.24
C ALA C 314 -29.82 -13.22 3.40
N PHE C 315 -29.92 -11.94 3.02
CA PHE C 315 -28.85 -11.32 2.23
C PHE C 315 -27.55 -11.23 3.03
N MET C 316 -27.66 -10.89 4.32
CA MET C 316 -26.44 -10.73 5.12
C MET C 316 -25.82 -12.08 5.45
N GLY C 317 -26.62 -13.08 5.78
CA GLY C 317 -26.08 -14.41 6.02
C GLY C 317 -25.44 -14.98 4.77
N MET C 318 -26.04 -14.74 3.60
CA MET C 318 -25.48 -15.22 2.35
C MET C 318 -24.11 -14.59 2.09
N LEU C 319 -23.97 -13.29 2.33
CA LEU C 319 -22.69 -12.63 2.10
C LEU C 319 -21.60 -13.19 3.01
N LYS C 320 -21.96 -13.58 4.22
CA LYS C 320 -21.00 -14.11 5.18
C LYS C 320 -20.73 -15.60 4.99
N GLY C 321 -21.43 -16.26 4.07
CA GLY C 321 -21.21 -17.67 3.85
C GLY C 321 -21.76 -18.57 4.93
N ASP C 322 -22.67 -18.06 5.76
CA ASP C 322 -23.23 -18.84 6.85
C ASP C 322 -24.30 -19.83 6.38
N ASN C 323 -24.75 -19.74 5.13
CA ASN C 323 -25.84 -20.56 4.62
C ASN C 323 -25.27 -21.59 3.64
N LEU C 324 -25.70 -22.83 3.79
CA LEU C 324 -25.31 -23.91 2.88
C LEU C 324 -26.35 -24.06 1.78
N GLY C 325 -25.90 -23.97 0.53
CA GLY C 325 -26.81 -24.01 -0.60
C GLY C 325 -27.22 -22.62 -1.03
N LYS C 326 -28.03 -22.59 -2.09
CA LYS C 326 -28.51 -21.32 -2.64
C LYS C 326 -29.50 -20.69 -1.68
N THR C 327 -29.21 -19.46 -1.25
CA THR C 327 -30.11 -18.73 -0.35
C THR C 327 -31.30 -18.21 -1.14
N ILE C 328 -32.49 -18.66 -0.76
CA ILE C 328 -33.74 -18.27 -1.39
C ILE C 328 -34.72 -17.87 -0.31
N VAL C 329 -35.49 -16.80 -0.57
CA VAL C 329 -36.54 -16.36 0.34
C VAL C 329 -37.88 -16.79 -0.22
N LYS C 330 -38.70 -17.44 0.59
CA LYS C 330 -40.04 -17.84 0.21
C LYS C 330 -41.02 -16.78 0.72
N ALA C 331 -41.75 -16.18 -0.20
CA ALA C 331 -42.72 -15.15 0.18
C ALA C 331 -43.78 -15.74 1.12
N SER D 4 -28.56 -13.56 42.38
CA SER D 4 -29.63 -12.90 41.65
C SER D 4 -29.67 -13.41 40.20
N MET D 5 -30.23 -12.60 39.32
CA MET D 5 -30.25 -12.88 37.89
C MET D 5 -29.68 -11.69 37.14
N THR D 6 -29.17 -11.96 35.94
CA THR D 6 -28.50 -10.92 35.16
C THR D 6 -28.65 -11.23 33.68
N LYS D 7 -28.17 -10.29 32.87
CA LYS D 7 -27.95 -10.50 31.45
C LYS D 7 -26.53 -10.03 31.12
N THR D 8 -25.95 -10.63 30.09
CA THR D 8 -24.57 -10.32 29.72
C THR D 8 -24.39 -10.46 28.22
N TRP D 9 -23.66 -9.52 27.64
CA TRP D 9 -23.30 -9.57 26.23
C TRP D 9 -21.90 -10.15 26.10
N THR D 10 -21.74 -11.09 25.19
CA THR D 10 -20.46 -11.77 24.97
C THR D 10 -20.07 -11.65 23.51
N LEU D 11 -18.78 -11.87 23.24
CA LEU D 11 -18.23 -11.83 21.89
C LEU D 11 -18.32 -13.24 21.31
N LYS D 12 -19.35 -13.48 20.50
CA LYS D 12 -19.48 -14.79 19.86
C LYS D 12 -18.39 -14.99 18.82
N LYS D 13 -18.32 -14.12 17.82
CA LYS D 13 -17.34 -14.19 16.76
C LYS D 13 -16.49 -12.92 16.77
N HIS D 14 -15.17 -13.09 16.69
CA HIS D 14 -14.28 -11.94 16.55
C HIS D 14 -14.65 -11.15 15.30
N PHE D 15 -14.61 -9.83 15.41
CA PHE D 15 -15.10 -8.98 14.33
C PHE D 15 -14.20 -9.07 13.11
N VAL D 16 -14.79 -8.77 11.95
CA VAL D 16 -14.06 -8.58 10.70
C VAL D 16 -14.57 -7.28 10.09
N GLY D 17 -13.67 -6.34 9.86
CA GLY D 17 -14.10 -4.99 9.52
C GLY D 17 -14.90 -4.41 10.67
N TYR D 18 -16.06 -3.84 10.36
CA TYR D 18 -16.94 -3.38 11.44
C TYR D 18 -17.67 -4.58 12.05
N PRO D 19 -18.06 -4.47 13.32
CA PRO D 19 -18.89 -5.52 13.92
C PRO D 19 -20.27 -5.56 13.27
N THR D 20 -20.99 -6.66 13.54
CA THR D 20 -22.37 -6.81 13.13
C THR D 20 -23.12 -7.54 14.23
N ASN D 21 -24.43 -7.69 14.05
CA ASN D 21 -25.27 -8.23 15.11
C ASN D 21 -24.86 -9.64 15.50
N SER D 22 -24.51 -10.47 14.50
CA SER D 22 -24.22 -11.88 14.76
C SER D 22 -22.98 -12.09 15.63
N ASP D 23 -22.14 -11.07 15.78
CA ASP D 23 -20.88 -11.25 16.50
C ASP D 23 -21.03 -11.17 18.01
N PHE D 24 -22.23 -10.85 18.51
CA PHE D 24 -22.50 -10.80 19.94
C PHE D 24 -23.56 -11.82 20.29
N GLU D 25 -23.62 -12.18 21.57
CA GLU D 25 -24.61 -13.16 22.03
C GLU D 25 -25.05 -12.81 23.45
N LEU D 26 -26.36 -12.67 23.63
CA LEU D 26 -26.92 -12.46 24.96
C LEU D 26 -26.89 -13.77 25.75
N LYS D 27 -26.61 -13.66 27.04
CA LYS D 27 -26.59 -14.83 27.92
C LYS D 27 -27.18 -14.43 29.27
N THR D 28 -28.29 -15.06 29.62
CA THR D 28 -28.89 -14.87 30.94
C THR D 28 -28.21 -15.82 31.94
N SER D 29 -27.83 -15.28 33.09
CA SER D 29 -27.09 -16.06 34.08
C SER D 29 -27.68 -15.80 35.47
N GLU D 30 -27.43 -16.74 36.37
CA GLU D 30 -27.92 -16.67 37.75
C GLU D 30 -26.73 -16.38 38.66
N LEU D 31 -26.65 -15.15 39.14
CA LEU D 31 -25.53 -14.76 39.98
C LEU D 31 -25.57 -15.50 41.32
N PRO D 32 -24.42 -15.74 41.93
CA PRO D 32 -24.38 -16.39 43.24
C PRO D 32 -24.82 -15.43 44.32
N PRO D 33 -25.12 -15.93 45.52
CA PRO D 33 -25.37 -15.03 46.65
C PRO D 33 -24.10 -14.26 47.02
N LEU D 34 -24.29 -13.22 47.82
CA LEU D 34 -23.20 -12.32 48.15
C LEU D 34 -22.27 -12.94 49.19
N LYS D 35 -20.98 -12.77 48.97
CA LYS D 35 -19.99 -13.03 50.01
C LYS D 35 -19.98 -11.84 50.97
N ASN D 36 -19.08 -11.89 51.96
CA ASN D 36 -18.95 -10.78 52.90
C ASN D 36 -18.08 -9.69 52.29
N GLY D 37 -18.53 -8.45 52.40
CA GLY D 37 -17.86 -7.33 51.79
C GLY D 37 -18.20 -7.12 50.32
N GLU D 38 -19.12 -7.89 49.77
CA GLU D 38 -19.53 -7.76 48.38
C GLU D 38 -20.82 -6.96 48.27
N VAL D 39 -21.08 -6.48 47.06
CA VAL D 39 -22.28 -5.70 46.77
C VAL D 39 -22.81 -6.10 45.40
N LEU D 40 -24.13 -6.25 45.30
CA LEU D 40 -24.79 -6.41 44.02
C LEU D 40 -25.06 -5.03 43.42
N LEU D 41 -24.78 -4.88 42.12
CA LEU D 41 -24.81 -3.59 41.45
C LEU D 41 -25.73 -3.69 40.25
N GLU D 42 -26.77 -2.86 40.22
CA GLU D 42 -27.68 -2.77 39.09
C GLU D 42 -27.26 -1.58 38.23
N ALA D 43 -27.02 -1.83 36.94
CA ALA D 43 -26.53 -0.79 36.04
C ALA D 43 -27.64 0.19 35.72
N LEU D 44 -27.35 1.49 35.87
CA LEU D 44 -28.23 2.54 35.40
C LEU D 44 -27.84 3.01 34.00
N PHE D 45 -26.56 3.29 33.79
CA PHE D 45 -26.03 3.66 32.48
C PHE D 45 -24.80 2.80 32.19
N LEU D 46 -24.66 2.39 30.94
CA LEU D 46 -23.49 1.68 30.47
C LEU D 46 -23.00 2.35 29.20
N THR D 47 -21.69 2.36 29.01
CA THR D 47 -21.08 3.09 27.89
C THR D 47 -20.57 2.12 26.83
N VAL D 48 -20.48 2.63 25.61
CA VAL D 48 -19.79 1.97 24.51
C VAL D 48 -18.79 2.97 23.95
N ASP D 49 -17.59 2.49 23.65
CA ASP D 49 -16.49 3.37 23.28
C ASP D 49 -15.66 2.77 22.16
N PRO D 50 -14.97 3.59 21.36
CA PRO D 50 -14.15 3.03 20.28
C PRO D 50 -13.08 2.06 20.75
N TYR D 51 -12.49 2.29 21.94
CA TYR D 51 -11.42 1.42 22.39
C TYR D 51 -11.88 -0.02 22.53
N MET D 52 -13.18 -0.25 22.70
CA MET D 52 -13.69 -1.61 22.83
C MET D 52 -13.42 -2.43 21.59
N ARG D 53 -13.47 -1.81 20.41
CA ARG D 53 -13.18 -2.52 19.17
C ARG D 53 -11.78 -3.13 19.21
N VAL D 54 -10.78 -2.34 19.61
CA VAL D 54 -9.41 -2.84 19.67
C VAL D 54 -9.27 -3.86 20.79
N ALA D 55 -9.82 -3.55 21.97
CA ALA D 55 -9.69 -4.45 23.11
C ALA D 55 -10.41 -5.77 22.89
N ALA D 56 -11.36 -5.80 21.95
CA ALA D 56 -12.12 -7.04 21.70
C ALA D 56 -11.24 -8.09 21.03
N LYS D 57 -10.24 -7.67 20.26
CA LYS D 57 -9.36 -8.62 19.59
C LYS D 57 -8.46 -9.37 20.57
N ARG D 58 -8.41 -8.97 21.83
CA ARG D 58 -7.68 -9.68 22.86
C ARG D 58 -8.60 -10.49 23.77
N LEU D 59 -9.84 -10.71 23.34
CA LEU D 59 -10.81 -11.52 24.06
C LEU D 59 -10.86 -12.93 23.48
N LYS D 60 -11.37 -13.85 24.28
CA LYS D 60 -11.75 -15.17 23.81
C LYS D 60 -13.24 -15.17 23.52
N GLU D 61 -13.64 -15.89 22.47
CA GLU D 61 -15.06 -16.01 22.16
C GLU D 61 -15.79 -16.63 23.36
N GLY D 62 -16.94 -16.06 23.69
CA GLY D 62 -17.70 -16.46 24.85
C GLY D 62 -17.48 -15.60 26.09
N ASP D 63 -16.52 -14.68 26.04
CA ASP D 63 -16.21 -13.83 27.17
C ASP D 63 -17.11 -12.60 27.19
N THR D 64 -17.22 -11.99 28.36
CA THR D 64 -18.00 -10.78 28.52
C THR D 64 -17.29 -9.60 27.88
N MET D 65 -18.07 -8.72 27.25
CA MET D 65 -17.52 -7.50 26.69
C MET D 65 -17.09 -6.55 27.80
N MET D 66 -15.94 -5.90 27.61
CA MET D 66 -15.43 -4.96 28.60
C MET D 66 -16.18 -3.63 28.50
N GLY D 67 -16.25 -2.93 29.63
CA GLY D 67 -16.88 -1.62 29.64
C GLY D 67 -17.09 -1.12 31.04
N GLN D 68 -17.43 0.16 31.12
CA GLN D 68 -17.70 0.85 32.37
C GLN D 68 -19.19 1.19 32.46
N GLN D 69 -19.65 1.47 33.67
CA GLN D 69 -21.05 1.77 33.89
C GLN D 69 -21.23 2.57 35.18
N VAL D 70 -22.29 3.36 35.21
CA VAL D 70 -22.79 3.94 36.45
C VAL D 70 -23.81 2.96 37.02
N ALA D 71 -23.50 2.41 38.20
CA ALA D 71 -24.33 1.38 38.82
C ALA D 71 -24.71 1.81 40.24
N LYS D 72 -25.86 1.33 40.70
CA LYS D 72 -26.32 1.57 42.06
C LYS D 72 -26.25 0.28 42.86
N VAL D 73 -26.10 0.41 44.17
CA VAL D 73 -25.95 -0.72 45.07
C VAL D 73 -27.34 -1.16 45.50
N VAL D 74 -27.81 -2.28 44.96
CA VAL D 74 -29.16 -2.76 45.29
C VAL D 74 -29.14 -3.67 46.52
N GLU D 75 -28.02 -4.35 46.78
CA GLU D 75 -27.87 -5.16 47.98
C GLU D 75 -26.43 -5.04 48.46
N SER D 76 -26.26 -4.87 49.77
CA SER D 76 -24.97 -4.52 50.35
C SER D 76 -24.66 -5.41 51.54
N LYS D 77 -23.59 -6.18 51.44
CA LYS D 77 -22.92 -6.78 52.59
C LYS D 77 -21.62 -6.06 52.91
N ASN D 78 -21.48 -4.82 52.44
CA ASN D 78 -20.31 -3.99 52.69
C ASN D 78 -20.82 -2.65 53.22
N VAL D 79 -20.47 -2.32 54.46
CA VAL D 79 -20.99 -1.11 55.08
C VAL D 79 -20.39 0.15 54.46
N ALA D 80 -19.20 0.06 53.87
CA ALA D 80 -18.64 1.19 53.15
C ALA D 80 -19.44 1.52 51.90
N LEU D 81 -20.26 0.58 51.42
CA LEU D 81 -21.06 0.75 50.20
C LEU D 81 -22.50 0.37 50.51
N PRO D 82 -23.22 1.24 51.22
CA PRO D 82 -24.61 0.93 51.57
C PRO D 82 -25.52 0.95 50.35
N LYS D 83 -26.68 0.30 50.50
CA LYS D 83 -27.67 0.29 49.44
C LYS D 83 -28.07 1.71 49.07
N GLY D 84 -28.17 1.97 47.77
CA GLY D 84 -28.48 3.28 47.24
C GLY D 84 -27.29 4.05 46.71
N THR D 85 -26.07 3.59 47.03
CA THR D 85 -24.87 4.31 46.59
C THR D 85 -24.69 4.18 45.09
N ILE D 86 -24.17 5.25 44.48
CA ILE D 86 -23.88 5.29 43.06
C ILE D 86 -22.37 5.22 42.88
N VAL D 87 -21.90 4.26 42.09
CA VAL D 87 -20.48 4.06 41.84
C VAL D 87 -20.25 3.85 40.35
N LEU D 88 -19.02 4.10 39.93
CA LEU D 88 -18.54 3.66 38.63
C LEU D 88 -17.90 2.28 38.78
N ALA D 89 -18.30 1.36 37.90
CA ALA D 89 -17.79 0.00 37.92
C ALA D 89 -17.44 -0.41 36.50
N SER D 90 -16.56 -1.39 36.38
CA SER D 90 -16.13 -1.92 35.09
C SER D 90 -16.28 -3.44 35.06
N PRO D 91 -17.51 -3.93 35.18
CA PRO D 91 -17.77 -5.37 35.00
C PRO D 91 -18.10 -5.79 33.58
N GLY D 92 -18.03 -4.88 32.62
CA GLY D 92 -18.41 -5.19 31.26
C GLY D 92 -19.88 -4.96 31.00
N TRP D 93 -20.35 -5.50 29.89
CA TRP D 93 -21.75 -5.34 29.46
C TRP D 93 -22.59 -6.34 30.26
N THR D 94 -22.94 -5.95 31.48
CA THR D 94 -23.75 -6.79 32.34
C THR D 94 -24.72 -5.91 33.14
N THR D 95 -25.98 -6.36 33.22
CA THR D 95 -26.99 -5.59 33.94
C THR D 95 -26.75 -5.64 35.45
N HIS D 96 -26.24 -6.76 35.97
CA HIS D 96 -26.00 -6.91 37.39
C HIS D 96 -24.63 -7.54 37.59
N SER D 97 -23.92 -7.07 38.62
CA SER D 97 -22.57 -7.54 38.88
C SER D 97 -22.32 -7.55 40.39
N ILE D 98 -21.32 -8.32 40.80
CA ILE D 98 -20.93 -8.43 42.20
C ILE D 98 -19.48 -7.99 42.33
N SER D 99 -19.22 -7.08 43.26
CA SER D 99 -17.90 -6.51 43.45
C SER D 99 -17.56 -6.46 44.93
N ASP D 100 -16.27 -6.63 45.23
CA ASP D 100 -15.79 -6.66 46.60
C ASP D 100 -15.57 -5.27 47.19
N GLY D 101 -15.60 -4.22 46.37
CA GLY D 101 -15.50 -2.85 46.85
C GLY D 101 -14.17 -2.18 46.61
N LYS D 102 -13.18 -2.88 46.07
CA LYS D 102 -11.90 -2.26 45.75
C LYS D 102 -11.87 -1.71 44.33
N ASP D 103 -12.56 -2.36 43.40
CA ASP D 103 -12.57 -1.96 42.00
C ASP D 103 -13.66 -0.94 41.68
N LEU D 104 -14.13 -0.21 42.70
CA LEU D 104 -15.21 0.75 42.54
C LEU D 104 -14.70 2.16 42.83
N GLU D 105 -15.19 3.12 42.03
CA GLU D 105 -14.87 4.53 42.19
C GLU D 105 -16.15 5.29 42.50
N LYS D 106 -16.11 6.15 43.50
CA LYS D 106 -17.24 7.01 43.79
C LYS D 106 -17.16 8.26 42.92
N LEU D 107 -18.31 8.73 42.44
CA LEU D 107 -18.34 9.96 41.69
C LEU D 107 -17.77 11.10 42.54
N LEU D 108 -17.52 12.23 41.88
CA LEU D 108 -17.06 13.41 42.60
C LEU D 108 -18.05 13.73 43.70
N THR D 109 -17.54 13.99 44.91
CA THR D 109 -18.41 14.22 46.05
C THR D 109 -19.34 15.40 45.82
N GLU D 110 -18.89 16.42 45.09
CA GLU D 110 -19.69 17.60 44.83
C GLU D 110 -20.60 17.46 43.60
N TRP D 111 -20.82 16.24 43.13
CA TRP D 111 -21.57 16.02 41.90
C TRP D 111 -22.96 16.61 42.03
N PRO D 112 -23.26 17.72 41.34
CA PRO D 112 -24.57 18.36 41.51
C PRO D 112 -25.69 17.56 40.85
N ASP D 113 -26.89 17.73 41.38
CA ASP D 113 -28.07 17.08 40.82
C ASP D 113 -28.41 17.60 39.44
N THR D 114 -27.86 18.75 39.03
CA THR D 114 -28.26 19.40 37.80
C THR D 114 -27.60 18.81 36.55
N ILE D 115 -26.59 17.97 36.69
CA ILE D 115 -25.97 17.34 35.52
C ILE D 115 -26.27 15.85 35.52
N PRO D 116 -26.54 15.24 34.36
CA PRO D 116 -26.87 13.81 34.35
C PRO D 116 -25.74 12.96 34.91
N LEU D 117 -26.12 11.90 35.63
CA LEU D 117 -25.14 10.93 36.11
C LEU D 117 -24.38 10.29 34.95
N SER D 118 -24.99 10.25 33.77
CA SER D 118 -24.35 9.61 32.62
C SER D 118 -23.14 10.39 32.11
N LEU D 119 -22.95 11.63 32.55
CA LEU D 119 -21.73 12.34 32.18
C LEU D 119 -20.50 11.81 32.88
N ALA D 120 -20.67 10.98 33.92
CA ALA D 120 -19.53 10.31 34.54
C ALA D 120 -18.89 9.29 33.63
N LEU D 121 -19.54 8.95 32.52
CA LEU D 121 -18.98 8.08 31.48
C LEU D 121 -18.57 8.87 30.24
N GLY D 122 -18.66 10.20 30.29
CA GLY D 122 -18.50 11.04 29.13
C GLY D 122 -17.62 12.24 29.37
N THR D 123 -18.20 13.44 29.19
CA THR D 123 -17.44 14.68 29.28
C THR D 123 -16.77 14.85 30.64
N VAL D 124 -17.37 14.33 31.70
CA VAL D 124 -16.79 14.41 33.04
C VAL D 124 -16.41 13.00 33.46
N GLY D 125 -15.96 12.22 32.48
CA GLY D 125 -15.52 10.85 32.72
C GLY D 125 -14.29 10.54 31.91
N MET D 126 -14.10 9.27 31.53
CA MET D 126 -12.88 8.88 30.84
C MET D 126 -12.70 9.61 29.51
N PRO D 127 -13.71 9.74 28.65
CA PRO D 127 -13.51 10.53 27.43
C PRO D 127 -13.05 11.96 27.71
N GLY D 128 -13.63 12.61 28.72
CA GLY D 128 -13.20 13.96 29.04
C GLY D 128 -11.76 14.01 29.49
N LEU D 129 -11.36 13.06 30.35
CA LEU D 129 -9.97 13.02 30.82
C LEU D 129 -9.00 12.72 29.69
N THR D 130 -9.41 11.90 28.72
CA THR D 130 -8.56 11.65 27.56
C THR D 130 -8.27 12.95 26.83
N ALA D 131 -9.29 13.80 26.66
CA ALA D 131 -9.09 15.10 26.06
C ALA D 131 -8.24 15.99 26.95
N TYR D 132 -8.45 15.93 28.26
CA TYR D 132 -7.76 16.84 29.18
C TYR D 132 -6.26 16.60 29.16
N PHE D 133 -5.83 15.36 29.37
CA PHE D 133 -4.41 15.06 29.43
C PHE D 133 -3.77 15.04 28.04
N GLY D 134 -4.50 14.58 27.02
CA GLY D 134 -3.95 14.58 25.68
C GLY D 134 -3.60 15.97 25.19
N LEU D 135 -4.46 16.94 25.47
CA LEU D 135 -4.24 18.29 24.97
C LEU D 135 -3.29 19.08 25.87
N LEU D 136 -3.56 19.09 27.18
CA LEU D 136 -2.84 19.98 28.08
C LEU D 136 -1.44 19.48 28.39
N GLU D 137 -1.23 18.16 28.41
CA GLU D 137 0.07 17.60 28.77
C GLU D 137 0.81 16.98 27.58
N ILE D 138 0.17 16.08 26.84
CA ILE D 138 0.85 15.45 25.71
C ILE D 138 1.12 16.48 24.62
N CYS D 139 0.10 17.27 24.26
CA CYS D 139 0.30 18.35 23.31
C CYS D 139 0.99 19.55 23.96
N GLY D 140 0.78 19.74 25.25
CA GLY D 140 1.39 20.87 25.95
C GLY D 140 0.89 22.22 25.47
N VAL D 141 -0.42 22.34 25.25
CA VAL D 141 -0.98 23.63 24.86
C VAL D 141 -0.70 24.66 25.94
N LYS D 142 -0.37 25.87 25.52
CA LYS D 142 -0.04 26.98 26.43
C LYS D 142 -0.95 28.18 26.29
N GLY D 143 -1.57 28.38 25.12
CA GLY D 143 -2.34 29.57 24.87
C GLY D 143 -1.85 30.29 23.63
N GLY D 144 -2.76 30.52 22.67
CA GLY D 144 -2.42 31.18 21.43
C GLY D 144 -2.07 30.25 20.29
N GLU D 145 -1.93 28.95 20.55
CA GLU D 145 -1.60 28.01 19.49
C GLU D 145 -2.82 27.75 18.61
N THR D 146 -2.57 27.11 17.47
CA THR D 146 -3.60 26.64 16.57
C THR D 146 -3.65 25.12 16.66
N VAL D 147 -4.80 24.59 17.06
CA VAL D 147 -4.96 23.17 17.35
C VAL D 147 -5.82 22.55 16.26
N MET D 148 -5.39 21.41 15.74
CA MET D 148 -6.18 20.60 14.84
C MET D 148 -6.61 19.34 15.57
N VAL D 149 -7.92 19.18 15.73
CA VAL D 149 -8.49 17.99 16.34
C VAL D 149 -9.44 17.37 15.32
N ASN D 150 -9.28 16.08 15.06
CA ASN D 150 -10.18 15.32 14.21
C ASN D 150 -11.11 14.48 15.09
N ALA D 151 -12.10 13.86 14.45
CA ALA D 151 -13.21 13.24 15.17
C ALA D 151 -13.75 14.23 16.20
N ALA D 152 -13.87 15.49 15.76
CA ALA D 152 -14.08 16.60 16.70
C ALA D 152 -15.44 16.57 17.36
N ALA D 153 -16.39 15.79 16.82
CA ALA D 153 -17.73 15.74 17.38
C ALA D 153 -17.91 14.63 18.41
N GLY D 154 -17.02 13.65 18.42
CA GLY D 154 -17.04 12.65 19.47
C GLY D 154 -16.90 13.26 20.84
N ALA D 155 -17.03 12.41 21.86
CA ALA D 155 -16.93 12.89 23.22
C ALA D 155 -15.55 13.44 23.52
N VAL D 156 -14.50 12.81 22.97
CA VAL D 156 -13.14 13.28 23.21
C VAL D 156 -12.87 14.57 22.43
N GLY D 157 -13.15 14.56 21.13
CA GLY D 157 -12.82 15.72 20.31
C GLY D 157 -13.56 16.97 20.73
N SER D 158 -14.82 16.84 21.10
CA SER D 158 -15.60 18.01 21.51
C SER D 158 -15.00 18.66 22.76
N VAL D 159 -14.52 17.84 23.70
CA VAL D 159 -13.87 18.38 24.88
C VAL D 159 -12.52 19.00 24.51
N VAL D 160 -11.80 18.39 23.57
CA VAL D 160 -10.49 18.93 23.17
C VAL D 160 -10.64 20.36 22.67
N GLY D 161 -11.60 20.59 21.78
CA GLY D 161 -11.78 21.92 21.25
C GLY D 161 -12.12 22.94 22.30
N GLN D 162 -13.04 22.59 23.20
CA GLN D 162 -13.56 23.57 24.15
C GLN D 162 -12.52 23.92 25.22
N ILE D 163 -11.75 22.94 25.68
CA ILE D 163 -10.65 23.24 26.59
C ILE D 163 -9.65 24.16 25.89
N ALA D 164 -9.33 23.85 24.64
CA ALA D 164 -8.42 24.71 23.88
C ALA D 164 -8.95 26.13 23.81
N LYS D 165 -10.26 26.30 23.64
CA LYS D 165 -10.85 27.63 23.53
C LYS D 165 -10.66 28.42 24.82
N LEU D 166 -10.94 27.79 25.96
CA LEU D 166 -10.83 28.49 27.24
C LEU D 166 -9.38 28.65 27.69
N LYS D 167 -8.44 27.98 27.02
CA LYS D 167 -7.02 28.25 27.21
C LYS D 167 -6.50 29.33 26.28
N GLY D 168 -7.31 29.78 25.33
CA GLY D 168 -6.96 30.87 24.46
C GLY D 168 -6.40 30.47 23.11
N CYS D 169 -6.84 29.35 22.54
CA CYS D 169 -6.24 28.79 21.34
C CYS D 169 -7.26 28.72 20.20
N LYS D 170 -6.79 28.96 18.99
CA LYS D 170 -7.58 28.67 17.80
C LYS D 170 -7.76 27.16 17.67
N VAL D 171 -8.87 26.76 17.04
CA VAL D 171 -9.18 25.35 16.88
C VAL D 171 -9.73 25.11 15.48
N VAL D 172 -9.43 23.93 14.94
CA VAL D 172 -9.93 23.47 13.66
C VAL D 172 -10.40 22.03 13.84
N GLY D 173 -11.62 21.74 13.42
CA GLY D 173 -12.21 20.44 13.66
C GLY D 173 -12.68 19.77 12.38
N ALA D 174 -12.41 18.48 12.28
CA ALA D 174 -12.90 17.65 11.18
C ALA D 174 -13.91 16.66 11.74
N VAL D 175 -15.12 16.68 11.20
CA VAL D 175 -16.18 15.77 11.61
C VAL D 175 -16.67 15.02 10.39
N GLY D 176 -17.66 14.14 10.58
CA GLY D 176 -18.14 13.29 9.50
C GLY D 176 -19.60 13.48 9.14
N SER D 177 -20.11 14.70 9.31
CA SER D 177 -21.48 15.01 8.95
C SER D 177 -21.72 16.50 9.09
N ASP D 178 -22.68 17.02 8.32
CA ASP D 178 -23.03 18.43 8.41
C ASP D 178 -23.66 18.75 9.77
N GLU D 179 -24.43 17.81 10.32
CA GLU D 179 -25.02 18.01 11.64
C GLU D 179 -23.93 18.31 12.67
N LYS D 180 -22.85 17.54 12.64
CA LYS D 180 -21.76 17.74 13.59
C LYS D 180 -21.07 19.09 13.38
N VAL D 181 -21.00 19.56 12.14
CA VAL D 181 -20.39 20.86 11.86
C VAL D 181 -21.13 21.96 12.61
N ALA D 182 -22.46 21.97 12.50
CA ALA D 182 -23.25 23.00 13.17
C ALA D 182 -23.11 22.90 14.68
N TYR D 183 -23.09 21.67 15.21
CA TYR D 183 -22.99 21.49 16.65
C TYR D 183 -21.71 22.11 17.19
N LEU D 184 -20.59 21.91 16.50
CA LEU D 184 -19.32 22.44 17.00
C LEU D 184 -19.21 23.94 16.80
N GLN D 185 -19.88 24.48 15.78
CA GLN D 185 -19.86 25.93 15.60
C GLN D 185 -20.55 26.63 16.77
N LYS D 186 -21.66 26.07 17.25
CA LYS D 186 -22.30 26.61 18.45
C LYS D 186 -21.40 26.47 19.67
N LEU D 187 -20.43 25.55 19.64
CA LEU D 187 -19.52 25.32 20.76
C LEU D 187 -18.31 26.26 20.74
N GLY D 188 -18.17 27.10 19.73
CA GLY D 188 -17.12 28.08 19.69
C GLY D 188 -15.91 27.74 18.85
N PHE D 189 -15.96 26.65 18.09
CA PHE D 189 -14.85 26.29 17.21
C PHE D 189 -14.62 27.41 16.19
N ASP D 190 -13.34 27.64 15.87
CA ASP D 190 -13.00 28.67 14.88
C ASP D 190 -13.32 28.19 13.47
N VAL D 191 -13.01 26.93 13.17
CA VAL D 191 -13.27 26.35 11.85
C VAL D 191 -13.71 24.91 12.05
N VAL D 192 -14.73 24.50 11.29
CA VAL D 192 -15.21 23.12 11.28
C VAL D 192 -15.53 22.77 9.84
N PHE D 193 -15.18 21.54 9.43
CA PHE D 193 -15.46 21.07 8.08
C PHE D 193 -15.75 19.59 8.11
N ASN D 194 -16.49 19.14 7.11
CA ASN D 194 -16.84 17.72 6.96
C ASN D 194 -15.77 17.06 6.08
N TYR D 195 -14.91 16.25 6.69
CA TYR D 195 -13.80 15.65 5.95
C TYR D 195 -14.30 14.73 4.84
N LYS D 196 -15.53 14.21 4.95
CA LYS D 196 -16.04 13.32 3.93
C LYS D 196 -16.35 14.05 2.63
N THR D 197 -16.79 15.31 2.70
CA THR D 197 -17.33 16.03 1.55
C THR D 197 -16.52 17.26 1.21
N VAL D 198 -15.22 17.25 1.50
CA VAL D 198 -14.31 18.32 1.09
C VAL D 198 -13.56 17.86 -0.15
N GLU D 199 -13.52 18.72 -1.17
CA GLU D 199 -12.90 18.34 -2.42
C GLU D 199 -11.42 18.02 -2.23
N SER D 200 -10.73 18.80 -1.41
CA SER D 200 -9.31 18.60 -1.14
C SER D 200 -9.07 18.83 0.34
N LEU D 201 -8.73 17.75 1.07
CA LEU D 201 -8.40 17.91 2.48
C LEU D 201 -7.18 18.80 2.67
N GLU D 202 -6.16 18.63 1.81
CA GLU D 202 -4.96 19.43 1.92
C GLU D 202 -5.28 20.91 1.78
N GLU D 203 -6.08 21.27 0.79
CA GLU D 203 -6.46 22.67 0.60
C GLU D 203 -7.30 23.18 1.76
N THR D 204 -8.20 22.33 2.29
CA THR D 204 -9.06 22.77 3.37
C THR D 204 -8.26 23.12 4.62
N LEU D 205 -7.32 22.25 5.00
CA LEU D 205 -6.49 22.53 6.17
C LEU D 205 -5.65 23.77 5.95
N LYS D 206 -5.10 23.94 4.74
CA LYS D 206 -4.28 25.11 4.46
C LYS D 206 -5.09 26.39 4.63
N LYS D 207 -6.33 26.39 4.14
CA LYS D 207 -7.19 27.57 4.30
C LYS D 207 -7.52 27.82 5.76
N ALA D 208 -7.81 26.76 6.52
CA ALA D 208 -8.20 26.93 7.92
C ALA D 208 -7.09 27.59 8.71
N SER D 209 -5.84 27.25 8.42
CA SER D 209 -4.69 27.90 9.05
C SER D 209 -3.53 27.85 8.07
N PRO D 210 -3.35 28.91 7.27
CA PRO D 210 -2.17 28.95 6.39
C PRO D 210 -0.87 28.96 7.16
N ASP D 211 -0.89 29.40 8.42
CA ASP D 211 0.28 29.44 9.28
C ASP D 211 0.77 28.06 9.69
N GLY D 212 -0.04 27.02 9.46
CA GLY D 212 0.27 25.70 9.98
C GLY D 212 -0.37 25.47 11.33
N TYR D 213 -0.09 24.29 11.89
CA TYR D 213 -0.71 23.85 13.14
C TYR D 213 0.38 23.58 14.18
N ASP D 214 0.19 24.13 15.38
CA ASP D 214 1.12 23.89 16.47
C ASP D 214 0.86 22.55 17.16
N CYS D 215 -0.40 22.13 17.25
CA CYS D 215 -0.76 20.90 17.95
C CYS D 215 -1.76 20.12 17.11
N TYR D 216 -1.72 18.80 17.26
CA TYR D 216 -2.58 17.90 16.49
C TYR D 216 -3.05 16.80 17.45
N PHE D 217 -4.29 16.91 17.91
CA PHE D 217 -4.91 15.85 18.70
C PHE D 217 -5.50 14.83 17.73
N ASP D 218 -4.88 13.66 17.66
CA ASP D 218 -5.12 12.69 16.59
C ASP D 218 -5.89 11.49 17.13
N ASN D 219 -7.17 11.39 16.74
CA ASN D 219 -8.00 10.23 17.01
C ASN D 219 -8.14 9.30 15.80
N VAL D 220 -7.81 9.79 14.60
CA VAL D 220 -8.14 9.09 13.36
C VAL D 220 -6.93 8.37 12.77
N GLY D 221 -5.83 9.07 12.58
CA GLY D 221 -4.64 8.45 12.04
C GLY D 221 -4.73 8.23 10.54
N GLY D 222 -3.99 7.23 10.07
CA GLY D 222 -4.08 6.83 8.68
C GLY D 222 -3.61 7.91 7.72
N GLU D 223 -4.22 7.93 6.54
CA GLU D 223 -3.84 8.90 5.52
C GLU D 223 -4.21 10.32 5.92
N PHE D 224 -5.29 10.48 6.69
CA PHE D 224 -5.66 11.82 7.16
C PHE D 224 -4.50 12.47 7.92
N SER D 225 -3.79 11.69 8.72
CA SER D 225 -2.73 12.25 9.55
C SER D 225 -1.47 12.56 8.75
N ASN D 226 -1.21 11.81 7.68
CA ASN D 226 -0.12 12.19 6.79
C ASN D 226 -0.33 13.59 6.25
N THR D 227 -1.58 13.97 6.00
CA THR D 227 -1.86 15.30 5.48
C THR D 227 -1.65 16.38 6.54
N VAL D 228 -2.14 16.14 7.77
CA VAL D 228 -1.95 17.12 8.82
C VAL D 228 -0.46 17.28 9.13
N ILE D 229 0.29 16.17 9.06
CA ILE D 229 1.72 16.21 9.34
C ILE D 229 2.44 17.11 8.35
N GLY D 230 1.93 17.21 7.12
CA GLY D 230 2.53 18.08 6.13
C GLY D 230 2.32 19.55 6.37
N GLN D 231 1.46 19.90 7.33
CA GLN D 231 1.18 21.30 7.66
C GLN D 231 1.49 21.63 9.12
N MET D 232 2.19 20.74 9.83
CA MET D 232 2.61 21.05 11.18
C MET D 232 3.75 22.05 11.16
N LYS D 233 3.72 22.99 12.10
CA LYS D 233 4.80 23.95 12.24
C LYS D 233 6.04 23.25 12.82
N LYS D 234 7.15 23.95 12.77
CA LYS D 234 8.37 23.45 13.41
C LYS D 234 8.11 23.21 14.89
N PHE D 235 8.60 22.08 15.39
CA PHE D 235 8.43 21.66 16.78
C PHE D 235 6.97 21.39 17.13
N GLY D 236 6.15 21.06 16.14
CA GLY D 236 4.77 20.72 16.40
C GLY D 236 4.66 19.44 17.23
N ARG D 237 3.53 19.31 17.94
CA ARG D 237 3.30 18.21 18.86
C ARG D 237 2.03 17.47 18.45
N ILE D 238 2.12 16.15 18.37
CA ILE D 238 1.00 15.29 18.00
C ILE D 238 0.74 14.34 19.16
N ALA D 239 -0.50 14.33 19.63
CA ALA D 239 -0.96 13.41 20.67
C ALA D 239 -1.71 12.27 19.98
N ILE D 240 -1.08 11.10 19.93
CA ILE D 240 -1.68 9.94 19.27
C ILE D 240 -2.63 9.26 20.24
N CYS D 241 -3.89 9.68 20.22
CA CYS D 241 -4.91 9.13 21.09
C CYS D 241 -5.55 7.88 20.50
N GLY D 242 -5.93 7.94 19.23
CA GLY D 242 -6.57 6.81 18.58
C GLY D 242 -6.27 6.78 17.10
N ALA D 243 -6.62 5.66 16.49
CA ALA D 243 -6.46 5.42 15.06
C ALA D 243 -7.72 4.80 14.48
N ILE D 244 -8.87 5.44 14.74
CA ILE D 244 -10.17 4.84 14.42
C ILE D 244 -10.28 4.53 12.93
N SER D 245 -9.55 5.27 12.08
CA SER D 245 -9.59 4.98 10.63
C SER D 245 -8.77 3.73 10.26
N THR D 246 -8.36 2.96 11.27
CA THR D 246 -7.67 1.69 11.05
C THR D 246 -8.20 0.57 11.93
N TYR D 247 -8.97 0.87 12.98
CA TYR D 247 -9.57 -0.18 13.80
C TYR D 247 -10.38 -1.13 12.93
N ASN D 248 -11.42 -0.60 12.28
CA ASN D 248 -12.29 -1.39 11.40
C ASN D 248 -11.75 -1.39 9.97
N ARG D 249 -10.47 -1.75 9.83
CA ARG D 249 -9.81 -1.83 8.54
C ARG D 249 -9.75 -3.28 8.09
N THR D 250 -9.77 -3.47 6.77
CA THR D 250 -9.69 -4.80 6.16
C THR D 250 -8.41 -5.04 5.39
N GLY D 251 -7.79 -4.00 4.85
CA GLY D 251 -6.61 -4.15 4.03
C GLY D 251 -5.33 -3.81 4.78
N PRO D 252 -4.21 -3.70 4.05
CA PRO D 252 -2.95 -3.37 4.69
C PRO D 252 -2.86 -1.90 5.06
N LEU D 253 -2.09 -1.61 6.09
CA LEU D 253 -2.08 -0.27 6.65
C LEU D 253 -1.53 0.73 5.64
N PRO D 254 -1.98 1.98 5.71
CA PRO D 254 -1.58 2.98 4.72
C PRO D 254 -0.12 3.37 4.88
N PRO D 255 0.43 4.12 3.93
CA PRO D 255 1.82 4.56 4.04
C PRO D 255 2.06 5.38 5.29
N GLY D 256 3.29 5.34 5.78
CA GLY D 256 3.68 6.11 6.94
C GLY D 256 3.90 7.57 6.59
N PRO D 257 3.97 8.40 7.64
CA PRO D 257 4.15 9.83 7.40
C PRO D 257 5.47 10.10 6.73
N PRO D 258 5.58 11.17 5.95
CA PRO D 258 6.82 11.43 5.20
C PRO D 258 7.96 11.72 6.14
N PRO D 259 8.93 10.81 6.27
CA PRO D 259 9.99 11.03 7.28
C PRO D 259 10.78 12.31 7.05
N GLU D 260 10.90 12.75 5.80
CA GLU D 260 11.64 13.99 5.54
C GLU D 260 10.93 15.19 6.13
N ILE D 261 9.60 15.21 6.09
CA ILE D 261 8.87 16.32 6.71
C ILE D 261 8.95 16.21 8.23
N VAL D 262 8.86 14.99 8.77
CA VAL D 262 8.92 14.83 10.21
C VAL D 262 10.26 15.31 10.76
N ILE D 263 11.34 14.93 10.09
CA ILE D 263 12.69 15.30 10.56
C ILE D 263 12.92 16.79 10.37
N TYR D 264 12.58 17.31 9.18
CA TYR D 264 12.85 18.72 8.90
C TYR D 264 12.10 19.62 9.88
N GLN D 265 10.87 19.25 10.23
CA GLN D 265 10.08 20.01 11.19
C GLN D 265 10.40 19.65 12.64
N GLU D 266 11.15 18.57 12.87
CA GLU D 266 11.47 18.12 14.22
C GLU D 266 10.22 17.92 15.05
N LEU D 267 9.28 17.13 14.50
CA LEU D 267 8.01 16.91 15.17
C LEU D 267 8.16 15.98 16.36
N ARG D 268 7.41 16.28 17.42
CA ARG D 268 7.28 15.41 18.58
C ARG D 268 5.93 14.71 18.52
N MET D 269 5.92 13.39 18.64
CA MET D 269 4.72 12.58 18.43
C MET D 269 4.67 11.50 19.51
N GLU D 270 3.82 11.70 20.52
CA GLU D 270 3.69 10.78 21.64
C GLU D 270 2.27 10.24 21.71
N ALA D 271 2.15 8.93 21.87
CA ALA D 271 0.86 8.28 22.10
C ALA D 271 0.64 8.09 23.59
N PHE D 272 -0.63 7.96 23.97
CA PHE D 272 -0.98 7.91 25.38
C PHE D 272 -2.28 7.14 25.56
N VAL D 273 -2.49 6.66 26.79
CA VAL D 273 -3.77 6.12 27.23
C VAL D 273 -4.09 6.79 28.55
N VAL D 274 -5.37 7.09 28.78
CA VAL D 274 -5.75 7.94 29.90
C VAL D 274 -5.36 7.31 31.23
N TYR D 275 -5.27 5.98 31.28
CA TYR D 275 -4.95 5.29 32.53
C TYR D 275 -3.56 5.59 33.04
N ARG D 276 -2.69 6.19 32.22
CA ARG D 276 -1.37 6.60 32.70
C ARG D 276 -1.50 7.45 33.96
N TRP D 277 -2.51 8.31 34.00
CA TRP D 277 -2.73 9.21 35.14
C TRP D 277 -3.70 8.58 36.12
N GLN D 278 -3.35 8.63 37.41
CA GLN D 278 -4.17 8.07 38.47
C GLN D 278 -4.16 9.04 39.66
N GLY D 279 -4.92 8.67 40.69
CA GLY D 279 -4.80 9.37 41.96
C GLY D 279 -5.06 10.86 41.84
N ASP D 280 -4.15 11.65 42.40
CA ASP D 280 -4.35 13.09 42.49
C ASP D 280 -4.52 13.72 41.11
N ALA D 281 -3.67 13.33 40.15
CA ALA D 281 -3.76 13.94 38.82
C ALA D 281 -5.10 13.65 38.18
N ARG D 282 -5.58 12.41 38.28
CA ARG D 282 -6.85 12.03 37.68
C ARG D 282 -8.00 12.83 38.31
N GLN D 283 -7.99 12.96 39.64
CA GLN D 283 -9.09 13.63 40.32
C GLN D 283 -9.08 15.13 40.05
N LYS D 284 -7.89 15.74 39.97
CA LYS D 284 -7.79 17.15 39.67
C LYS D 284 -8.35 17.46 38.29
N ALA D 285 -8.04 16.62 37.30
CA ALA D 285 -8.59 16.83 35.96
C ALA D 285 -10.11 16.72 35.96
N LEU D 286 -10.65 15.73 36.69
CA LEU D 286 -12.10 15.58 36.76
C LEU D 286 -12.74 16.82 37.36
N LYS D 287 -12.11 17.40 38.40
CA LYS D 287 -12.65 18.62 39.00
C LYS D 287 -12.66 19.77 38.02
N ASP D 288 -11.60 19.91 37.22
CA ASP D 288 -11.56 20.98 36.23
C ASP D 288 -12.66 20.80 35.19
N LEU D 289 -12.90 19.55 34.76
CA LEU D 289 -13.95 19.29 33.78
C LEU D 289 -15.32 19.62 34.35
N LEU D 290 -15.58 19.19 35.59
CA LEU D 290 -16.87 19.49 36.22
C LEU D 290 -17.05 21.00 36.38
N LYS D 291 -15.99 21.70 36.80
CA LYS D 291 -16.07 23.14 36.99
C LYS D 291 -16.36 23.85 35.67
N TRP D 292 -15.71 23.42 34.59
CA TRP D 292 -15.89 24.08 33.31
C TRP D 292 -17.28 23.81 32.73
N VAL D 293 -17.83 22.62 32.99
CA VAL D 293 -19.20 22.34 32.55
C VAL D 293 -20.19 23.23 33.28
N LEU D 294 -20.03 23.37 34.59
CA LEU D 294 -20.95 24.20 35.37
C LEU D 294 -20.85 25.65 34.96
N GLU D 295 -19.64 26.12 34.64
CA GLU D 295 -19.42 27.49 34.19
C GLU D 295 -19.86 27.71 32.75
N GLY D 296 -20.27 26.66 32.05
CA GLY D 296 -20.69 26.78 30.68
C GLY D 296 -19.58 26.76 29.66
N LYS D 297 -18.32 26.66 30.11
CA LYS D 297 -17.21 26.64 29.16
C LYS D 297 -17.14 25.34 28.38
N ILE D 298 -17.67 24.25 28.95
CA ILE D 298 -17.72 22.96 28.27
C ILE D 298 -19.18 22.52 28.24
N GLN D 299 -19.72 22.40 27.03
CA GLN D 299 -21.09 21.97 26.80
C GLN D 299 -21.06 20.58 26.19
N TYR D 300 -22.12 19.81 26.42
CA TYR D 300 -22.13 18.40 26.10
C TYR D 300 -23.39 18.03 25.33
N LYS D 301 -23.33 16.86 24.70
CA LYS D 301 -24.47 16.28 23.99
C LYS D 301 -24.42 14.78 24.18
N GLU D 302 -25.47 14.21 24.76
CA GLU D 302 -25.57 12.78 24.96
C GLU D 302 -26.60 12.18 24.00
N TYR D 303 -26.33 10.96 23.56
CA TYR D 303 -27.24 10.18 22.74
C TYR D 303 -27.58 8.93 23.53
N ILE D 304 -28.69 8.96 24.25
CA ILE D 304 -29.08 7.86 25.14
C ILE D 304 -29.92 6.86 24.35
N ILE D 305 -29.56 5.59 24.47
CA ILE D 305 -30.29 4.48 23.86
C ILE D 305 -30.87 3.66 24.99
N GLU D 306 -32.19 3.52 25.01
CA GLU D 306 -32.84 2.79 26.10
C GLU D 306 -32.84 1.30 25.81
N GLY D 307 -32.68 0.50 26.86
CA GLY D 307 -32.69 -0.94 26.74
C GLY D 307 -31.31 -1.56 26.73
N PHE D 308 -31.00 -2.36 27.76
CA PHE D 308 -29.74 -3.08 27.79
C PHE D 308 -29.62 -4.02 26.59
N GLU D 309 -30.76 -4.52 26.10
CA GLU D 309 -30.74 -5.44 24.96
C GLU D 309 -30.16 -4.79 23.70
N ASN D 310 -30.14 -3.46 23.63
CA ASN D 310 -29.72 -2.75 22.42
C ASN D 310 -28.25 -2.35 22.45
N MET D 311 -27.49 -2.75 23.46
CA MET D 311 -26.13 -2.25 23.58
C MET D 311 -25.26 -2.59 22.37
N PRO D 312 -25.29 -3.81 21.82
CA PRO D 312 -24.52 -4.05 20.59
C PRO D 312 -24.85 -3.07 19.48
N ALA D 313 -26.13 -2.76 19.27
CA ALA D 313 -26.49 -1.80 18.23
C ALA D 313 -25.91 -0.42 18.52
N ALA D 314 -25.92 -0.02 19.78
CA ALA D 314 -25.32 1.26 20.14
C ALA D 314 -23.82 1.26 19.83
N PHE D 315 -23.15 0.14 20.09
CA PHE D 315 -21.71 0.04 19.82
C PHE D 315 -21.43 0.24 18.34
N MET D 316 -22.21 -0.40 17.47
CA MET D 316 -21.93 -0.36 16.04
C MET D 316 -22.19 1.04 15.48
N GLY D 317 -23.34 1.62 15.83
CA GLY D 317 -23.64 2.96 15.36
C GLY D 317 -22.63 3.99 15.83
N MET D 318 -22.14 3.83 17.06
CA MET D 318 -21.12 4.75 17.58
C MET D 318 -19.84 4.65 16.76
N LEU D 319 -19.41 3.43 16.41
CA LEU D 319 -18.22 3.27 15.59
C LEU D 319 -18.39 3.95 14.23
N LYS D 320 -19.56 3.79 13.62
CA LYS D 320 -19.85 4.39 12.33
C LYS D 320 -20.04 5.90 12.41
N GLY D 321 -20.22 6.46 13.62
CA GLY D 321 -20.47 7.88 13.74
C GLY D 321 -21.90 8.29 13.45
N ASP D 322 -22.83 7.34 13.46
CA ASP D 322 -24.23 7.66 13.22
C ASP D 322 -24.84 8.52 14.32
N ASN D 323 -24.22 8.56 15.49
CA ASN D 323 -24.80 9.16 16.69
C ASN D 323 -24.09 10.46 17.02
N LEU D 324 -24.85 11.53 17.21
CA LEU D 324 -24.31 12.83 17.60
C LEU D 324 -24.26 12.90 19.11
N GLY D 325 -23.05 12.84 19.67
CA GLY D 325 -22.85 12.93 21.10
C GLY D 325 -22.42 11.60 21.70
N LYS D 326 -22.02 11.67 22.96
CA LYS D 326 -21.56 10.49 23.66
C LYS D 326 -22.66 9.44 23.71
N THR D 327 -22.37 8.26 23.16
CA THR D 327 -23.36 7.18 23.12
C THR D 327 -23.43 6.51 24.48
N ILE D 328 -24.64 6.47 25.04
CA ILE D 328 -24.90 5.85 26.34
C ILE D 328 -26.07 4.89 26.16
N VAL D 329 -26.13 3.89 27.04
CA VAL D 329 -27.23 2.94 27.07
C VAL D 329 -27.86 3.01 28.45
N LYS D 330 -29.10 3.49 28.50
CA LYS D 330 -29.86 3.48 29.75
C LYS D 330 -30.49 2.11 29.95
N ALA D 331 -30.16 1.46 31.05
CA ALA D 331 -30.63 0.11 31.34
C ALA D 331 -32.13 -0.02 31.10
N1 MTX E . 12.34 -11.19 -20.51
C2 MTX E . 13.37 -11.94 -20.09
NA2 MTX E . 13.45 -12.18 -18.78
N3 MTX E . 14.34 -12.47 -20.86
C4 MTX E . 14.26 -12.22 -22.17
NA4 MTX E . 15.21 -12.74 -22.96
C4A MTX E . 13.21 -11.43 -22.72
N5 MTX E . 13.14 -11.20 -24.06
C6 MTX E . 12.12 -10.46 -24.47
C7 MTX E . 11.18 -9.97 -23.56
N8 MTX E . 11.23 -10.19 -22.27
C8A MTX E . 12.29 -10.95 -21.85
C9 MTX E . 12.03 -10.17 -25.95
N10 MTX E . 12.97 -9.14 -26.39
CM MTX E . 14.23 -9.50 -27.02
C11 MTX E . 12.12 -5.14 -25.46
C12 MTX E . 13.40 -5.52 -25.84
C13 MTX E . 13.67 -6.84 -26.17
C14 MTX E . 12.68 -7.80 -26.11
C15 MTX E . 11.39 -7.43 -25.73
C16 MTX E . 11.12 -6.11 -25.41
C MTX E . 11.81 -3.72 -25.10
O MTX E . 10.74 -3.41 -24.58
N MTX E . 12.77 -2.82 -25.35
CA MTX E . 12.58 -1.41 -25.06
CT MTX E . 11.42 -0.80 -25.85
O1 MTX E . 11.58 -0.67 -27.08
O2 MTX E . 10.39 -0.49 -25.21
CB MTX E . 13.87 -0.61 -25.22
CG MTX E . 13.74 0.85 -24.76
CD MTX E . 14.84 1.75 -25.29
OE1 MTX E . 15.90 1.21 -25.68
OE2 MTX E . 14.62 2.98 -25.30
N1 MTX F . 20.07 18.58 6.76
C2 MTX F . 20.27 19.56 5.86
NA2 MTX F . 19.31 19.75 4.94
N3 MTX F . 21.36 20.36 5.77
C4 MTX F . 22.32 20.15 6.67
NA4 MTX F . 23.40 20.95 6.61
C4A MTX F . 22.20 19.14 7.68
N5 MTX F . 23.19 18.96 8.60
C6 MTX F . 22.98 18.02 9.50
C7 MTX F . 21.81 17.26 9.49
N8 MTX F . 20.85 17.42 8.60
C8A MTX F . 21.06 18.40 7.67
C9 MTX F . 24.05 17.83 10.55
N10 MTX F . 25.27 17.23 10.02
CM MTX F . 26.35 18.08 9.54
C11 MTX F . 25.47 13.06 9.55
C12 MTX F . 26.49 13.87 9.08
C13 MTX F . 26.44 15.25 9.26
C14 MTX F . 25.36 15.84 9.92
C15 MTX F . 24.34 15.02 10.39
C16 MTX F . 24.39 13.65 10.21
C MTX F . 25.47 11.58 9.34
O MTX F . 24.56 10.88 9.72
N MTX F . 26.54 11.09 8.68
CA MTX F . 26.67 9.66 8.40
CT MTX F . 26.77 8.82 9.68
O1 MTX F . 27.61 9.18 10.53
O2 MTX F . 26.01 7.83 9.78
CB MTX F . 27.81 9.37 7.42
CG MTX F . 27.84 7.93 6.90
CD MTX F . 29.21 7.48 6.47
OE1 MTX F . 30.07 8.36 6.19
OE2 MTX F . 29.42 6.24 6.44
N1 MTX G . -23.79 -7.43 -11.64
C2 MTX G . -24.61 -6.37 -11.54
NA2 MTX G . -24.06 -5.22 -11.13
N3 MTX G . -25.93 -6.35 -11.79
C4 MTX G . -26.48 -7.51 -12.18
NA4 MTX G . -27.79 -7.51 -12.44
C4A MTX G . -25.70 -8.70 -12.31
N5 MTX G . -26.27 -9.87 -12.71
C6 MTX G . -25.46 -10.91 -12.81
C7 MTX G . -24.12 -10.80 -12.51
N8 MTX G . -23.55 -9.67 -12.13
C8A MTX G . -24.37 -8.60 -12.03
C9 MTX G . -26.07 -12.21 -13.27
N10 MTX G . -26.85 -12.90 -12.23
CM MTX G . -28.31 -12.79 -12.23
C11 MTX G . -24.87 -14.90 -9.11
C12 MTX G . -26.23 -14.60 -9.02
C13 MTX G . -26.88 -13.95 -10.05
C14 MTX G . -26.20 -13.59 -11.20
C15 MTX G . -24.84 -13.89 -11.31
C16 MTX G . -24.19 -14.54 -10.27
C MTX G . -24.14 -15.56 -7.98
O MTX G . -22.92 -15.66 -7.99
N MTX G . -24.89 -16.00 -6.96
CA MTX G . -24.31 -16.64 -5.79
CT MTX G . -23.49 -17.89 -6.15
O1 MTX G . -24.08 -18.82 -6.73
O2 MTX G . -22.27 -17.89 -5.84
CB MTX G . -25.35 -16.92 -4.70
CG MTX G . -24.74 -17.47 -3.40
CD MTX G . -25.76 -17.99 -2.41
OE1 MTX G . -26.95 -17.63 -2.52
OE2 MTX G . -25.35 -18.76 -1.51
#